data_1RKX
#
_entry.id   1RKX
#
_cell.length_a   99.900
_cell.length_b   115.870
_cell.length_c   126.830
_cell.angle_alpha   90.00
_cell.angle_beta   90.00
_cell.angle_gamma   90.00
#
_symmetry.space_group_name_H-M   'P 21 21 21'
#
loop_
_entity.id
_entity.type
_entity.pdbx_description
1 polymer CDP-glucose-4,6-dehydratase
2 non-polymer NICOTINAMIDE-ADENINE-DINUCLEOTIDE
3 water water
#
_entity_poly.entity_id   1
_entity_poly.type   'polypeptide(L)'
_entity_poly.pdbx_seq_one_letter_code
;MINNSFWQGKRVFVTGHTGFKGGWLSLWLQTMGATVKGYSLTAPTVPSLFETARVADGMQSEIGDIRDQNKLLESIREFQ
PEIVFHMAAQPLVRLSYSEPVETYSTNVMGTVYLLEAIRHVGGVKAVVNITSDKCYDNKEWIWGYRENEAMGGYDPYSNS
KGCAELVTSSYRNSFFNPANYGQHGTAVATVRAGNVIGGGDWALDRIVPDILRAFEQSQPVIIRNPHAIRPWQHVLEPLS
GYLLLAQKLYTDGAEYAEGWNFGPNDADATPVKNIVEQMVKYWGEGASWQLDGNAHPHEAHYLKLDCSKAKMQLGWHPRW
NLNTTLEYIVGWHKNWLSGTDMHEYSITEINNYMNTK
;
_entity_poly.pdbx_strand_id   A,B,C,D
#
loop_
_chem_comp.id
_chem_comp.type
_chem_comp.name
_chem_comp.formula
NAD non-polymer NICOTINAMIDE-ADENINE-DINUCLEOTIDE 'C21 H27 N7 O14 P2'
#
# COMPACT_ATOMS: atom_id res chain seq x y z
N ILE A 2 27.68 -19.66 -9.28
CA ILE A 2 27.69 -21.02 -8.67
C ILE A 2 29.10 -21.59 -8.66
N ASN A 3 29.66 -21.71 -7.45
CA ASN A 3 31.02 -22.19 -7.27
C ASN A 3 31.11 -23.70 -7.00
N ASN A 4 31.57 -24.44 -8.00
CA ASN A 4 31.72 -25.88 -7.87
C ASN A 4 32.57 -26.24 -6.66
N SER A 5 33.66 -25.50 -6.43
CA SER A 5 34.52 -25.79 -5.30
C SER A 5 33.83 -25.57 -3.97
N PHE A 6 32.85 -24.67 -3.94
CA PHE A 6 32.11 -24.41 -2.71
C PHE A 6 31.29 -25.64 -2.32
N TRP A 7 30.63 -26.25 -3.29
CA TRP A 7 29.77 -27.40 -3.01
C TRP A 7 30.49 -28.70 -2.67
N GLN A 8 31.73 -28.83 -3.13
CA GLN A 8 32.51 -30.04 -2.87
C GLN A 8 32.50 -30.38 -1.38
N GLY A 9 32.05 -31.58 -1.05
CA GLY A 9 32.03 -32.02 0.33
C GLY A 9 30.97 -31.46 1.26
N LYS A 10 30.19 -30.48 0.79
CA LYS A 10 29.15 -29.90 1.65
C LYS A 10 28.07 -30.94 1.93
N ARG A 11 27.62 -31.02 3.18
CA ARG A 11 26.56 -31.97 3.53
C ARG A 11 25.23 -31.25 3.30
N VAL A 12 24.51 -31.68 2.27
CA VAL A 12 23.25 -31.04 1.89
C VAL A 12 22.05 -31.99 2.05
N PHE A 13 21.05 -31.53 2.78
CA PHE A 13 19.85 -32.30 3.04
C PHE A 13 18.74 -31.73 2.16
N VAL A 14 18.10 -32.60 1.37
CA VAL A 14 17.05 -32.16 0.45
C VAL A 14 15.74 -32.90 0.63
N THR A 15 14.68 -32.20 1.05
CA THR A 15 13.39 -32.88 1.17
C THR A 15 12.77 -32.78 -0.23
N GLY A 16 12.03 -33.80 -0.63
CA GLY A 16 11.41 -33.77 -1.95
C GLY A 16 12.37 -34.13 -3.07
N HIS A 17 13.44 -34.85 -2.73
CA HIS A 17 14.42 -35.26 -3.73
C HIS A 17 13.87 -36.27 -4.76
N THR A 18 12.75 -36.90 -4.46
CA THR A 18 12.17 -37.88 -5.38
C THR A 18 11.24 -37.24 -6.42
N GLY A 19 11.11 -35.92 -6.34
CA GLY A 19 10.24 -35.20 -7.27
C GLY A 19 10.98 -34.59 -8.46
N PHE A 20 10.23 -33.82 -9.24
CA PHE A 20 10.79 -33.18 -10.43
C PHE A 20 11.91 -32.18 -10.12
N LYS A 21 11.59 -31.12 -9.39
CA LYS A 21 12.60 -30.11 -9.06
C LYS A 21 13.67 -30.69 -8.14
N GLY A 22 13.24 -31.49 -7.18
CA GLY A 22 14.18 -32.10 -6.24
C GLY A 22 15.19 -33.01 -6.91
N GLY A 23 14.74 -33.75 -7.90
CA GLY A 23 15.62 -34.65 -8.63
C GLY A 23 16.69 -33.88 -9.39
N TRP A 24 16.29 -32.85 -10.12
CA TRP A 24 17.27 -32.05 -10.85
C TRP A 24 18.26 -31.40 -9.86
N LEU A 25 17.75 -30.88 -8.75
CA LEU A 25 18.63 -30.24 -7.77
C LEU A 25 19.61 -31.25 -7.18
N SER A 26 19.09 -32.42 -6.81
CA SER A 26 19.95 -33.47 -6.23
C SER A 26 21.04 -33.89 -7.21
N LEU A 27 20.67 -34.08 -8.48
CA LEU A 27 21.64 -34.44 -9.50
C LEU A 27 22.70 -33.35 -9.64
N TRP A 28 22.25 -32.10 -9.64
CA TRP A 28 23.15 -30.96 -9.76
C TRP A 28 24.14 -30.93 -8.61
N LEU A 29 23.63 -31.09 -7.38
CA LEU A 29 24.47 -31.11 -6.19
C LEU A 29 25.49 -32.24 -6.26
N GLN A 30 25.03 -33.42 -6.68
CA GLN A 30 25.90 -34.58 -6.82
C GLN A 30 27.05 -34.29 -7.79
N THR A 31 26.73 -33.72 -8.96
CA THR A 31 27.77 -33.44 -9.94
C THR A 31 28.82 -32.45 -9.43
N MET A 32 28.43 -31.61 -8.47
CA MET A 32 29.37 -30.64 -7.92
C MET A 32 30.13 -31.16 -6.72
N GLY A 33 30.00 -32.46 -6.45
CA GLY A 33 30.71 -33.07 -5.35
C GLY A 33 30.13 -32.96 -3.95
N ALA A 34 28.88 -32.54 -3.83
CA ALA A 34 28.28 -32.43 -2.50
C ALA A 34 27.88 -33.80 -1.96
N THR A 35 27.79 -33.88 -0.63
CA THR A 35 27.38 -35.11 0.05
C THR A 35 25.90 -34.86 0.30
N VAL A 36 25.04 -35.50 -0.48
CA VAL A 36 23.61 -35.27 -0.40
C VAL A 36 22.75 -36.37 0.22
N LYS A 37 21.78 -35.96 1.00
CA LYS A 37 20.82 -36.88 1.62
C LYS A 37 19.43 -36.35 1.30
N GLY A 38 18.55 -37.24 0.84
CA GLY A 38 17.19 -36.84 0.51
C GLY A 38 16.16 -37.50 1.43
N TYR A 39 15.03 -36.81 1.61
CA TYR A 39 13.94 -37.31 2.47
C TYR A 39 12.65 -36.96 1.74
N SER A 40 11.95 -37.98 1.24
CA SER A 40 10.70 -37.79 0.50
C SER A 40 9.84 -39.04 0.58
N LEU A 41 8.63 -38.94 0.05
CA LEU A 41 7.76 -40.10 -0.05
C LEU A 41 8.24 -40.73 -1.36
N THR A 42 7.77 -41.92 -1.67
CA THR A 42 8.14 -42.57 -2.93
C THR A 42 7.83 -41.63 -4.10
N ALA A 43 8.65 -41.67 -5.14
CA ALA A 43 8.45 -40.80 -6.32
C ALA A 43 6.96 -40.72 -6.64
N PRO A 44 6.45 -39.49 -6.86
CA PRO A 44 5.04 -39.22 -7.16
C PRO A 44 4.47 -39.76 -8.46
N THR A 45 5.34 -40.07 -9.42
CA THR A 45 4.86 -40.54 -10.72
C THR A 45 5.62 -41.70 -11.34
N VAL A 46 5.05 -42.21 -12.43
CA VAL A 46 5.63 -43.29 -13.21
C VAL A 46 5.36 -42.96 -14.67
N PRO A 47 6.41 -42.73 -15.46
CA PRO A 47 7.82 -42.78 -15.04
C PRO A 47 8.13 -41.59 -14.13
N SER A 48 9.34 -41.53 -13.61
CA SER A 48 9.75 -40.42 -12.76
C SER A 48 11.20 -40.08 -13.06
N LEU A 49 11.57 -38.83 -12.85
CA LEU A 49 12.95 -38.42 -13.07
C LEU A 49 13.81 -39.22 -12.09
N PHE A 50 13.28 -39.39 -10.88
CA PHE A 50 13.99 -40.12 -9.83
C PHE A 50 14.54 -41.45 -10.32
N GLU A 51 13.69 -42.24 -10.96
CA GLU A 51 14.12 -43.55 -11.47
C GLU A 51 14.85 -43.48 -12.80
N THR A 52 14.30 -42.72 -13.75
CA THR A 52 14.91 -42.63 -15.08
C THR A 52 16.32 -42.03 -15.08
N ALA A 53 16.55 -41.02 -14.24
CA ALA A 53 17.87 -40.41 -14.18
C ALA A 53 18.72 -40.96 -13.04
N ARG A 54 18.29 -42.07 -12.46
CA ARG A 54 19.02 -42.72 -11.36
C ARG A 54 19.52 -41.72 -10.32
N VAL A 55 18.60 -40.90 -9.83
CA VAL A 55 18.93 -39.89 -8.83
C VAL A 55 19.50 -40.45 -7.52
N ALA A 56 18.96 -41.56 -7.05
CA ALA A 56 19.42 -42.14 -5.78
C ALA A 56 20.84 -42.72 -5.75
N ASP A 57 21.35 -43.13 -6.91
CA ASP A 57 22.66 -43.77 -7.00
C ASP A 57 23.79 -43.05 -6.26
N GLY A 58 23.94 -41.75 -6.50
CA GLY A 58 25.01 -41.00 -5.87
C GLY A 58 24.66 -40.18 -4.64
N MET A 59 23.72 -40.67 -3.84
CA MET A 59 23.32 -39.93 -2.63
C MET A 59 22.68 -40.88 -1.62
N GLN A 60 22.41 -40.36 -0.43
CA GLN A 60 21.77 -41.13 0.62
C GLN A 60 20.27 -40.83 0.48
N SER A 61 19.49 -41.84 0.15
CA SER A 61 18.05 -41.63 -0.05
C SER A 61 17.15 -42.26 1.01
N GLU A 62 16.38 -41.43 1.69
CA GLU A 62 15.47 -41.92 2.71
C GLU A 62 14.02 -41.65 2.34
N ILE A 63 13.17 -42.66 2.51
CA ILE A 63 11.76 -42.50 2.22
C ILE A 63 11.04 -42.26 3.54
N GLY A 64 10.40 -41.11 3.64
CA GLY A 64 9.68 -40.76 4.86
C GLY A 64 8.70 -39.62 4.62
N ASP A 65 7.77 -39.45 5.54
CA ASP A 65 6.76 -38.41 5.43
C ASP A 65 7.21 -37.20 6.26
N ILE A 66 7.17 -36.00 5.69
CA ILE A 66 7.60 -34.81 6.44
C ILE A 66 6.61 -34.48 7.55
N ARG A 67 5.47 -35.16 7.57
CA ARG A 67 4.48 -34.94 8.61
C ARG A 67 4.80 -35.80 9.84
N ASP A 68 5.83 -36.63 9.71
CA ASP A 68 6.28 -37.49 10.81
C ASP A 68 7.36 -36.65 11.47
N GLN A 69 6.95 -35.79 12.39
CA GLN A 69 7.85 -34.88 13.08
C GLN A 69 9.12 -35.52 13.63
N ASN A 70 8.97 -36.64 14.33
CA ASN A 70 10.12 -37.31 14.92
C ASN A 70 11.03 -37.99 13.92
N LYS A 71 10.45 -38.63 12.90
CA LYS A 71 11.24 -39.31 11.88
C LYS A 71 12.06 -38.27 11.12
N LEU A 72 11.44 -37.13 10.83
CA LEU A 72 12.15 -36.06 10.13
C LEU A 72 13.25 -35.52 11.03
N LEU A 73 12.94 -35.37 12.32
CA LEU A 73 13.94 -34.87 13.27
C LEU A 73 15.14 -35.79 13.29
N GLU A 74 14.91 -37.10 13.41
CA GLU A 74 16.00 -38.07 13.46
C GLU A 74 16.78 -38.12 12.17
N SER A 75 16.08 -37.98 11.04
CA SER A 75 16.75 -38.01 9.74
C SER A 75 17.75 -36.86 9.64
N ILE A 76 17.37 -35.68 10.12
CA ILE A 76 18.25 -34.54 10.07
C ILE A 76 19.38 -34.67 11.09
N ARG A 77 19.05 -35.14 12.29
CA ARG A 77 20.03 -35.33 13.34
C ARG A 77 21.15 -36.28 12.90
N GLU A 78 20.76 -37.39 12.30
CA GLU A 78 21.70 -38.42 11.83
C GLU A 78 22.67 -37.91 10.78
N PHE A 79 22.18 -37.03 9.91
CA PHE A 79 22.98 -36.49 8.82
C PHE A 79 23.85 -35.27 9.15
N GLN A 80 23.39 -34.42 10.06
CA GLN A 80 24.13 -33.20 10.42
C GLN A 80 24.42 -32.32 9.19
N PRO A 81 23.36 -31.92 8.47
CA PRO A 81 23.58 -31.09 7.28
C PRO A 81 24.01 -29.67 7.62
N GLU A 82 24.71 -29.05 6.68
CA GLU A 82 25.16 -27.67 6.83
C GLU A 82 24.24 -26.81 5.98
N ILE A 83 23.63 -27.43 4.97
CA ILE A 83 22.73 -26.74 4.07
C ILE A 83 21.47 -27.59 3.86
N VAL A 84 20.32 -26.93 3.90
CA VAL A 84 19.05 -27.64 3.72
C VAL A 84 18.17 -26.96 2.66
N PHE A 85 17.63 -27.77 1.76
CA PHE A 85 16.71 -27.29 0.72
C PHE A 85 15.40 -28.03 0.99
N HIS A 86 14.35 -27.29 1.36
CA HIS A 86 13.06 -27.89 1.63
C HIS A 86 12.16 -27.76 0.41
N MET A 87 12.01 -28.86 -0.33
CA MET A 87 11.16 -28.86 -1.51
C MET A 87 9.98 -29.79 -1.44
N ALA A 88 9.90 -30.60 -0.39
CA ALA A 88 8.78 -31.52 -0.23
C ALA A 88 7.50 -30.76 0.08
N ALA A 89 6.44 -31.09 -0.65
CA ALA A 89 5.14 -30.45 -0.45
C ALA A 89 4.09 -31.11 -1.34
N GLN A 90 2.82 -30.84 -1.05
CA GLN A 90 1.69 -31.31 -1.85
C GLN A 90 1.65 -30.11 -2.80
N PRO A 91 2.17 -30.26 -4.02
CA PRO A 91 2.23 -29.18 -5.02
C PRO A 91 1.07 -28.94 -5.98
N LEU A 92 0.02 -29.75 -5.90
CA LEU A 92 -1.10 -29.61 -6.83
C LEU A 92 -2.30 -28.81 -6.35
N VAL A 93 -2.68 -27.79 -7.12
CA VAL A 93 -3.82 -26.95 -6.78
C VAL A 93 -5.11 -27.76 -6.78
N ARG A 94 -5.36 -28.48 -7.88
CA ARG A 94 -6.57 -29.27 -7.99
C ARG A 94 -6.76 -30.21 -6.80
N LEU A 95 -5.72 -30.98 -6.49
CA LEU A 95 -5.81 -31.92 -5.38
C LEU A 95 -6.10 -31.23 -4.04
N SER A 96 -5.66 -29.98 -3.89
CA SER A 96 -5.88 -29.27 -2.63
C SER A 96 -7.37 -29.01 -2.38
N TYR A 97 -8.18 -29.04 -3.42
CA TYR A 97 -9.61 -28.80 -3.26
C TYR A 97 -10.32 -30.03 -2.68
N SER A 98 -9.82 -31.22 -3.02
CA SER A 98 -10.42 -32.44 -2.51
C SER A 98 -9.71 -32.91 -1.23
N GLU A 99 -8.48 -32.43 -1.03
CA GLU A 99 -7.72 -32.81 0.16
C GLU A 99 -7.04 -31.61 0.84
N PRO A 100 -7.85 -30.64 1.26
CA PRO A 100 -7.31 -29.44 1.92
C PRO A 100 -6.53 -29.72 3.22
N VAL A 101 -7.05 -30.61 4.06
CA VAL A 101 -6.37 -30.89 5.33
C VAL A 101 -4.96 -31.41 5.13
N GLU A 102 -4.83 -32.42 4.27
CA GLU A 102 -3.53 -33.01 3.98
C GLU A 102 -2.58 -31.99 3.36
N THR A 103 -3.14 -31.09 2.56
CA THR A 103 -2.33 -30.05 1.91
C THR A 103 -1.75 -29.15 2.99
N TYR A 104 -2.61 -28.71 3.91
CA TYR A 104 -2.14 -27.86 4.99
C TYR A 104 -1.17 -28.60 5.91
N SER A 105 -1.47 -29.85 6.24
CA SER A 105 -0.59 -30.61 7.12
C SER A 105 0.78 -30.76 6.47
N THR A 106 0.80 -31.12 5.19
CA THR A 106 2.07 -31.30 4.49
C THR A 106 2.85 -30.01 4.27
N ASN A 107 2.18 -29.00 3.74
CA ASN A 107 2.87 -27.75 3.42
C ASN A 107 3.13 -26.82 4.61
N VAL A 108 2.20 -26.77 5.55
CA VAL A 108 2.40 -25.92 6.72
C VAL A 108 3.11 -26.66 7.85
N MET A 109 2.50 -27.72 8.39
CA MET A 109 3.16 -28.44 9.48
C MET A 109 4.47 -29.09 9.06
N GLY A 110 4.54 -29.54 7.80
CA GLY A 110 5.77 -30.14 7.30
C GLY A 110 6.90 -29.13 7.39
N THR A 111 6.61 -27.88 7.02
CA THR A 111 7.60 -26.82 7.09
C THR A 111 7.95 -26.55 8.56
N VAL A 112 6.93 -26.52 9.42
CA VAL A 112 7.15 -26.31 10.85
C VAL A 112 8.07 -27.41 11.42
N TYR A 113 7.77 -28.67 11.11
CA TYR A 113 8.60 -29.78 11.59
C TYR A 113 10.04 -29.70 11.10
N LEU A 114 10.23 -29.27 9.87
CA LEU A 114 11.57 -29.15 9.31
C LEU A 114 12.37 -28.08 10.06
N LEU A 115 11.77 -26.90 10.21
CA LEU A 115 12.42 -25.80 10.90
C LEU A 115 12.70 -26.14 12.37
N GLU A 116 11.76 -26.85 13.01
CA GLU A 116 11.93 -27.25 14.41
C GLU A 116 13.13 -28.22 14.52
N ALA A 117 13.24 -29.14 13.58
CA ALA A 117 14.34 -30.10 13.59
C ALA A 117 15.66 -29.36 13.46
N ILE A 118 15.71 -28.41 12.53
CA ILE A 118 16.92 -27.62 12.30
C ILE A 118 17.29 -26.83 13.55
N ARG A 119 16.27 -26.29 14.20
CA ARG A 119 16.45 -25.51 15.42
C ARG A 119 17.15 -26.32 16.51
N HIS A 120 16.71 -27.56 16.70
CA HIS A 120 17.28 -28.41 17.73
C HIS A 120 18.58 -29.13 17.38
N VAL A 121 18.71 -29.58 16.14
CA VAL A 121 19.92 -30.28 15.73
C VAL A 121 21.13 -29.34 15.73
N GLY A 122 20.92 -28.12 15.25
CA GLY A 122 22.00 -27.15 15.20
C GLY A 122 23.02 -27.42 14.10
N GLY A 123 23.91 -26.47 13.87
CA GLY A 123 24.93 -26.65 12.86
C GLY A 123 24.53 -26.31 11.44
N VAL A 124 23.24 -26.12 11.18
CA VAL A 124 22.80 -25.79 9.84
C VAL A 124 23.12 -24.33 9.56
N LYS A 125 23.87 -24.08 8.50
CA LYS A 125 24.29 -22.72 8.14
C LYS A 125 23.34 -22.03 7.17
N ALA A 126 22.76 -22.78 6.25
CA ALA A 126 21.85 -22.20 5.26
C ALA A 126 20.61 -23.05 5.04
N VAL A 127 19.45 -22.39 5.06
CA VAL A 127 18.18 -23.07 4.83
C VAL A 127 17.45 -22.35 3.72
N VAL A 128 17.09 -23.10 2.68
CA VAL A 128 16.36 -22.54 1.56
C VAL A 128 15.03 -23.27 1.48
N ASN A 129 13.97 -22.57 1.86
CA ASN A 129 12.65 -23.15 1.85
C ASN A 129 11.89 -22.75 0.59
N ILE A 130 11.60 -23.76 -0.22
CA ILE A 130 10.85 -23.55 -1.46
C ILE A 130 9.36 -23.46 -1.16
N THR A 131 8.78 -22.31 -1.42
CA THR A 131 7.36 -22.13 -1.20
C THR A 131 6.68 -22.17 -2.57
N SER A 132 6.31 -21.02 -3.12
CA SER A 132 5.67 -21.01 -4.44
C SER A 132 5.46 -19.59 -4.94
N ASP A 133 5.30 -19.43 -6.25
CA ASP A 133 5.03 -18.11 -6.79
C ASP A 133 3.59 -17.75 -6.38
N LYS A 134 2.82 -18.77 -6.00
CA LYS A 134 1.43 -18.55 -5.59
C LYS A 134 1.21 -18.21 -4.12
N CYS A 135 2.29 -17.90 -3.40
CA CYS A 135 2.15 -17.56 -1.98
C CYS A 135 1.58 -16.15 -1.81
N TYR A 136 1.62 -15.35 -2.86
CA TYR A 136 1.12 -13.97 -2.80
C TYR A 136 -0.39 -13.82 -2.86
N ASP A 137 -0.91 -12.93 -2.03
CA ASP A 137 -2.34 -12.62 -2.05
C ASP A 137 -2.55 -12.15 -3.48
N ASN A 138 -3.44 -12.84 -4.19
CA ASN A 138 -3.68 -12.54 -5.61
C ASN A 138 -4.56 -11.32 -5.86
N LYS A 139 -3.96 -10.28 -6.42
CA LYS A 139 -4.69 -9.06 -6.75
C LYS A 139 -5.30 -9.20 -8.13
N GLU A 140 -4.90 -10.25 -8.84
CA GLU A 140 -5.42 -10.49 -10.19
C GLU A 140 -5.18 -9.29 -11.08
N TRP A 141 -3.94 -8.81 -11.10
CA TRP A 141 -3.59 -7.66 -11.94
C TRP A 141 -2.44 -8.01 -12.88
N ILE A 142 -2.03 -7.03 -13.66
CA ILE A 142 -0.98 -7.23 -14.65
C ILE A 142 0.46 -7.15 -14.14
N TRP A 143 0.67 -6.64 -12.94
CA TRP A 143 2.03 -6.48 -12.40
C TRP A 143 2.67 -7.65 -11.66
N GLY A 144 3.99 -7.76 -11.80
CA GLY A 144 4.71 -8.83 -11.13
C GLY A 144 4.83 -8.48 -9.65
N TYR A 145 4.65 -9.48 -8.79
CA TYR A 145 4.71 -9.24 -7.36
C TYR A 145 6.11 -8.99 -6.83
N ARG A 146 6.19 -8.10 -5.84
CA ARG A 146 7.45 -7.75 -5.21
C ARG A 146 7.50 -8.51 -3.88
N GLU A 147 8.69 -8.85 -3.40
CA GLU A 147 8.81 -9.63 -2.17
C GLU A 147 8.20 -9.05 -0.90
N ASN A 148 7.98 -7.75 -0.86
CA ASN A 148 7.40 -7.11 0.31
C ASN A 148 5.88 -7.07 0.31
N GLU A 149 5.24 -7.70 -0.67
CA GLU A 149 3.79 -7.67 -0.74
C GLU A 149 3.13 -8.81 0.06
N ALA A 150 1.85 -8.63 0.36
CA ALA A 150 1.06 -9.57 1.17
C ALA A 150 0.97 -11.02 0.74
N MET A 151 1.02 -11.91 1.74
CA MET A 151 0.91 -13.34 1.53
C MET A 151 -0.56 -13.70 1.56
N GLY A 152 -0.93 -14.79 0.89
CA GLY A 152 -2.30 -15.21 0.85
C GLY A 152 -2.48 -16.47 0.02
N GLY A 153 -3.50 -16.46 -0.84
CA GLY A 153 -3.76 -17.62 -1.68
C GLY A 153 -5.23 -17.97 -1.63
N TYR A 154 -5.83 -18.16 -2.80
CA TYR A 154 -7.25 -18.50 -2.93
C TYR A 154 -7.51 -19.96 -2.57
N ASP A 155 -6.89 -20.87 -3.31
CA ASP A 155 -7.06 -22.31 -3.10
C ASP A 155 -6.19 -22.78 -1.94
N PRO A 156 -6.50 -23.95 -1.36
CA PRO A 156 -5.73 -24.50 -0.24
C PRO A 156 -4.23 -24.62 -0.51
N TYR A 157 -3.85 -25.01 -1.73
CA TYR A 157 -2.43 -25.15 -2.05
C TYR A 157 -1.74 -23.78 -1.97
N SER A 158 -2.25 -22.82 -2.74
CA SER A 158 -1.69 -21.48 -2.77
C SER A 158 -1.65 -20.91 -1.35
N ASN A 159 -2.77 -21.04 -0.65
CA ASN A 159 -2.86 -20.51 0.70
C ASN A 159 -1.90 -21.19 1.68
N SER A 160 -1.71 -22.50 1.52
CA SER A 160 -0.80 -23.22 2.40
C SER A 160 0.62 -22.71 2.19
N LYS A 161 0.94 -22.27 0.97
CA LYS A 161 2.27 -21.76 0.67
C LYS A 161 2.42 -20.37 1.28
N GLY A 162 1.32 -19.62 1.32
CA GLY A 162 1.33 -18.31 1.95
C GLY A 162 1.58 -18.54 3.44
N CYS A 163 0.96 -19.58 4.00
CA CYS A 163 1.16 -19.89 5.41
C CYS A 163 2.60 -20.33 5.66
N ALA A 164 3.17 -21.11 4.75
CA ALA A 164 4.56 -21.58 4.89
C ALA A 164 5.51 -20.39 4.95
N GLU A 165 5.18 -19.33 4.21
CA GLU A 165 6.00 -18.12 4.21
C GLU A 165 5.91 -17.49 5.60
N LEU A 166 4.70 -17.36 6.14
CA LEU A 166 4.53 -16.80 7.47
C LEU A 166 5.31 -17.62 8.51
N VAL A 167 5.16 -18.94 8.46
CA VAL A 167 5.85 -19.84 9.38
C VAL A 167 7.36 -19.60 9.35
N THR A 168 7.92 -19.55 8.15
CA THR A 168 9.35 -19.35 8.01
C THR A 168 9.77 -18.00 8.59
N SER A 169 8.97 -16.97 8.33
CA SER A 169 9.24 -15.63 8.85
C SER A 169 9.28 -15.63 10.38
N SER A 170 8.31 -16.28 11.01
CA SER A 170 8.26 -16.31 12.48
C SER A 170 9.39 -17.13 13.06
N TYR A 171 9.67 -18.29 12.47
CA TYR A 171 10.76 -19.12 12.99
C TYR A 171 12.08 -18.36 12.90
N ARG A 172 12.28 -17.65 11.80
CA ARG A 172 13.51 -16.86 11.63
C ARG A 172 13.60 -15.78 12.68
N ASN A 173 12.52 -15.01 12.84
CA ASN A 173 12.48 -13.93 13.82
C ASN A 173 12.63 -14.40 15.25
N SER A 174 12.01 -15.53 15.57
CA SER A 174 12.03 -16.07 16.92
C SER A 174 13.24 -16.93 17.27
N PHE A 175 13.69 -17.76 16.34
CA PHE A 175 14.79 -18.67 16.63
C PHE A 175 16.07 -18.55 15.80
N PHE A 176 16.01 -17.88 14.66
CA PHE A 176 17.18 -17.71 13.82
C PHE A 176 17.34 -16.24 13.46
N ASN A 177 17.13 -15.38 14.45
CA ASN A 177 17.18 -13.96 14.21
C ASN A 177 18.55 -13.45 13.73
N PRO A 178 18.56 -12.70 12.63
CA PRO A 178 19.80 -12.15 12.09
C PRO A 178 20.59 -11.40 13.17
N ALA A 179 19.87 -10.92 14.19
CA ALA A 179 20.47 -10.16 15.29
C ALA A 179 21.42 -11.00 16.13
N ASN A 180 21.17 -12.31 16.21
CA ASN A 180 22.04 -13.16 16.98
C ASN A 180 22.58 -14.30 16.13
N TYR A 181 22.79 -13.99 14.84
CA TYR A 181 23.33 -14.95 13.90
C TYR A 181 24.67 -15.46 14.42
N GLY A 182 25.39 -14.60 15.13
CA GLY A 182 26.68 -14.99 15.67
C GLY A 182 26.56 -16.14 16.67
N GLN A 183 25.35 -16.40 17.12
CA GLN A 183 25.07 -17.47 18.08
C GLN A 183 24.64 -18.75 17.38
N HIS A 184 23.47 -18.72 16.77
CA HIS A 184 22.93 -19.89 16.09
C HIS A 184 23.61 -20.18 14.75
N GLY A 185 24.02 -19.13 14.06
CA GLY A 185 24.69 -19.27 12.77
C GLY A 185 23.84 -19.79 11.61
N THR A 186 22.52 -19.71 11.73
CA THR A 186 21.63 -20.21 10.68
C THR A 186 20.97 -19.10 9.90
N ALA A 187 21.18 -19.09 8.58
CA ALA A 187 20.60 -18.08 7.69
C ALA A 187 19.46 -18.75 6.94
N VAL A 188 18.23 -18.31 7.24
CA VAL A 188 17.02 -18.91 6.65
C VAL A 188 16.33 -18.02 5.63
N ALA A 189 16.04 -18.58 4.46
CA ALA A 189 15.37 -17.83 3.40
C ALA A 189 14.27 -18.65 2.73
N THR A 190 13.40 -17.96 2.00
CA THR A 190 12.36 -18.63 1.24
C THR A 190 12.56 -18.22 -0.22
N VAL A 191 12.19 -19.13 -1.13
CA VAL A 191 12.34 -18.85 -2.56
C VAL A 191 11.01 -19.09 -3.23
N ARG A 192 10.61 -18.14 -4.08
CA ARG A 192 9.33 -18.17 -4.76
C ARG A 192 9.50 -18.23 -6.27
N ALA A 193 8.98 -19.30 -6.88
CA ALA A 193 9.07 -19.49 -8.32
C ALA A 193 7.96 -20.42 -8.81
N GLY A 194 7.62 -20.33 -10.09
CA GLY A 194 6.58 -21.19 -10.61
C GLY A 194 6.75 -21.46 -12.08
N ASN A 195 5.78 -22.15 -12.67
CA ASN A 195 5.79 -22.46 -14.10
C ASN A 195 7.09 -23.12 -14.54
N VAL A 196 7.55 -24.10 -13.78
CA VAL A 196 8.79 -24.77 -14.09
C VAL A 196 8.57 -25.92 -15.08
N ILE A 197 9.38 -25.95 -16.13
CA ILE A 197 9.28 -26.99 -17.14
C ILE A 197 10.66 -27.59 -17.43
N GLY A 198 10.66 -28.82 -17.94
CA GLY A 198 11.92 -29.47 -18.25
C GLY A 198 11.74 -30.95 -18.52
N GLY A 199 12.81 -31.60 -18.98
CA GLY A 199 12.71 -33.02 -19.24
C GLY A 199 12.53 -33.71 -17.90
N GLY A 200 11.75 -34.79 -17.87
CA GLY A 200 11.57 -35.51 -16.63
C GLY A 200 10.39 -35.17 -15.73
N ASP A 201 9.50 -34.30 -16.17
CA ASP A 201 8.35 -33.99 -15.34
C ASP A 201 7.16 -34.74 -15.91
N TRP A 202 6.68 -35.72 -15.16
CA TRP A 202 5.56 -36.52 -15.62
C TRP A 202 4.30 -36.23 -14.81
N ALA A 203 4.19 -34.99 -14.34
CA ALA A 203 3.00 -34.60 -13.59
C ALA A 203 1.83 -34.66 -14.55
N LEU A 204 0.64 -35.02 -14.06
CA LEU A 204 -0.54 -35.09 -14.92
C LEU A 204 -1.15 -33.73 -15.17
N ASP A 205 -1.91 -33.62 -16.25
CA ASP A 205 -2.59 -32.36 -16.58
C ASP A 205 -1.69 -31.14 -16.50
N ARG A 206 -0.53 -31.23 -17.16
CA ARG A 206 0.43 -30.12 -17.21
C ARG A 206 0.66 -29.93 -18.71
N ILE A 207 0.52 -28.71 -19.18
CA ILE A 207 0.66 -28.43 -20.62
C ILE A 207 1.86 -29.04 -21.33
N VAL A 208 3.08 -28.75 -20.87
CA VAL A 208 4.24 -29.29 -21.55
C VAL A 208 4.32 -30.82 -21.49
N PRO A 209 4.12 -31.43 -20.30
CA PRO A 209 4.18 -32.89 -20.24
C PRO A 209 3.11 -33.55 -21.12
N ASP A 210 1.93 -32.93 -21.19
CA ASP A 210 0.84 -33.48 -22.00
C ASP A 210 1.16 -33.38 -23.49
N ILE A 211 1.83 -32.31 -23.90
CA ILE A 211 2.20 -32.17 -25.30
C ILE A 211 3.12 -33.33 -25.67
N LEU A 212 4.11 -33.59 -24.82
CA LEU A 212 5.04 -34.67 -25.06
C LEU A 212 4.34 -36.04 -25.03
N ARG A 213 3.32 -36.17 -24.17
CA ARG A 213 2.58 -37.42 -24.10
C ARG A 213 1.91 -37.69 -25.45
N ALA A 214 1.38 -36.64 -26.06
CA ALA A 214 0.72 -36.77 -27.35
C ALA A 214 1.74 -37.07 -28.44
N PHE A 215 2.81 -36.29 -28.49
CA PHE A 215 3.86 -36.50 -29.48
C PHE A 215 4.41 -37.92 -29.43
N GLU A 216 4.68 -38.40 -28.22
CA GLU A 216 5.25 -39.74 -28.07
C GLU A 216 4.32 -40.84 -28.55
N GLN A 217 3.03 -40.52 -28.68
CA GLN A 217 2.05 -41.48 -29.15
C GLN A 217 1.65 -41.18 -30.58
N SER A 218 2.30 -40.17 -31.16
CA SER A 218 2.03 -39.75 -32.53
C SER A 218 0.58 -39.34 -32.72
N GLN A 219 0.00 -38.78 -31.67
CA GLN A 219 -1.39 -38.33 -31.70
C GLN A 219 -1.40 -36.81 -31.51
N PRO A 220 -2.34 -36.12 -32.17
CA PRO A 220 -2.39 -34.67 -32.03
C PRO A 220 -2.71 -34.26 -30.60
N VAL A 221 -2.08 -33.19 -30.13
CA VAL A 221 -2.34 -32.69 -28.79
C VAL A 221 -3.47 -31.67 -28.94
N ILE A 222 -4.51 -31.80 -28.12
CA ILE A 222 -5.64 -30.88 -28.20
C ILE A 222 -5.46 -29.68 -27.27
N ILE A 223 -5.31 -28.51 -27.86
CA ILE A 223 -5.10 -27.27 -27.12
C ILE A 223 -6.40 -26.52 -26.83
N ARG A 224 -6.68 -26.33 -25.55
CA ARG A 224 -7.89 -25.67 -25.11
C ARG A 224 -7.68 -24.19 -24.72
N ASN A 225 -6.43 -23.80 -24.51
CA ASN A 225 -6.13 -22.42 -24.11
C ASN A 225 -4.96 -21.83 -24.89
N PRO A 226 -5.11 -21.73 -26.22
CA PRO A 226 -4.08 -21.20 -27.11
C PRO A 226 -3.48 -19.83 -26.79
N HIS A 227 -4.25 -18.97 -26.14
CA HIS A 227 -3.75 -17.63 -25.83
C HIS A 227 -3.26 -17.45 -24.39
N ALA A 228 -3.35 -18.51 -23.59
CA ALA A 228 -2.91 -18.42 -22.21
C ALA A 228 -1.41 -18.18 -22.15
N ILE A 229 -1.01 -17.21 -21.32
CA ILE A 229 0.41 -16.88 -21.16
C ILE A 229 0.86 -17.17 -19.72
N ARG A 230 2.02 -17.82 -19.59
CA ARG A 230 2.58 -18.13 -18.28
C ARG A 230 4.08 -17.90 -18.35
N PRO A 231 4.68 -17.38 -17.27
CA PRO A 231 6.12 -17.15 -17.32
C PRO A 231 6.90 -18.46 -17.19
N TRP A 232 6.88 -19.26 -18.26
CA TRP A 232 7.57 -20.54 -18.27
C TRP A 232 9.08 -20.37 -18.15
N GLN A 233 9.71 -21.32 -17.46
CA GLN A 233 11.16 -21.29 -17.28
C GLN A 233 11.68 -22.71 -17.09
N HIS A 234 12.84 -22.98 -17.66
CA HIS A 234 13.44 -24.30 -17.52
C HIS A 234 13.72 -24.50 -16.04
N VAL A 235 13.52 -25.73 -15.56
CA VAL A 235 13.73 -26.06 -14.17
C VAL A 235 15.10 -25.63 -13.62
N LEU A 236 16.12 -25.64 -14.46
CA LEU A 236 17.45 -25.24 -13.99
C LEU A 236 17.59 -23.75 -13.68
N GLU A 237 16.69 -22.92 -14.23
CA GLU A 237 16.75 -21.48 -14.00
C GLU A 237 16.52 -21.14 -12.52
N PRO A 238 15.37 -21.51 -11.95
CA PRO A 238 15.19 -21.17 -10.54
C PRO A 238 16.17 -21.94 -9.65
N LEU A 239 16.49 -23.17 -10.02
CA LEU A 239 17.42 -23.95 -9.23
C LEU A 239 18.78 -23.26 -9.15
N SER A 240 19.21 -22.62 -10.24
CA SER A 240 20.49 -21.93 -10.21
C SER A 240 20.39 -20.81 -9.18
N GLY A 241 19.23 -20.18 -9.10
CA GLY A 241 19.02 -19.13 -8.13
C GLY A 241 19.07 -19.66 -6.70
N TYR A 242 18.47 -20.83 -6.49
CA TYR A 242 18.45 -21.46 -5.16
C TYR A 242 19.87 -21.76 -4.71
N LEU A 243 20.69 -22.28 -5.63
CA LEU A 243 22.08 -22.62 -5.33
C LEU A 243 22.89 -21.37 -5.00
N LEU A 244 22.71 -20.33 -5.82
CA LEU A 244 23.41 -19.08 -5.62
C LEU A 244 23.06 -18.49 -4.26
N LEU A 245 21.78 -18.53 -3.91
CA LEU A 245 21.31 -18.02 -2.64
C LEU A 245 21.90 -18.82 -1.48
N ALA A 246 21.90 -20.15 -1.62
CA ALA A 246 22.44 -21.02 -0.58
C ALA A 246 23.89 -20.66 -0.29
N GLN A 247 24.65 -20.38 -1.34
CA GLN A 247 26.06 -20.01 -1.18
C GLN A 247 26.19 -18.73 -0.35
N LYS A 248 25.42 -17.72 -0.71
CA LYS A 248 25.44 -16.44 -0.01
C LYS A 248 24.99 -16.57 1.45
N LEU A 249 23.96 -17.37 1.68
CA LEU A 249 23.46 -17.58 3.04
C LEU A 249 24.56 -18.23 3.88
N TYR A 250 25.26 -19.17 3.27
CA TYR A 250 26.34 -19.89 3.94
C TYR A 250 27.53 -18.99 4.25
N THR A 251 28.05 -18.34 3.22
CA THR A 251 29.23 -17.49 3.37
C THR A 251 28.99 -16.10 3.95
N ASP A 252 27.95 -15.42 3.50
CA ASP A 252 27.67 -14.08 4.00
C ASP A 252 26.75 -14.02 5.21
N GLY A 253 25.78 -14.91 5.28
CA GLY A 253 24.90 -14.92 6.44
C GLY A 253 23.49 -14.34 6.35
N ALA A 254 23.03 -13.83 7.49
CA ALA A 254 21.69 -13.26 7.65
C ALA A 254 21.30 -12.17 6.67
N GLU A 255 22.28 -11.52 6.06
CA GLU A 255 22.02 -10.47 5.09
C GLU A 255 21.08 -10.97 4.00
N TYR A 256 21.13 -12.27 3.73
CA TYR A 256 20.30 -12.84 2.68
C TYR A 256 19.11 -13.67 3.18
N ALA A 257 18.91 -13.68 4.50
CA ALA A 257 17.83 -14.45 5.11
C ALA A 257 16.47 -13.74 4.97
N GLU A 258 15.94 -13.75 3.75
CA GLU A 258 14.65 -13.12 3.46
C GLU A 258 13.97 -13.92 2.35
N GLY A 259 12.95 -13.34 1.74
CA GLY A 259 12.23 -14.00 0.66
C GLY A 259 12.78 -13.57 -0.69
N TRP A 260 12.79 -14.48 -1.66
CA TRP A 260 13.33 -14.18 -2.98
C TRP A 260 12.53 -14.74 -4.16
N ASN A 261 12.25 -13.87 -5.13
CA ASN A 261 11.51 -14.25 -6.35
C ASN A 261 12.49 -14.69 -7.45
N PHE A 262 12.13 -15.74 -8.18
CA PHE A 262 12.92 -16.20 -9.31
C PHE A 262 11.95 -16.49 -10.44
N GLY A 263 12.22 -15.89 -11.60
CA GLY A 263 11.36 -16.08 -12.75
C GLY A 263 12.03 -15.58 -14.02
N PRO A 264 11.42 -15.82 -15.18
CA PRO A 264 11.96 -15.40 -16.48
C PRO A 264 11.68 -13.93 -16.79
N ASN A 265 12.36 -13.38 -17.77
CA ASN A 265 12.11 -11.99 -18.13
C ASN A 265 10.75 -11.92 -18.83
N ASP A 266 9.97 -10.89 -18.54
CA ASP A 266 8.64 -10.77 -19.13
C ASP A 266 8.66 -10.68 -20.65
N ALA A 267 9.75 -10.18 -21.21
CA ALA A 267 9.86 -10.06 -22.66
C ALA A 267 9.90 -11.45 -23.30
N ASP A 268 10.07 -12.47 -22.47
CA ASP A 268 10.13 -13.87 -22.90
C ASP A 268 8.74 -14.52 -22.89
N ALA A 269 7.75 -13.79 -22.37
CA ALA A 269 6.37 -14.28 -22.27
C ALA A 269 5.82 -14.78 -23.60
N THR A 270 5.38 -16.03 -23.63
CA THR A 270 4.84 -16.65 -24.85
C THR A 270 3.56 -17.43 -24.58
N PRO A 271 2.56 -17.33 -25.48
CA PRO A 271 1.28 -18.04 -25.32
C PRO A 271 1.45 -19.52 -25.70
N VAL A 272 0.60 -20.39 -25.15
CA VAL A 272 0.73 -21.82 -25.44
C VAL A 272 0.70 -22.18 -26.92
N LYS A 273 -0.04 -21.41 -27.72
CA LYS A 273 -0.11 -21.67 -29.15
C LYS A 273 1.28 -21.67 -29.78
N ASN A 274 2.06 -20.63 -29.49
CA ASN A 274 3.40 -20.51 -30.02
C ASN A 274 4.29 -21.61 -29.42
N ILE A 275 4.01 -21.97 -28.18
CA ILE A 275 4.78 -23.00 -27.50
C ILE A 275 4.58 -24.33 -28.23
N VAL A 276 3.32 -24.69 -28.45
CA VAL A 276 3.00 -25.94 -29.15
C VAL A 276 3.63 -25.94 -30.54
N GLU A 277 3.55 -24.80 -31.22
CA GLU A 277 4.13 -24.69 -32.56
C GLU A 277 5.64 -24.96 -32.56
N GLN A 278 6.37 -24.28 -31.68
CA GLN A 278 7.81 -24.49 -31.60
C GLN A 278 8.13 -25.94 -31.29
N MET A 279 7.38 -26.53 -30.36
CA MET A 279 7.59 -27.90 -29.98
C MET A 279 7.29 -28.86 -31.12
N VAL A 280 6.26 -28.55 -31.92
CA VAL A 280 5.93 -29.41 -33.05
C VAL A 280 7.11 -29.38 -34.02
N LYS A 281 7.69 -28.20 -34.22
CA LYS A 281 8.83 -28.04 -35.12
C LYS A 281 10.06 -28.80 -34.62
N TYR A 282 10.35 -28.68 -33.33
CA TYR A 282 11.51 -29.35 -32.76
C TYR A 282 11.40 -30.86 -32.80
N TRP A 283 10.19 -31.38 -32.55
CA TRP A 283 9.97 -32.82 -32.55
C TRP A 283 10.04 -33.39 -33.96
N GLY A 284 9.34 -32.76 -34.89
CA GLY A 284 9.33 -33.22 -36.26
C GLY A 284 8.27 -34.28 -36.52
N GLU A 285 8.64 -35.27 -37.34
CA GLU A 285 7.73 -36.35 -37.70
C GLU A 285 6.97 -36.91 -36.50
N GLY A 286 5.65 -36.97 -36.61
CA GLY A 286 4.82 -37.50 -35.55
C GLY A 286 4.25 -36.46 -34.60
N ALA A 287 4.60 -35.20 -34.79
CA ALA A 287 4.10 -34.14 -33.93
C ALA A 287 3.03 -33.32 -34.63
N SER A 288 1.92 -33.08 -33.94
CA SER A 288 0.81 -32.29 -34.48
C SER A 288 -0.08 -31.81 -33.33
N TRP A 289 -0.88 -30.78 -33.60
CA TRP A 289 -1.79 -30.28 -32.59
C TRP A 289 -3.14 -29.93 -33.19
N GLN A 290 -4.13 -29.78 -32.31
CA GLN A 290 -5.50 -29.50 -32.73
C GLN A 290 -6.05 -28.39 -31.84
N LEU A 291 -6.79 -27.46 -32.43
CA LEU A 291 -7.36 -26.35 -31.67
C LEU A 291 -8.82 -26.59 -31.28
N GLU A 299 -7.47 -14.25 -20.61
CA GLU A 299 -7.47 -13.12 -19.67
C GLU A 299 -6.46 -12.04 -19.99
N ALA A 300 -6.74 -10.83 -19.52
CA ALA A 300 -5.87 -9.68 -19.75
C ALA A 300 -4.67 -9.61 -18.81
N HIS A 301 -4.41 -10.70 -18.08
CA HIS A 301 -3.28 -10.73 -17.17
C HIS A 301 -2.98 -12.14 -16.69
N TYR A 302 -1.85 -12.30 -16.02
CA TYR A 302 -1.44 -13.58 -15.49
C TYR A 302 -0.47 -13.37 -14.34
N LEU A 303 -0.42 -14.34 -13.44
CA LEU A 303 0.46 -14.24 -12.28
C LEU A 303 1.93 -14.25 -12.68
N LYS A 304 2.66 -13.23 -12.25
CA LYS A 304 4.08 -13.15 -12.55
C LYS A 304 4.81 -12.49 -11.38
N LEU A 305 6.14 -12.62 -11.37
CA LEU A 305 6.93 -12.07 -10.28
C LEU A 305 7.94 -11.05 -10.75
N ASP A 306 8.23 -10.08 -9.89
CA ASP A 306 9.24 -9.08 -10.19
C ASP A 306 10.50 -9.66 -9.54
N CYS A 307 11.53 -9.93 -10.35
CA CYS A 307 12.76 -10.51 -9.82
C CYS A 307 13.93 -9.52 -9.76
N SER A 308 13.63 -8.26 -9.53
CA SER A 308 14.65 -7.22 -9.43
C SER A 308 15.58 -7.48 -8.25
N LYS A 309 15.02 -7.99 -7.16
CA LYS A 309 15.80 -8.26 -5.95
C LYS A 309 16.88 -9.31 -6.20
N ALA A 310 16.51 -10.41 -6.83
CA ALA A 310 17.47 -11.47 -7.13
C ALA A 310 18.55 -10.91 -8.06
N LYS A 311 18.13 -10.15 -9.07
CA LYS A 311 19.06 -9.57 -10.01
C LYS A 311 20.03 -8.62 -9.31
N MET A 312 19.48 -7.65 -8.57
CA MET A 312 20.31 -6.66 -7.90
C MET A 312 21.17 -7.14 -6.73
N GLN A 313 20.59 -7.94 -5.85
CA GLN A 313 21.32 -8.41 -4.66
C GLN A 313 22.08 -9.72 -4.77
N LEU A 314 21.66 -10.61 -5.66
CA LEU A 314 22.34 -11.88 -5.82
C LEU A 314 23.15 -11.94 -7.10
N GLY A 315 22.89 -11.02 -8.02
CA GLY A 315 23.60 -11.04 -9.28
C GLY A 315 23.04 -12.18 -10.13
N TRP A 316 21.81 -12.60 -9.85
CA TRP A 316 21.17 -13.69 -10.59
C TRP A 316 20.46 -13.21 -11.86
N HIS A 317 20.34 -14.11 -12.83
CA HIS A 317 19.68 -13.80 -14.09
C HIS A 317 19.41 -15.09 -14.87
N PRO A 318 18.30 -15.15 -15.62
CA PRO A 318 17.93 -16.32 -16.43
C PRO A 318 18.99 -16.50 -17.51
N ARG A 319 19.23 -17.73 -17.97
CA ARG A 319 20.23 -17.97 -19.01
C ARG A 319 19.66 -18.43 -20.34
N TRP A 320 18.49 -19.07 -20.30
CA TRP A 320 17.89 -19.59 -21.52
C TRP A 320 16.56 -18.95 -21.88
N ASN A 321 16.40 -18.59 -23.15
CA ASN A 321 15.14 -18.02 -23.59
C ASN A 321 14.22 -19.24 -23.75
N LEU A 322 12.93 -18.99 -23.93
CA LEU A 322 11.97 -20.08 -24.05
C LEU A 322 12.27 -21.07 -25.17
N ASN A 323 12.67 -20.56 -26.33
CA ASN A 323 12.98 -21.42 -27.48
C ASN A 323 14.08 -22.43 -27.16
N THR A 324 15.18 -21.94 -26.59
CA THR A 324 16.29 -22.81 -26.23
C THR A 324 15.77 -23.87 -25.27
N THR A 325 14.99 -23.43 -24.29
CA THR A 325 14.42 -24.33 -23.29
C THR A 325 13.54 -25.40 -23.92
N LEU A 326 12.65 -25.00 -24.82
CA LEU A 326 11.77 -25.97 -25.46
C LEU A 326 12.59 -26.97 -26.29
N GLU A 327 13.66 -26.50 -26.93
CA GLU A 327 14.49 -27.41 -27.72
C GLU A 327 15.09 -28.48 -26.82
N TYR A 328 15.56 -28.07 -25.65
CA TYR A 328 16.15 -29.03 -24.71
C TYR A 328 15.07 -29.96 -24.13
N ILE A 329 13.84 -29.46 -23.96
CA ILE A 329 12.76 -30.30 -23.44
C ILE A 329 12.49 -31.43 -24.41
N VAL A 330 12.30 -31.08 -25.67
CA VAL A 330 12.04 -32.07 -26.71
C VAL A 330 13.22 -33.03 -26.81
N GLY A 331 14.43 -32.49 -26.75
CA GLY A 331 15.62 -33.33 -26.83
C GLY A 331 15.67 -34.35 -25.71
N TRP A 332 15.43 -33.90 -24.49
CA TRP A 332 15.47 -34.77 -23.32
C TRP A 332 14.44 -35.89 -23.51
N HIS A 333 13.23 -35.52 -23.90
CA HIS A 333 12.19 -36.52 -24.08
C HIS A 333 12.47 -37.50 -25.20
N LYS A 334 12.99 -37.02 -26.33
CA LYS A 334 13.27 -37.92 -27.44
C LYS A 334 14.42 -38.84 -27.08
N ASN A 335 15.38 -38.34 -26.31
CA ASN A 335 16.48 -39.20 -25.92
C ASN A 335 16.00 -40.26 -24.94
N TRP A 336 15.07 -39.89 -24.07
CA TRP A 336 14.53 -40.83 -23.11
C TRP A 336 13.87 -41.97 -23.90
N LEU A 337 13.01 -41.60 -24.86
CA LEU A 337 12.31 -42.59 -25.68
C LEU A 337 13.24 -43.45 -26.51
N SER A 338 14.36 -42.88 -26.94
CA SER A 338 15.34 -43.60 -27.74
C SER A 338 16.18 -44.60 -26.95
N GLY A 339 16.03 -44.63 -25.63
CA GLY A 339 16.80 -45.57 -24.82
C GLY A 339 18.09 -44.98 -24.30
N THR A 340 18.18 -43.66 -24.33
CA THR A 340 19.39 -43.02 -23.85
C THR A 340 19.52 -43.11 -22.33
N ASP A 341 20.76 -43.17 -21.85
CA ASP A 341 21.03 -43.22 -20.42
C ASP A 341 20.68 -41.81 -19.93
N MET A 342 19.54 -41.68 -19.26
CA MET A 342 19.10 -40.37 -18.81
C MET A 342 19.82 -39.81 -17.59
N HIS A 343 20.60 -40.65 -16.91
CA HIS A 343 21.37 -40.16 -15.78
C HIS A 343 22.48 -39.29 -16.37
N GLU A 344 23.23 -39.85 -17.30
CA GLU A 344 24.32 -39.12 -17.94
C GLU A 344 23.80 -37.96 -18.78
N TYR A 345 22.68 -38.18 -19.48
CA TYR A 345 22.11 -37.13 -20.30
C TYR A 345 21.75 -35.93 -19.43
N SER A 346 21.13 -36.18 -18.28
CA SER A 346 20.73 -35.10 -17.39
C SER A 346 21.93 -34.37 -16.83
N ILE A 347 23.01 -35.11 -16.56
CA ILE A 347 24.22 -34.49 -16.04
C ILE A 347 24.77 -33.53 -17.08
N THR A 348 24.76 -33.97 -18.33
CA THR A 348 25.25 -33.14 -19.42
C THR A 348 24.37 -31.91 -19.59
N GLU A 349 23.07 -32.06 -19.36
CA GLU A 349 22.17 -30.92 -19.47
C GLU A 349 22.55 -29.88 -18.43
N ILE A 350 22.86 -30.35 -17.23
CA ILE A 350 23.27 -29.44 -16.17
C ILE A 350 24.56 -28.75 -16.59
N ASN A 351 25.49 -29.51 -17.16
CA ASN A 351 26.76 -28.93 -17.60
C ASN A 351 26.52 -27.87 -18.69
N ASN A 352 25.62 -28.18 -19.63
CA ASN A 352 25.32 -27.25 -20.71
C ASN A 352 24.80 -25.95 -20.12
N TYR A 353 23.96 -26.07 -19.10
CA TYR A 353 23.40 -24.89 -18.45
C TYR A 353 24.52 -24.08 -17.82
N MET A 354 25.38 -24.75 -17.05
CA MET A 354 26.51 -24.09 -16.39
C MET A 354 27.43 -23.38 -17.38
N ASN A 355 27.57 -23.95 -18.57
CA ASN A 355 28.42 -23.38 -19.62
C ASN A 355 27.83 -22.17 -20.32
N THR A 356 26.51 -22.01 -20.22
CA THR A 356 25.83 -20.91 -20.89
C THR A 356 26.24 -19.53 -20.42
N LYS A 357 26.70 -18.72 -21.39
CA LYS A 357 27.17 -17.35 -21.20
C LYS A 357 28.08 -17.15 -20.00
N ILE B 2 -0.66 25.13 24.66
CA ILE B 2 -0.60 26.53 24.12
C ILE B 2 -0.05 27.50 25.17
N ASN B 3 1.19 27.94 24.96
CA ASN B 3 1.86 28.86 25.87
C ASN B 3 1.48 30.30 25.58
N ASN B 4 0.60 30.86 26.41
CA ASN B 4 0.18 32.24 26.24
C ASN B 4 1.42 33.11 26.24
N SER B 5 2.41 32.74 27.05
CA SER B 5 3.65 33.49 27.14
C SER B 5 4.55 33.32 25.92
N PHE B 6 4.40 32.19 25.22
CA PHE B 6 5.20 31.95 24.02
C PHE B 6 4.83 32.94 22.92
N TRP B 7 3.54 33.17 22.75
CA TRP B 7 3.06 34.05 21.69
C TRP B 7 3.28 35.55 21.90
N GLN B 8 3.49 35.96 23.13
CA GLN B 8 3.72 37.37 23.42
C GLN B 8 4.88 37.93 22.60
N GLY B 9 4.61 38.99 21.84
CA GLY B 9 5.64 39.63 21.04
C GLY B 9 6.06 38.97 19.74
N LYS B 10 5.63 37.74 19.50
CA LYS B 10 6.00 37.05 18.27
C LYS B 10 5.46 37.75 17.03
N ARG B 11 6.27 37.85 15.99
CA ARG B 11 5.84 38.48 14.76
C ARG B 11 5.24 37.40 13.87
N VAL B 12 3.91 37.41 13.75
CA VAL B 12 3.19 36.40 12.99
C VAL B 12 2.51 36.96 11.75
N PHE B 13 2.78 36.34 10.60
CA PHE B 13 2.22 36.75 9.33
C PHE B 13 1.13 35.74 8.97
N VAL B 14 -0.07 36.23 8.68
CA VAL B 14 -1.19 35.36 8.36
C VAL B 14 -1.86 35.69 7.04
N THR B 15 -1.78 34.79 6.06
CA THR B 15 -2.47 35.05 4.80
C THR B 15 -3.89 34.54 5.02
N GLY B 16 -4.88 35.21 4.42
CA GLY B 16 -6.26 34.79 4.59
C GLY B 16 -6.86 35.23 5.91
N HIS B 17 -6.33 36.30 6.49
CA HIS B 17 -6.82 36.81 7.77
C HIS B 17 -8.23 37.42 7.67
N THR B 18 -8.68 37.72 6.46
CA THR B 18 -10.00 38.31 6.28
C THR B 18 -11.11 37.26 6.16
N GLY B 19 -10.72 35.99 6.24
CA GLY B 19 -11.68 34.91 6.12
C GLY B 19 -12.15 34.36 7.46
N PHE B 20 -12.93 33.28 7.40
CA PHE B 20 -13.49 32.64 8.58
C PHE B 20 -12.42 32.09 9.53
N LYS B 21 -11.64 31.11 9.07
CA LYS B 21 -10.62 30.53 9.93
C LYS B 21 -9.52 31.54 10.23
N GLY B 22 -9.15 32.34 9.24
CA GLY B 22 -8.11 33.33 9.41
C GLY B 22 -8.46 34.38 10.45
N GLY B 23 -9.73 34.79 10.47
CA GLY B 23 -10.19 35.78 11.44
C GLY B 23 -10.10 35.23 12.86
N TRP B 24 -10.60 34.03 13.08
CA TRP B 24 -10.54 33.46 14.41
C TRP B 24 -9.08 33.30 14.84
N LEU B 25 -8.22 32.85 13.93
CA LEU B 25 -6.81 32.66 14.27
C LEU B 25 -6.16 34.00 14.61
N SER B 26 -6.42 35.02 13.80
CA SER B 26 -5.85 36.35 14.03
C SER B 26 -6.30 36.91 15.37
N LEU B 27 -7.59 36.76 15.68
CA LEU B 27 -8.12 37.24 16.95
C LEU B 27 -7.44 36.51 18.11
N TRP B 28 -7.26 35.20 17.95
CA TRP B 28 -6.63 34.37 18.96
C TRP B 28 -5.19 34.84 19.21
N LEU B 29 -4.44 35.03 18.13
CA LEU B 29 -3.06 35.49 18.21
C LEU B 29 -3.00 36.86 18.89
N GLN B 30 -3.91 37.75 18.52
CA GLN B 30 -3.95 39.08 19.11
C GLN B 30 -4.16 39.00 20.62
N THR B 31 -5.12 38.19 21.06
CA THR B 31 -5.39 38.06 22.48
C THR B 31 -4.19 37.53 23.26
N MET B 32 -3.31 36.78 22.60
CA MET B 32 -2.14 36.24 23.26
C MET B 32 -0.92 37.16 23.20
N GLY B 33 -1.14 38.38 22.70
CA GLY B 33 -0.07 39.36 22.63
C GLY B 33 0.87 39.32 21.44
N ALA B 34 0.53 38.57 20.41
CA ALA B 34 1.40 38.49 19.24
C ALA B 34 1.28 39.74 18.38
N THR B 35 2.32 40.02 17.62
CA THR B 35 2.33 41.15 16.69
C THR B 35 1.94 40.51 15.37
N VAL B 36 0.71 40.73 14.96
CA VAL B 36 0.19 40.10 13.74
C VAL B 36 -0.01 40.98 12.51
N LYS B 37 0.32 40.44 11.35
CA LYS B 37 0.14 41.11 10.08
C LYS B 37 -0.60 40.15 9.17
N GLY B 38 -1.65 40.63 8.52
CA GLY B 38 -2.43 39.80 7.62
C GLY B 38 -2.33 40.25 6.18
N TYR B 39 -2.50 39.31 5.25
CA TYR B 39 -2.43 39.59 3.82
C TYR B 39 -3.53 38.76 3.15
N SER B 40 -4.57 39.42 2.65
CA SER B 40 -5.70 38.75 2.01
C SER B 40 -6.40 39.68 1.04
N LEU B 41 -7.38 39.14 0.32
CA LEU B 41 -8.19 39.96 -0.56
C LEU B 41 -9.25 40.47 0.41
N THR B 42 -10.11 41.39 -0.04
CA THR B 42 -11.17 41.91 0.81
C THR B 42 -12.01 40.74 1.33
N ALA B 43 -12.52 40.85 2.55
CA ALA B 43 -13.35 39.80 3.15
C ALA B 43 -14.27 39.20 2.08
N PRO B 44 -14.32 37.86 1.97
CA PRO B 44 -15.13 37.13 1.00
C PRO B 44 -16.64 37.27 1.08
N THR B 45 -17.14 37.72 2.22
CA THR B 45 -18.58 37.81 2.38
C THR B 45 -19.04 39.02 3.17
N VAL B 46 -20.34 39.24 3.11
CA VAL B 46 -20.99 40.33 3.84
C VAL B 46 -22.29 39.71 4.34
N PRO B 47 -22.46 39.61 5.66
CA PRO B 47 -21.51 40.02 6.70
C PRO B 47 -20.23 39.18 6.65
N SER B 48 -19.29 39.50 7.54
CA SER B 48 -18.04 38.75 7.63
C SER B 48 -17.54 38.82 9.06
N LEU B 49 -16.81 37.79 9.49
CA LEU B 49 -16.25 37.78 10.83
C LEU B 49 -15.27 38.95 10.89
N PHE B 50 -14.54 39.16 9.80
CA PHE B 50 -13.55 40.22 9.72
C PHE B 50 -14.10 41.57 10.21
N GLU B 51 -15.26 41.95 9.69
CA GLU B 51 -15.88 43.23 10.07
C GLU B 51 -16.65 43.16 11.39
N THR B 52 -17.48 42.13 11.55
CA THR B 52 -18.27 41.99 12.77
C THR B 52 -17.45 41.85 14.04
N ALA B 53 -16.36 41.09 13.98
CA ALA B 53 -15.51 40.89 15.15
C ALA B 53 -14.32 41.85 15.18
N ARG B 54 -14.36 42.87 14.32
CA ARG B 54 -13.31 43.88 14.24
C ARG B 54 -11.91 43.26 14.30
N VAL B 55 -11.68 42.30 13.42
CA VAL B 55 -10.39 41.61 13.38
C VAL B 55 -9.20 42.51 13.11
N ALA B 56 -9.37 43.48 12.21
CA ALA B 56 -8.28 44.38 11.84
C ALA B 56 -7.77 45.30 12.94
N ASP B 57 -8.66 45.73 13.83
CA ASP B 57 -8.32 46.65 14.91
C ASP B 57 -6.99 46.41 15.63
N GLY B 58 -6.76 45.18 16.07
CA GLY B 58 -5.53 44.89 16.79
C GLY B 58 -4.40 44.30 15.98
N MET B 59 -4.38 44.54 14.67
CA MET B 59 -3.31 43.98 13.86
C MET B 59 -3.03 44.85 12.65
N GLN B 60 -2.03 44.46 11.87
CA GLN B 60 -1.67 45.17 10.65
C GLN B 60 -2.36 44.41 9.51
N SER B 61 -3.31 45.06 8.84
CA SER B 61 -4.05 44.43 7.77
C SER B 61 -3.76 44.93 6.36
N GLU B 62 -3.19 44.06 5.53
CA GLU B 62 -2.89 44.44 4.15
C GLU B 62 -3.77 43.68 3.18
N ILE B 63 -4.32 44.40 2.20
CA ILE B 63 -5.15 43.78 1.20
C ILE B 63 -4.29 43.56 -0.04
N GLY B 64 -4.17 42.30 -0.44
CA GLY B 64 -3.38 41.95 -1.60
C GLY B 64 -3.69 40.56 -2.09
N ASP B 65 -3.30 40.27 -3.34
CA ASP B 65 -3.55 38.96 -3.94
C ASP B 65 -2.30 38.11 -3.77
N ILE B 66 -2.45 36.86 -3.31
CA ILE B 66 -1.28 36.01 -3.13
C ILE B 66 -0.69 35.60 -4.46
N ARG B 67 -1.40 35.89 -5.55
CA ARG B 67 -0.91 35.56 -6.89
C ARG B 67 0.01 36.66 -7.40
N ASP B 68 0.14 37.73 -6.61
CA ASP B 68 1.02 38.85 -6.94
C ASP B 68 2.34 38.52 -6.23
N GLN B 69 3.20 37.77 -6.91
CA GLN B 69 4.46 37.33 -6.34
C GLN B 69 5.30 38.39 -5.65
N ASN B 70 5.49 39.54 -6.30
CA ASN B 70 6.31 40.59 -5.72
C ASN B 70 5.67 41.34 -4.56
N LYS B 71 4.36 41.55 -4.62
CA LYS B 71 3.68 42.26 -3.54
C LYS B 71 3.77 41.41 -2.27
N LEU B 72 3.62 40.11 -2.43
CA LEU B 72 3.70 39.18 -1.31
C LEU B 72 5.13 39.15 -0.76
N LEU B 73 6.09 39.10 -1.67
CA LEU B 73 7.49 39.06 -1.29
C LEU B 73 7.85 40.27 -0.41
N GLU B 74 7.44 41.46 -0.87
CA GLU B 74 7.74 42.68 -0.12
C GLU B 74 6.95 42.80 1.17
N SER B 75 5.72 42.30 1.18
CA SER B 75 4.90 42.36 2.38
C SER B 75 5.57 41.55 3.48
N ILE B 76 6.14 40.41 3.12
CA ILE B 76 6.81 39.55 4.09
C ILE B 76 8.18 40.14 4.44
N ARG B 77 8.85 40.73 3.46
CA ARG B 77 10.16 41.33 3.73
C ARG B 77 9.99 42.52 4.67
N GLU B 78 8.96 43.34 4.41
CA GLU B 78 8.68 44.52 5.24
C GLU B 78 8.40 44.14 6.68
N PHE B 79 7.67 43.05 6.89
CA PHE B 79 7.28 42.60 8.22
C PHE B 79 8.30 41.75 8.99
N GLN B 80 9.11 40.96 8.29
CA GLN B 80 10.11 40.11 8.93
C GLN B 80 9.47 39.17 9.97
N PRO B 81 8.51 38.34 9.54
CA PRO B 81 7.86 37.42 10.47
C PRO B 81 8.75 36.26 10.91
N GLU B 82 8.49 35.72 12.10
CA GLU B 82 9.24 34.56 12.58
C GLU B 82 8.31 33.35 12.44
N ILE B 83 7.02 33.63 12.34
CA ILE B 83 6.04 32.57 12.18
C ILE B 83 5.04 32.95 11.10
N VAL B 84 4.73 31.99 10.22
CA VAL B 84 3.79 32.23 9.14
C VAL B 84 2.69 31.17 9.06
N PHE B 85 1.45 31.62 8.95
CA PHE B 85 0.31 30.73 8.78
C PHE B 85 -0.29 31.06 7.42
N HIS B 86 -0.22 30.11 6.49
CA HIS B 86 -0.77 30.33 5.16
C HIS B 86 -2.17 29.75 5.05
N MET B 87 -3.17 30.61 5.13
CA MET B 87 -4.56 30.17 5.04
C MET B 87 -5.32 30.71 3.84
N ALA B 88 -4.70 31.60 3.08
CA ALA B 88 -5.36 32.17 1.90
C ALA B 88 -5.48 31.12 0.81
N ALA B 89 -6.67 31.01 0.24
CA ALA B 89 -6.93 30.05 -0.83
C ALA B 89 -8.34 30.20 -1.36
N GLN B 90 -8.59 29.63 -2.53
CA GLN B 90 -9.93 29.58 -3.14
C GLN B 90 -10.38 28.28 -2.47
N PRO B 91 -11.22 28.38 -1.42
CA PRO B 91 -11.70 27.23 -0.66
C PRO B 91 -12.97 26.50 -1.08
N LEU B 92 -13.62 26.94 -2.15
CA LEU B 92 -14.87 26.33 -2.56
C LEU B 92 -14.80 25.31 -3.68
N VAL B 93 -15.37 24.14 -3.40
CA VAL B 93 -15.42 23.07 -4.39
C VAL B 93 -16.30 23.56 -5.53
N ARG B 94 -17.53 23.96 -5.22
CA ARG B 94 -18.47 24.43 -6.23
C ARG B 94 -17.82 25.44 -7.18
N LEU B 95 -17.24 26.50 -6.63
CA LEU B 95 -16.61 27.53 -7.45
C LEU B 95 -15.44 27.00 -8.27
N SER B 96 -14.74 25.98 -7.76
CA SER B 96 -13.59 25.43 -8.48
C SER B 96 -14.01 24.80 -9.81
N TYR B 97 -15.24 24.33 -9.90
CA TYR B 97 -15.70 23.74 -11.16
C TYR B 97 -15.96 24.86 -12.16
N SER B 98 -16.32 26.03 -11.65
CA SER B 98 -16.61 27.18 -12.50
C SER B 98 -15.34 27.97 -12.81
N GLU B 99 -14.41 27.99 -11.88
CA GLU B 99 -13.15 28.72 -12.07
C GLU B 99 -11.96 27.85 -11.70
N PRO B 100 -11.72 26.77 -12.47
CA PRO B 100 -10.60 25.89 -12.18
C PRO B 100 -9.24 26.58 -12.24
N VAL B 101 -9.01 27.40 -13.25
CA VAL B 101 -7.72 28.07 -13.38
C VAL B 101 -7.39 28.97 -12.19
N GLU B 102 -8.35 29.80 -11.79
CA GLU B 102 -8.15 30.70 -10.66
C GLU B 102 -7.89 29.87 -9.40
N THR B 103 -8.51 28.70 -9.32
CA THR B 103 -8.31 27.84 -8.16
C THR B 103 -6.87 27.32 -8.11
N TYR B 104 -6.34 26.84 -9.24
CA TYR B 104 -4.97 26.35 -9.26
C TYR B 104 -3.95 27.46 -9.08
N SER B 105 -4.18 28.61 -9.71
CA SER B 105 -3.25 29.72 -9.58
C SER B 105 -3.20 30.18 -8.12
N THR B 106 -4.37 30.30 -7.51
CA THR B 106 -4.44 30.74 -6.12
C THR B 106 -3.89 29.71 -5.12
N ASN B 107 -4.35 28.47 -5.22
CA ASN B 107 -3.92 27.46 -4.26
C ASN B 107 -2.54 26.86 -4.49
N VAL B 108 -2.14 26.70 -5.74
CA VAL B 108 -0.83 26.14 -6.03
C VAL B 108 0.23 27.23 -6.16
N MET B 109 0.09 28.13 -7.15
CA MET B 109 1.09 29.18 -7.30
C MET B 109 1.15 30.12 -6.08
N GLY B 110 -0.01 30.36 -5.46
CA GLY B 110 -0.03 31.22 -4.28
C GLY B 110 0.87 30.62 -3.20
N THR B 111 0.79 29.31 -3.04
CA THR B 111 1.63 28.61 -2.05
C THR B 111 3.09 28.68 -2.49
N VAL B 112 3.34 28.51 -3.78
CA VAL B 112 4.71 28.61 -4.30
C VAL B 112 5.29 30.01 -4.02
N TYR B 113 4.52 31.05 -4.31
CA TYR B 113 4.98 32.43 -4.09
C TYR B 113 5.26 32.70 -2.61
N LEU B 114 4.42 32.14 -1.73
CA LEU B 114 4.60 32.34 -0.30
C LEU B 114 5.91 31.70 0.16
N LEU B 115 6.11 30.44 -0.21
CA LEU B 115 7.32 29.71 0.16
C LEU B 115 8.57 30.35 -0.44
N GLU B 116 8.46 30.86 -1.66
CA GLU B 116 9.60 31.50 -2.31
C GLU B 116 9.98 32.78 -1.54
N ALA B 117 8.97 33.54 -1.12
CA ALA B 117 9.19 34.77 -0.36
C ALA B 117 9.91 34.44 0.94
N ILE B 118 9.42 33.42 1.63
CA ILE B 118 10.01 33.00 2.90
C ILE B 118 11.46 32.58 2.69
N ARG B 119 11.72 31.87 1.60
CA ARG B 119 13.04 31.39 1.26
C ARG B 119 14.05 32.54 1.12
N HIS B 120 13.63 33.61 0.45
CA HIS B 120 14.52 34.75 0.24
C HIS B 120 14.60 35.75 1.38
N VAL B 121 13.50 36.00 2.06
CA VAL B 121 13.49 36.96 3.16
C VAL B 121 14.32 36.43 4.33
N GLY B 122 14.19 35.16 4.63
CA GLY B 122 14.93 34.55 5.73
C GLY B 122 14.39 34.93 7.10
N GLY B 123 14.89 34.26 8.14
CA GLY B 123 14.45 34.57 9.49
C GLY B 123 13.17 33.90 9.94
N VAL B 124 12.42 33.30 9.03
CA VAL B 124 11.19 32.63 9.42
C VAL B 124 11.54 31.31 10.08
N LYS B 125 11.06 31.12 11.31
CA LYS B 125 11.34 29.92 12.09
C LYS B 125 10.30 28.82 11.91
N ALA B 126 9.04 29.21 11.77
CA ALA B 126 7.97 28.23 11.62
C ALA B 126 6.98 28.62 10.55
N VAL B 127 6.64 27.66 9.68
CA VAL B 127 5.68 27.89 8.61
C VAL B 127 4.62 26.79 8.71
N VAL B 128 3.36 27.22 8.82
CA VAL B 128 2.26 26.29 8.90
C VAL B 128 1.36 26.56 7.70
N ASN B 129 1.41 25.65 6.73
CA ASN B 129 0.62 25.79 5.52
C ASN B 129 -0.68 25.00 5.61
N ILE B 130 -1.80 25.72 5.62
CA ILE B 130 -3.11 25.10 5.68
C ILE B 130 -3.51 24.61 4.29
N THR B 131 -3.67 23.30 4.15
CA THR B 131 -4.08 22.74 2.88
C THR B 131 -5.55 22.36 3.02
N SER B 132 -5.84 21.08 3.21
CA SER B 132 -7.23 20.64 3.36
C SER B 132 -7.33 19.16 3.68
N ASP B 133 -8.45 18.76 4.27
CA ASP B 133 -8.65 17.34 4.55
C ASP B 133 -8.86 16.67 3.20
N LYS B 134 -9.21 17.47 2.20
CA LYS B 134 -9.46 16.96 0.84
C LYS B 134 -8.21 16.77 -0.03
N CYS B 135 -7.01 16.94 0.53
CA CYS B 135 -5.79 16.77 -0.26
C CYS B 135 -5.49 15.31 -0.58
N TYR B 136 -6.13 14.38 0.14
CA TYR B 136 -5.88 12.96 -0.07
C TYR B 136 -6.59 12.34 -1.26
N ASP B 137 -5.88 11.48 -1.98
CA ASP B 137 -6.47 10.78 -3.10
C ASP B 137 -7.63 10.03 -2.44
N ASN B 138 -8.86 10.28 -2.90
CA ASN B 138 -10.04 9.66 -2.30
C ASN B 138 -10.27 8.19 -2.65
N LYS B 139 -10.14 7.34 -1.66
CA LYS B 139 -10.34 5.91 -1.84
C LYS B 139 -11.82 5.60 -1.62
N GLU B 140 -12.55 6.60 -1.13
CA GLU B 140 -13.97 6.45 -0.87
C GLU B 140 -14.25 5.23 0.01
N TRP B 141 -13.55 5.15 1.13
CA TRP B 141 -13.73 4.04 2.06
C TRP B 141 -14.12 4.55 3.44
N ILE B 142 -14.38 3.62 4.35
CA ILE B 142 -14.79 3.97 5.70
C ILE B 142 -13.66 4.45 6.59
N TRP B 143 -12.42 4.24 6.17
CA TRP B 143 -11.29 4.59 7.01
C TRP B 143 -10.73 6.01 6.94
N GLY B 144 -10.27 6.49 8.09
CA GLY B 144 -9.70 7.82 8.17
C GLY B 144 -8.31 7.78 7.56
N TYR B 145 -7.96 8.79 6.77
CA TYR B 145 -6.66 8.83 6.13
C TYR B 145 -5.50 9.11 7.06
N ARG B 146 -4.38 8.45 6.78
CA ARG B 146 -3.16 8.61 7.55
C ARG B 146 -2.24 9.55 6.77
N GLU B 147 -1.41 10.32 7.46
CA GLU B 147 -0.54 11.29 6.79
C GLU B 147 0.40 10.78 5.71
N ASN B 148 0.72 9.49 5.73
CA ASN B 148 1.62 8.92 4.76
C ASN B 148 0.93 8.41 3.49
N GLU B 149 -0.37 8.66 3.35
CA GLU B 149 -1.08 8.17 2.18
C GLU B 149 -1.06 9.18 1.01
N ALA B 150 -1.35 8.67 -0.18
CA ALA B 150 -1.30 9.45 -1.42
C ALA B 150 -2.14 10.72 -1.54
N MET B 151 -1.52 11.73 -2.16
CA MET B 151 -2.17 13.01 -2.38
C MET B 151 -2.95 12.92 -3.71
N GLY B 152 -3.98 13.74 -3.84
CA GLY B 152 -4.77 13.72 -5.05
C GLY B 152 -5.92 14.70 -4.98
N GLY B 153 -7.10 14.25 -5.38
CA GLY B 153 -8.26 15.12 -5.36
C GLY B 153 -9.04 15.04 -6.65
N TYR B 154 -10.35 14.85 -6.53
CA TYR B 154 -11.25 14.73 -7.66
C TYR B 154 -11.48 16.06 -8.39
N ASP B 155 -12.08 16.99 -7.67
CA ASP B 155 -12.38 18.32 -8.21
C ASP B 155 -11.14 19.20 -8.16
N PRO B 156 -11.13 20.31 -8.92
CA PRO B 156 -9.99 21.24 -8.96
C PRO B 156 -9.56 21.76 -7.59
N TYR B 157 -10.53 22.03 -6.72
CA TYR B 157 -10.19 22.53 -5.38
C TYR B 157 -9.41 21.47 -4.59
N SER B 158 -10.01 20.30 -4.45
CA SER B 158 -9.37 19.19 -3.73
C SER B 158 -8.01 18.90 -4.33
N ASN B 159 -7.96 18.81 -5.66
CA ASN B 159 -6.72 18.50 -6.36
C ASN B 159 -5.65 19.59 -6.17
N SER B 160 -6.09 20.85 -6.15
CA SER B 160 -5.13 21.95 -5.98
C SER B 160 -4.50 21.87 -4.61
N LYS B 161 -5.24 21.34 -3.63
CA LYS B 161 -4.73 21.20 -2.28
C LYS B 161 -3.75 20.04 -2.23
N GLY B 162 -4.02 19.00 -3.03
CA GLY B 162 -3.10 17.88 -3.11
C GLY B 162 -1.80 18.43 -3.72
N CYS B 163 -1.93 19.30 -4.72
CA CYS B 163 -0.74 19.90 -5.33
C CYS B 163 0.01 20.77 -4.33
N ALA B 164 -0.72 21.53 -3.52
CA ALA B 164 -0.11 22.41 -2.52
C ALA B 164 0.74 21.58 -1.56
N GLU B 165 0.27 20.37 -1.25
CA GLU B 165 1.01 19.48 -0.37
C GLU B 165 2.31 19.09 -1.06
N LEU B 166 2.23 18.69 -2.33
CA LEU B 166 3.44 18.33 -3.07
C LEU B 166 4.42 19.50 -3.10
N VAL B 167 3.92 20.70 -3.43
CA VAL B 167 4.77 21.89 -3.49
C VAL B 167 5.51 22.11 -2.17
N THR B 168 4.78 22.04 -1.07
CA THR B 168 5.39 22.25 0.24
C THR B 168 6.45 21.20 0.52
N SER B 169 6.17 19.95 0.18
CA SER B 169 7.12 18.86 0.36
C SER B 169 8.42 19.12 -0.40
N SER B 170 8.31 19.53 -1.66
CA SER B 170 9.50 19.79 -2.47
C SER B 170 10.28 21.01 -1.97
N TYR B 171 9.58 22.09 -1.62
CA TYR B 171 10.26 23.28 -1.12
C TYR B 171 11.03 22.95 0.14
N ARG B 172 10.40 22.16 1.02
CA ARG B 172 11.05 21.77 2.27
C ARG B 172 12.30 20.95 1.98
N ASN B 173 12.16 19.92 1.14
CA ASN B 173 13.27 19.05 0.80
C ASN B 173 14.41 19.78 0.09
N SER B 174 14.05 20.70 -0.79
CA SER B 174 15.03 21.44 -1.58
C SER B 174 15.63 22.66 -0.90
N PHE B 175 14.80 23.43 -0.20
CA PHE B 175 15.30 24.66 0.42
C PHE B 175 15.23 24.79 1.93
N PHE B 176 14.45 23.94 2.59
CA PHE B 176 14.33 24.00 4.05
C PHE B 176 14.53 22.59 4.59
N ASN B 177 15.45 21.86 3.99
CA ASN B 177 15.71 20.49 4.37
C ASN B 177 16.08 20.37 5.85
N PRO B 178 15.44 19.44 6.56
CA PRO B 178 15.71 19.24 7.99
C PRO B 178 17.19 19.00 8.26
N ALA B 179 17.89 18.46 7.27
CA ALA B 179 19.32 18.18 7.40
C ALA B 179 20.16 19.45 7.41
N ASN B 180 19.59 20.53 6.90
CA ASN B 180 20.31 21.81 6.85
C ASN B 180 19.68 22.84 7.76
N TYR B 181 18.83 22.39 8.68
CA TYR B 181 18.15 23.29 9.60
C TYR B 181 19.11 24.23 10.32
N GLY B 182 20.31 23.73 10.65
CA GLY B 182 21.28 24.55 11.35
C GLY B 182 21.68 25.76 10.54
N GLN B 183 21.39 25.73 9.25
CA GLN B 183 21.73 26.83 8.36
C GLN B 183 20.57 27.79 8.10
N HIS B 184 19.44 27.26 7.63
CA HIS B 184 18.28 28.10 7.33
C HIS B 184 17.35 28.37 8.51
N GLY B 185 17.26 27.41 9.42
CA GLY B 185 16.42 27.56 10.61
C GLY B 185 14.91 27.60 10.41
N THR B 186 14.44 27.15 9.25
CA THR B 186 13.01 27.18 8.96
C THR B 186 12.36 25.80 9.02
N ALA B 187 11.36 25.65 9.88
CA ALA B 187 10.64 24.39 10.05
C ALA B 187 9.29 24.55 9.34
N VAL B 188 9.11 23.82 8.24
CA VAL B 188 7.89 23.91 7.44
C VAL B 188 6.98 22.69 7.54
N ALA B 189 5.70 22.95 7.80
CA ALA B 189 4.72 21.87 7.93
C ALA B 189 3.41 22.21 7.22
N THR B 190 2.60 21.18 6.99
CA THR B 190 1.28 21.37 6.39
C THR B 190 0.27 20.82 7.40
N VAL B 191 -0.92 21.39 7.42
CA VAL B 191 -1.96 20.94 8.33
C VAL B 191 -3.21 20.64 7.51
N ARG B 192 -3.82 19.51 7.81
CA ARG B 192 -5.00 19.05 7.08
C ARG B 192 -6.21 18.90 7.99
N ALA B 193 -7.27 19.64 7.68
CA ALA B 193 -8.49 19.61 8.47
C ALA B 193 -9.68 20.07 7.64
N GLY B 194 -10.87 19.67 8.02
CA GLY B 194 -12.05 20.08 7.27
C GLY B 194 -13.29 20.13 8.13
N ASN B 195 -14.42 20.40 7.48
CA ASN B 195 -15.71 20.46 8.18
C ASN B 195 -15.67 21.39 9.38
N VAL B 196 -15.11 22.57 9.20
CA VAL B 196 -14.99 23.53 10.29
C VAL B 196 -16.26 24.37 10.40
N ILE B 197 -16.80 24.47 11.62
CA ILE B 197 -17.98 25.27 11.87
C ILE B 197 -17.77 26.20 13.07
N GLY B 198 -18.56 27.26 13.13
CA GLY B 198 -18.43 28.20 14.22
C GLY B 198 -19.19 29.48 13.96
N GLY B 199 -19.27 30.34 14.95
CA GLY B 199 -19.96 31.60 14.75
C GLY B 199 -19.13 32.43 13.79
N GLY B 200 -19.79 33.20 12.93
CA GLY B 200 -19.03 34.06 12.02
C GLY B 200 -18.71 33.55 10.63
N ASP B 201 -19.23 32.38 10.26
CA ASP B 201 -18.97 31.89 8.92
C ASP B 201 -20.19 32.13 8.06
N TRP B 202 -20.04 32.99 7.05
CA TRP B 202 -21.14 33.31 6.16
C TRP B 202 -20.99 32.80 4.73
N ALA B 203 -20.24 31.72 4.56
CA ALA B 203 -20.06 31.14 3.23
C ALA B 203 -21.40 30.52 2.82
N LEU B 204 -21.81 30.75 1.59
CA LEU B 204 -23.07 30.20 1.10
C LEU B 204 -22.95 28.71 0.82
N ASP B 205 -24.10 28.04 0.75
CA ASP B 205 -24.14 26.61 0.46
C ASP B 205 -23.50 25.78 1.57
N ARG B 206 -23.08 26.45 2.65
CA ARG B 206 -22.49 25.75 3.78
C ARG B 206 -23.67 25.36 4.68
N ILE B 207 -23.76 24.08 5.01
CA ILE B 207 -24.87 23.60 5.83
C ILE B 207 -25.20 24.44 7.07
N VAL B 208 -24.30 24.44 8.05
CA VAL B 208 -24.55 25.19 9.28
C VAL B 208 -24.95 26.64 9.04
N PRO B 209 -24.17 27.38 8.25
CA PRO B 209 -24.53 28.78 7.99
C PRO B 209 -25.94 28.87 7.39
N ASP B 210 -26.28 27.90 6.54
CA ASP B 210 -27.60 27.87 5.92
C ASP B 210 -28.69 27.64 6.95
N ILE B 211 -28.41 26.78 7.92
CA ILE B 211 -29.39 26.50 8.96
C ILE B 211 -29.67 27.78 9.74
N LEU B 212 -28.61 28.54 10.01
CA LEU B 212 -28.73 29.79 10.74
C LEU B 212 -29.47 30.82 9.89
N ARG B 213 -29.19 30.81 8.59
CA ARG B 213 -29.84 31.75 7.67
C ARG B 213 -31.35 31.55 7.72
N ALA B 214 -31.77 30.31 7.88
CA ALA B 214 -33.20 29.98 7.96
C ALA B 214 -33.75 30.45 9.30
N PHE B 215 -33.07 30.11 10.39
CA PHE B 215 -33.48 30.48 11.73
C PHE B 215 -33.69 32.00 11.88
N GLU B 216 -32.68 32.77 11.49
CA GLU B 216 -32.76 34.23 11.61
C GLU B 216 -33.93 34.79 10.80
N GLN B 217 -34.35 34.05 9.78
CA GLN B 217 -35.47 34.46 8.94
C GLN B 217 -36.74 33.75 9.40
N SER B 218 -36.70 33.24 10.64
CA SER B 218 -37.83 32.55 11.23
C SER B 218 -38.57 31.68 10.22
N GLN B 219 -37.80 31.04 9.34
CA GLN B 219 -38.37 30.19 8.32
C GLN B 219 -37.78 28.78 8.44
N PRO B 220 -38.62 27.75 8.36
CA PRO B 220 -38.15 26.36 8.46
C PRO B 220 -37.10 26.01 7.41
N VAL B 221 -36.05 25.32 7.84
CA VAL B 221 -34.99 24.91 6.93
C VAL B 221 -35.26 23.49 6.46
N ILE B 222 -35.22 23.29 5.14
CA ILE B 222 -35.46 21.99 4.56
C ILE B 222 -34.15 21.29 4.19
N ILE B 223 -33.83 20.23 4.92
CA ILE B 223 -32.62 19.47 4.70
C ILE B 223 -32.82 18.49 3.54
N ARG B 224 -31.75 18.23 2.79
CA ARG B 224 -31.82 17.32 1.66
C ARG B 224 -31.14 15.97 1.91
N ASN B 225 -30.20 15.96 2.85
CA ASN B 225 -29.46 14.74 3.17
C ASN B 225 -29.42 14.53 4.68
N PRO B 226 -30.51 14.00 5.25
CA PRO B 226 -30.66 13.73 6.68
C PRO B 226 -29.71 12.69 7.29
N HIS B 227 -29.29 11.72 6.49
CA HIS B 227 -28.40 10.68 7.00
C HIS B 227 -26.91 10.97 6.80
N ALA B 228 -26.58 11.99 6.03
CA ALA B 228 -25.19 12.34 5.77
C ALA B 228 -24.40 12.68 7.03
N ILE B 229 -23.24 12.05 7.19
CA ILE B 229 -22.38 12.28 8.35
C ILE B 229 -21.06 12.94 7.93
N ARG B 230 -20.67 13.98 8.66
CA ARG B 230 -19.42 14.69 8.42
C ARG B 230 -18.73 14.93 9.75
N PRO B 231 -17.39 14.83 9.79
CA PRO B 231 -16.70 15.04 11.07
C PRO B 231 -16.62 16.53 11.43
N TRP B 232 -17.76 17.09 11.82
CA TRP B 232 -17.84 18.50 12.19
C TRP B 232 -16.99 18.82 13.41
N GLN B 233 -16.38 20.00 13.40
CA GLN B 233 -15.56 20.44 14.53
C GLN B 233 -15.59 21.96 14.62
N HIS B 234 -15.61 22.47 15.84
CA HIS B 234 -15.61 23.91 16.03
C HIS B 234 -14.30 24.44 15.47
N VAL B 235 -14.35 25.61 14.84
CA VAL B 235 -13.19 26.22 14.23
C VAL B 235 -11.98 26.32 15.17
N LEU B 236 -12.20 26.49 16.46
CA LEU B 236 -11.09 26.60 17.39
C LEU B 236 -10.31 25.29 17.60
N GLU B 237 -10.95 24.16 17.30
CA GLU B 237 -10.31 22.86 17.48
C GLU B 237 -9.08 22.70 16.57
N PRO B 238 -9.25 22.81 15.25
CA PRO B 238 -8.04 22.66 14.43
C PRO B 238 -7.07 23.82 14.65
N LEU B 239 -7.60 25.01 14.89
CA LEU B 239 -6.73 26.16 15.13
C LEU B 239 -5.83 25.92 16.34
N SER B 240 -6.36 25.29 17.38
CA SER B 240 -5.54 25.02 18.57
C SER B 240 -4.40 24.10 18.14
N GLY B 241 -4.69 23.18 17.22
CA GLY B 241 -3.66 22.28 16.74
C GLY B 241 -2.60 23.04 15.95
N TYR B 242 -3.04 24.00 15.13
CA TYR B 242 -2.13 24.79 14.31
C TYR B 242 -1.17 25.58 15.22
N LEU B 243 -1.72 26.16 16.28
CA LEU B 243 -0.93 26.94 17.23
C LEU B 243 0.07 26.06 17.97
N LEU B 244 -0.39 24.91 18.42
CA LEU B 244 0.47 23.97 19.13
C LEU B 244 1.63 23.54 18.23
N LEU B 245 1.30 23.23 16.97
CA LEU B 245 2.33 22.83 16.02
C LEU B 245 3.33 23.95 15.76
N ALA B 246 2.82 25.17 15.59
CA ALA B 246 3.68 26.33 15.34
C ALA B 246 4.70 26.47 16.46
N GLN B 247 4.25 26.30 17.69
CA GLN B 247 5.13 26.41 18.83
C GLN B 247 6.23 25.35 18.77
N LYS B 248 5.85 24.12 18.43
CA LYS B 248 6.81 23.02 18.33
C LYS B 248 7.82 23.24 17.21
N LEU B 249 7.33 23.74 16.08
CA LEU B 249 8.20 24.01 14.94
C LEU B 249 9.21 25.08 15.31
N TYR B 250 8.75 26.08 16.04
CA TYR B 250 9.60 27.19 16.47
C TYR B 250 10.67 26.75 17.47
N THR B 251 10.23 26.14 18.55
CA THR B 251 11.14 25.71 19.61
C THR B 251 11.93 24.44 19.36
N ASP B 252 11.28 23.41 18.83
CA ASP B 252 11.97 22.14 18.58
C ASP B 252 12.58 22.01 17.20
N GLY B 253 11.93 22.56 16.18
CA GLY B 253 12.49 22.51 14.84
C GLY B 253 11.94 21.53 13.82
N ALA B 254 12.83 21.09 12.93
CA ALA B 254 12.51 20.19 11.82
C ALA B 254 11.84 18.87 12.20
N GLU B 255 11.98 18.46 13.46
CA GLU B 255 11.35 17.22 13.91
C GLU B 255 9.86 17.24 13.61
N TYR B 256 9.26 18.43 13.55
CA TYR B 256 7.84 18.55 13.30
C TYR B 256 7.48 19.06 11.90
N ALA B 257 8.49 19.21 11.06
CA ALA B 257 8.29 19.70 9.69
C ALA B 257 7.75 18.61 8.76
N GLU B 258 6.48 18.27 8.94
CA GLU B 258 5.82 17.24 8.14
C GLU B 258 4.35 17.62 7.99
N GLY B 259 3.54 16.66 7.56
CA GLY B 259 2.11 16.90 7.40
C GLY B 259 1.36 16.42 8.64
N TRP B 260 0.30 17.13 9.02
CA TRP B 260 -0.49 16.78 10.20
C TRP B 260 -2.00 16.86 10.03
N ASN B 261 -2.70 15.81 10.46
CA ASN B 261 -4.16 15.74 10.40
C ASN B 261 -4.77 16.27 11.71
N PHE B 262 -5.85 17.03 11.60
CA PHE B 262 -6.57 17.51 12.78
C PHE B 262 -8.06 17.31 12.50
N GLY B 263 -8.73 16.63 13.44
CA GLY B 263 -10.15 16.37 13.28
C GLY B 263 -10.75 15.89 14.58
N PRO B 264 -12.08 15.74 14.64
CA PRO B 264 -12.80 15.29 15.84
C PRO B 264 -12.72 13.77 16.03
N ASN B 265 -13.10 13.32 17.21
CA ASN B 265 -13.10 11.88 17.48
C ASN B 265 -14.26 11.26 16.69
N ASP B 266 -14.05 10.08 16.15
CA ASP B 266 -15.08 9.42 15.37
C ASP B 266 -16.34 9.14 16.18
N ALA B 267 -16.17 8.92 17.48
CA ALA B 267 -17.31 8.64 18.36
C ALA B 267 -18.23 9.85 18.42
N ASP B 268 -17.72 11.00 18.01
CA ASP B 268 -18.48 12.26 18.04
C ASP B 268 -19.27 12.45 16.75
N ALA B 269 -19.04 11.59 15.78
CA ALA B 269 -19.71 11.65 14.47
C ALA B 269 -21.23 11.68 14.60
N THR B 270 -21.86 12.68 13.97
CA THR B 270 -23.31 12.84 14.04
C THR B 270 -23.94 13.18 12.69
N PRO B 271 -25.15 12.64 12.42
CA PRO B 271 -25.85 12.90 11.16
C PRO B 271 -26.51 14.29 11.18
N VAL B 272 -26.75 14.86 10.00
CA VAL B 272 -27.35 16.19 9.90
C VAL B 272 -28.73 16.30 10.57
N LYS B 273 -29.54 15.26 10.47
CA LYS B 273 -30.86 15.29 11.07
C LYS B 273 -30.73 15.60 12.57
N ASN B 274 -29.78 14.94 13.22
CA ASN B 274 -29.53 15.14 14.64
C ASN B 274 -29.00 16.56 14.86
N ILE B 275 -28.08 16.99 14.01
CA ILE B 275 -27.50 18.33 14.11
C ILE B 275 -28.61 19.37 14.04
N VAL B 276 -29.49 19.23 13.05
CA VAL B 276 -30.59 20.16 12.88
C VAL B 276 -31.48 20.19 14.12
N GLU B 277 -31.80 19.00 14.63
CA GLU B 277 -32.63 18.88 15.82
C GLU B 277 -32.06 19.64 17.00
N GLN B 278 -30.78 19.41 17.29
CA GLN B 278 -30.13 20.07 18.41
C GLN B 278 -30.16 21.59 18.24
N MET B 279 -29.83 22.04 17.03
CA MET B 279 -29.81 23.46 16.75
C MET B 279 -31.20 24.08 16.87
N VAL B 280 -32.22 23.35 16.44
CA VAL B 280 -33.59 23.84 16.54
C VAL B 280 -33.91 24.02 18.02
N LYS B 281 -33.52 23.05 18.83
CA LYS B 281 -33.77 23.10 20.26
C LYS B 281 -32.98 24.22 20.93
N TYR B 282 -31.75 24.42 20.48
CA TYR B 282 -30.90 25.46 21.02
C TYR B 282 -31.43 26.85 20.67
N TRP B 283 -31.92 26.99 19.45
CA TRP B 283 -32.45 28.26 19.00
C TRP B 283 -33.79 28.53 19.68
N GLY B 284 -34.74 27.63 19.49
CA GLY B 284 -36.05 27.79 20.11
C GLY B 284 -37.09 28.37 19.16
N GLU B 285 -37.97 29.22 19.68
CA GLU B 285 -39.01 29.83 18.88
C GLU B 285 -38.46 30.45 17.60
N GLY B 286 -39.04 30.06 16.48
CA GLY B 286 -38.59 30.57 15.19
C GLY B 286 -37.66 29.61 14.50
N ALA B 287 -37.61 28.37 14.99
CA ALA B 287 -36.75 27.35 14.43
C ALA B 287 -37.53 26.07 14.15
N SER B 288 -37.33 25.49 12.97
CA SER B 288 -38.00 24.26 12.57
C SER B 288 -37.31 23.66 11.35
N TRP B 289 -37.78 22.50 10.90
CA TRP B 289 -37.18 21.84 9.75
C TRP B 289 -38.10 20.78 9.15
N GLN B 290 -37.80 20.37 7.92
CA GLN B 290 -38.59 19.35 7.22
C GLN B 290 -37.75 18.64 6.17
N HIS B 301 -20.00 5.45 3.77
CA HIS B 301 -18.75 6.04 4.28
C HIS B 301 -18.72 7.55 4.02
N TYR B 302 -17.74 8.21 4.62
CA TYR B 302 -17.57 9.65 4.47
C TYR B 302 -16.10 10.00 4.72
N LEU B 303 -15.62 11.06 4.08
CA LEU B 303 -14.22 11.44 4.23
C LEU B 303 -13.88 11.83 5.67
N LYS B 304 -12.89 11.15 6.25
CA LYS B 304 -12.45 11.46 7.60
C LYS B 304 -10.95 11.24 7.73
N LEU B 305 -10.37 11.76 8.81
CA LEU B 305 -8.93 11.68 9.02
C LEU B 305 -8.55 10.94 10.29
N ASP B 306 -7.41 10.27 10.24
CA ASP B 306 -6.91 9.58 11.42
C ASP B 306 -5.95 10.59 12.03
N CYS B 307 -6.24 11.04 13.26
CA CYS B 307 -5.40 12.03 13.91
C CYS B 307 -4.53 11.47 15.03
N SER B 308 -4.09 10.23 14.87
CA SER B 308 -3.25 9.59 15.88
C SER B 308 -1.90 10.30 15.98
N LYS B 309 -1.39 10.80 14.86
CA LYS B 309 -0.10 11.48 14.84
C LYS B 309 -0.10 12.75 15.68
N ALA B 310 -1.10 13.60 15.49
CA ALA B 310 -1.21 14.83 16.25
C ALA B 310 -1.29 14.51 17.74
N LYS B 311 -2.06 13.49 18.08
CA LYS B 311 -2.22 13.09 19.47
C LYS B 311 -0.93 12.58 20.12
N MET B 312 -0.30 11.61 19.47
CA MET B 312 0.91 10.99 19.99
C MET B 312 2.17 11.86 19.97
N GLN B 313 2.33 12.64 18.91
CA GLN B 313 3.53 13.47 18.79
C GLN B 313 3.37 14.91 19.24
N LEU B 314 2.16 15.46 19.18
CA LEU B 314 1.95 16.85 19.62
C LEU B 314 1.24 16.94 20.95
N GLY B 315 0.62 15.85 21.38
CA GLY B 315 -0.13 15.86 22.63
C GLY B 315 -1.41 16.63 22.40
N TRP B 316 -1.82 16.71 21.13
CA TRP B 316 -3.03 17.42 20.78
C TRP B 316 -4.27 16.54 20.97
N HIS B 317 -5.40 17.19 21.20
CA HIS B 317 -6.68 16.49 21.36
C HIS B 317 -7.80 17.51 21.33
N PRO B 318 -8.96 17.14 20.76
CA PRO B 318 -10.12 18.04 20.70
C PRO B 318 -10.59 18.35 22.12
N ARG B 319 -11.39 19.40 22.29
CA ARG B 319 -11.89 19.77 23.62
C ARG B 319 -13.40 19.83 23.73
N TRP B 320 -14.07 20.12 22.62
CA TRP B 320 -15.51 20.24 22.65
C TRP B 320 -16.27 19.18 21.85
N ASN B 321 -17.31 18.61 22.46
CA ASN B 321 -18.11 17.63 21.76
C ASN B 321 -19.01 18.45 20.83
N LEU B 322 -19.63 17.79 19.85
CA LEU B 322 -20.49 18.47 18.90
C LEU B 322 -21.62 19.27 19.53
N ASN B 323 -22.23 18.73 20.58
CA ASN B 323 -23.33 19.41 21.26
C ASN B 323 -22.89 20.79 21.75
N THR B 324 -21.80 20.81 22.51
CA THR B 324 -21.27 22.05 23.04
C THR B 324 -20.99 23.01 21.90
N THR B 325 -20.37 22.49 20.84
CA THR B 325 -20.05 23.30 19.68
C THR B 325 -21.29 23.92 19.07
N LEU B 326 -22.33 23.12 18.86
CA LEU B 326 -23.56 23.62 18.28
C LEU B 326 -24.19 24.69 19.17
N GLU B 327 -24.11 24.49 20.49
CA GLU B 327 -24.68 25.46 21.42
C GLU B 327 -23.98 26.81 21.28
N TYR B 328 -22.66 26.80 21.24
CA TYR B 328 -21.90 28.03 21.11
C TYR B 328 -22.13 28.67 19.75
N ILE B 329 -22.38 27.85 18.75
CA ILE B 329 -22.66 28.38 17.43
C ILE B 329 -23.94 29.20 17.52
N VAL B 330 -24.98 28.61 18.11
CA VAL B 330 -26.25 29.30 18.25
C VAL B 330 -26.08 30.54 19.11
N GLY B 331 -25.32 30.41 20.19
CA GLY B 331 -25.09 31.54 21.07
C GLY B 331 -24.44 32.69 20.34
N TRP B 332 -23.39 32.39 19.59
CA TRP B 332 -22.66 33.41 18.85
C TRP B 332 -23.59 34.12 17.85
N HIS B 333 -24.33 33.33 17.07
CA HIS B 333 -25.23 33.90 16.06
C HIS B 333 -26.42 34.69 16.62
N LYS B 334 -27.09 34.16 17.64
CA LYS B 334 -28.21 34.89 18.23
C LYS B 334 -27.72 36.21 18.79
N ASN B 335 -26.52 36.19 19.39
CA ASN B 335 -25.94 37.39 19.94
C ASN B 335 -25.61 38.41 18.85
N TRP B 336 -25.17 37.91 17.70
CA TRP B 336 -24.85 38.79 16.59
C TRP B 336 -26.13 39.54 16.22
N LEU B 337 -27.21 38.80 16.04
CA LEU B 337 -28.50 39.38 15.69
C LEU B 337 -28.99 40.35 16.76
N SER B 338 -28.62 40.10 18.00
CA SER B 338 -29.04 40.93 19.13
C SER B 338 -28.27 42.23 19.28
N GLY B 339 -27.19 42.39 18.52
CA GLY B 339 -26.41 43.61 18.61
C GLY B 339 -25.26 43.60 19.60
N THR B 340 -24.85 42.42 20.04
CA THR B 340 -23.74 42.28 20.98
C THR B 340 -22.41 42.66 20.30
N ASP B 341 -21.46 43.15 21.08
CA ASP B 341 -20.14 43.50 20.56
C ASP B 341 -19.49 42.16 20.26
N MET B 342 -19.41 41.80 18.98
CA MET B 342 -18.84 40.51 18.61
C MET B 342 -17.32 40.41 18.67
N HIS B 343 -16.64 41.55 18.83
CA HIS B 343 -15.19 41.49 18.97
C HIS B 343 -14.92 40.91 20.36
N GLU B 344 -15.53 41.51 21.37
CA GLU B 344 -15.34 41.05 22.75
C GLU B 344 -15.97 39.66 22.93
N TYR B 345 -17.11 39.43 22.32
CA TYR B 345 -17.77 38.13 22.45
C TYR B 345 -16.87 37.03 21.91
N SER B 346 -16.25 37.27 20.76
CA SER B 346 -15.35 36.29 20.15
C SER B 346 -14.12 36.06 20.99
N ILE B 347 -13.62 37.11 21.63
CA ILE B 347 -12.44 36.99 22.48
C ILE B 347 -12.78 36.08 23.66
N THR B 348 -13.97 36.28 24.22
CA THR B 348 -14.42 35.47 25.35
C THR B 348 -14.59 34.02 24.91
N GLU B 349 -15.03 33.81 23.68
CA GLU B 349 -15.21 32.46 23.18
C GLU B 349 -13.85 31.76 23.15
N ILE B 350 -12.84 32.48 22.69
CA ILE B 350 -11.50 31.93 22.64
C ILE B 350 -11.04 31.60 24.07
N ASN B 351 -11.34 32.50 25.01
CA ASN B 351 -10.95 32.27 26.40
C ASN B 351 -11.66 31.04 26.96
N ASN B 352 -12.95 30.89 26.63
CA ASN B 352 -13.72 29.75 27.10
C ASN B 352 -13.09 28.46 26.60
N TYR B 353 -12.64 28.49 25.35
CA TYR B 353 -12.00 27.31 24.75
C TYR B 353 -10.71 27.01 25.49
N MET B 354 -9.89 28.04 25.67
CA MET B 354 -8.62 27.91 26.37
C MET B 354 -8.81 27.34 27.77
N ASN B 355 -9.91 27.74 28.42
CA ASN B 355 -10.25 27.29 29.77
C ASN B 355 -10.71 25.86 29.86
N THR B 356 -11.19 25.33 28.74
CA THR B 356 -11.70 23.97 28.72
C THR B 356 -10.69 22.93 29.17
N LYS B 357 -11.04 22.25 30.26
CA LYS B 357 -10.24 21.21 30.91
C LYS B 357 -9.37 21.79 32.01
N ILE C 2 -27.92 -6.39 20.48
CA ILE C 2 -27.96 -7.87 20.60
C ILE C 2 -29.36 -8.35 20.95
N ASN C 3 -29.97 -9.08 20.02
CA ASN C 3 -31.33 -9.59 20.17
C ASN C 3 -31.40 -10.89 20.96
N ASN C 4 -31.88 -10.80 22.19
CA ASN C 4 -32.01 -11.97 23.05
C ASN C 4 -32.96 -12.99 22.44
N SER C 5 -34.04 -12.50 21.85
CA SER C 5 -35.04 -13.36 21.22
C SER C 5 -34.39 -14.30 20.20
N PHE C 6 -33.50 -13.75 19.37
CA PHE C 6 -32.81 -14.51 18.33
C PHE C 6 -32.09 -15.75 18.86
N TRP C 7 -31.39 -15.60 19.98
CA TRP C 7 -30.62 -16.70 20.56
C TRP C 7 -31.43 -17.83 21.18
N GLN C 8 -32.68 -17.55 21.51
CA GLN C 8 -33.53 -18.56 22.13
C GLN C 8 -33.61 -19.82 21.27
N GLY C 9 -33.16 -20.94 21.82
CA GLY C 9 -33.22 -22.20 21.10
C GLY C 9 -32.17 -22.46 20.03
N LYS C 10 -31.28 -21.51 19.79
CA LYS C 10 -30.24 -21.71 18.78
C LYS C 10 -29.21 -22.72 19.27
N ARG C 11 -28.79 -23.61 18.38
CA ARG C 11 -27.78 -24.61 18.75
C ARG C 11 -26.41 -23.99 18.46
N VAL C 12 -25.69 -23.66 19.51
CA VAL C 12 -24.39 -23.02 19.40
C VAL C 12 -23.25 -23.90 19.93
N PHE C 13 -22.23 -24.07 19.10
CA PHE C 13 -21.06 -24.88 19.44
C PHE C 13 -19.92 -23.91 19.72
N VAL C 14 -19.30 -24.04 20.89
CA VAL C 14 -18.21 -23.15 21.27
C VAL C 14 -16.92 -23.88 21.66
N THR C 15 -15.86 -23.70 20.88
CA THR C 15 -14.60 -24.34 21.25
C THR C 15 -13.95 -23.35 22.22
N GLY C 16 -13.23 -23.86 23.21
CA GLY C 16 -12.58 -22.99 24.17
C GLY C 16 -13.52 -22.45 25.24
N HIS C 17 -14.62 -23.17 25.48
CA HIS C 17 -15.59 -22.75 26.48
C HIS C 17 -15.06 -22.82 27.92
N THR C 18 -13.96 -23.54 28.13
CA THR C 18 -13.40 -23.66 29.48
C THR C 18 -12.43 -22.54 29.81
N GLY C 19 -12.25 -21.62 28.87
CA GLY C 19 -11.33 -20.51 29.07
C GLY C 19 -12.02 -19.24 29.52
N PHE C 20 -11.24 -18.16 29.60
CA PHE C 20 -11.73 -16.86 30.03
C PHE C 20 -12.81 -16.28 29.13
N LYS C 21 -12.47 -16.00 27.87
CA LYS C 21 -13.46 -15.43 26.95
C LYS C 21 -14.56 -16.43 26.64
N GLY C 22 -14.19 -17.70 26.48
CA GLY C 22 -15.16 -18.73 26.18
C GLY C 22 -16.18 -18.92 27.27
N GLY C 23 -15.75 -18.79 28.53
CA GLY C 23 -16.65 -18.95 29.64
C GLY C 23 -17.66 -17.81 29.68
N TRP C 24 -17.20 -16.58 29.53
CA TRP C 24 -18.13 -15.46 29.53
C TRP C 24 -19.11 -15.57 28.37
N LEU C 25 -18.62 -15.97 27.19
CA LEU C 25 -19.49 -16.12 26.04
C LEU C 25 -20.53 -17.23 26.26
N SER C 26 -20.07 -18.36 26.79
CA SER C 26 -20.98 -19.48 27.06
C SER C 26 -22.06 -19.08 28.05
N LEU C 27 -21.67 -18.39 29.12
CA LEU C 27 -22.62 -17.93 30.12
C LEU C 27 -23.63 -16.97 29.49
N TRP C 28 -23.13 -16.08 28.62
CA TRP C 28 -23.99 -15.11 27.95
C TRP C 28 -25.01 -15.83 27.08
N LEU C 29 -24.54 -16.78 26.28
CA LEU C 29 -25.41 -17.55 25.40
C LEU C 29 -26.46 -18.31 26.23
N GLN C 30 -26.03 -18.90 27.33
CA GLN C 30 -26.95 -19.64 28.20
C GLN C 30 -28.06 -18.72 28.72
N THR C 31 -27.70 -17.53 29.20
CA THR C 31 -28.70 -16.61 29.73
C THR C 31 -29.71 -16.17 28.67
N MET C 32 -29.32 -16.21 27.40
CA MET C 32 -30.23 -15.83 26.33
C MET C 32 -31.05 -16.99 25.79
N GLY C 33 -30.96 -18.13 26.46
CA GLY C 33 -31.73 -19.30 26.06
C GLY C 33 -31.20 -20.18 24.96
N ALA C 34 -29.93 -20.02 24.59
CA ALA C 34 -29.37 -20.84 23.53
C ALA C 34 -29.04 -22.24 24.06
N THR C 35 -28.98 -23.19 23.13
CA THR C 35 -28.62 -24.57 23.46
C THR C 35 -27.14 -24.63 23.12
N VAL C 36 -26.30 -24.61 24.14
CA VAL C 36 -24.85 -24.58 23.93
C VAL C 36 -24.07 -25.85 24.24
N LYS C 37 -23.08 -26.11 23.39
CA LYS C 37 -22.18 -27.25 23.56
C LYS C 37 -20.76 -26.71 23.45
N GLY C 38 -19.91 -27.11 24.38
CA GLY C 38 -18.53 -26.64 24.37
C GLY C 38 -17.54 -27.78 24.15
N TYR C 39 -16.40 -27.45 23.56
CA TYR C 39 -15.35 -28.43 23.28
C TYR C 39 -14.02 -27.75 23.59
N SER C 40 -13.35 -28.21 24.65
CA SER C 40 -12.07 -27.63 25.08
C SER C 40 -11.27 -28.64 25.88
N LEU C 41 -10.05 -28.27 26.21
CA LEU C 41 -9.22 -29.11 27.07
C LEU C 41 -9.69 -28.65 28.44
N THR C 42 -9.24 -29.33 29.49
CA THR C 42 -9.62 -28.96 30.85
C THR C 42 -9.25 -27.48 31.08
N ALA C 43 -10.04 -26.78 31.88
CA ALA C 43 -9.78 -25.37 32.17
C ALA C 43 -8.27 -25.16 32.36
N PRO C 44 -7.72 -24.12 31.71
CA PRO C 44 -6.30 -23.78 31.77
C PRO C 44 -5.69 -23.37 33.10
N THR C 45 -6.53 -22.96 34.07
CA THR C 45 -6.00 -22.54 35.38
C THR C 45 -6.89 -22.90 36.56
N VAL C 46 -6.34 -22.80 37.75
CA VAL C 46 -7.08 -23.04 39.00
C VAL C 46 -6.68 -21.93 39.95
N PRO C 47 -7.64 -21.07 40.35
CA PRO C 47 -9.05 -21.11 39.94
C PRO C 47 -9.27 -20.78 38.47
N SER C 48 -10.51 -20.95 38.03
CA SER C 48 -10.90 -20.67 36.66
C SER C 48 -12.34 -20.17 36.63
N LEU C 49 -12.66 -19.36 35.63
CA LEU C 49 -14.03 -18.86 35.50
C LEU C 49 -14.92 -20.07 35.31
N PHE C 50 -14.44 -21.04 34.54
CA PHE C 50 -15.20 -22.25 34.25
C PHE C 50 -15.80 -22.87 35.50
N GLU C 51 -14.97 -23.08 36.52
CA GLU C 51 -15.43 -23.68 37.76
C GLU C 51 -16.12 -22.71 38.71
N THR C 52 -15.52 -21.52 38.90
CA THR C 52 -16.11 -20.54 39.81
C THR C 52 -17.49 -20.06 39.38
N ALA C 53 -17.73 -19.96 38.08
CA ALA C 53 -19.02 -19.50 37.59
C ALA C 53 -19.91 -20.62 37.08
N ARG C 54 -19.55 -21.87 37.39
CA ARG C 54 -20.33 -23.03 36.96
C ARG C 54 -20.72 -22.98 35.49
N VAL C 55 -19.76 -22.67 34.63
CA VAL C 55 -20.03 -22.58 33.21
C VAL C 55 -20.65 -23.85 32.59
N ALA C 56 -20.19 -25.02 33.03
CA ALA C 56 -20.69 -26.29 32.47
C ALA C 56 -22.11 -26.68 32.82
N ASP C 57 -22.56 -26.32 34.02
CA ASP C 57 -23.88 -26.71 34.49
C ASP C 57 -25.07 -26.41 33.59
N GLY C 58 -25.01 -25.33 32.82
CA GLY C 58 -26.12 -25.01 31.94
C GLY C 58 -25.89 -25.31 30.48
N MET C 59 -24.97 -26.22 30.18
CA MET C 59 -24.66 -26.55 28.79
C MET C 59 -24.05 -27.93 28.66
N GLN C 60 -23.79 -28.35 27.42
CA GLN C 60 -23.14 -29.63 27.15
C GLN C 60 -21.66 -29.30 27.17
N SER C 61 -20.89 -29.95 28.03
CA SER C 61 -19.47 -29.68 28.12
C SER C 61 -18.63 -30.91 27.76
N GLU C 62 -17.92 -30.84 26.64
CA GLU C 62 -17.07 -31.94 26.21
C GLU C 62 -15.60 -31.57 26.30
N ILE C 63 -14.81 -32.45 26.88
CA ILE C 63 -13.38 -32.21 26.99
C ILE C 63 -12.69 -32.95 25.85
N GLY C 64 -11.99 -32.18 25.00
CA GLY C 64 -11.30 -32.79 23.87
C GLY C 64 -10.28 -31.83 23.30
N ASP C 65 -9.34 -32.38 22.52
CA ASP C 65 -8.30 -31.59 21.90
C ASP C 65 -8.73 -31.25 20.47
N ILE C 66 -8.62 -29.99 20.08
CA ILE C 66 -9.03 -29.60 18.73
C ILE C 66 -8.07 -30.16 17.69
N ARG C 67 -6.94 -30.71 18.14
CA ARG C 67 -5.96 -31.30 17.22
C ARG C 67 -6.36 -32.74 16.89
N ASP C 68 -7.42 -33.21 17.54
CA ASP C 68 -7.93 -34.56 17.30
C ASP C 68 -9.02 -34.36 16.25
N GLN C 69 -8.64 -34.41 14.98
CA GLN C 69 -9.55 -34.18 13.88
C GLN C 69 -10.87 -34.96 13.91
N ASN C 70 -10.79 -36.27 14.11
CA ASN C 70 -12.02 -37.06 14.12
C ASN C 70 -12.89 -36.83 15.35
N LYS C 71 -12.27 -36.69 16.51
CA LYS C 71 -13.04 -36.46 17.73
C LYS C 71 -13.78 -35.13 17.65
N LEU C 72 -13.18 -34.14 16.97
CA LEU C 72 -13.81 -32.84 16.82
C LEU C 72 -14.95 -32.95 15.81
N LEU C 73 -14.73 -33.69 14.74
CA LEU C 73 -15.74 -33.89 13.70
C LEU C 73 -16.98 -34.55 14.32
N GLU C 74 -16.74 -35.59 15.11
CA GLU C 74 -17.83 -36.31 15.77
C GLU C 74 -18.59 -35.44 16.77
N SER C 75 -17.83 -34.68 17.56
CA SER C 75 -18.45 -33.80 18.55
C SER C 75 -19.38 -32.80 17.87
N ILE C 76 -18.99 -32.32 16.70
CA ILE C 76 -19.79 -31.37 15.96
C ILE C 76 -20.97 -32.05 15.25
N ARG C 77 -20.70 -33.17 14.59
CA ARG C 77 -21.74 -33.91 13.88
C ARG C 77 -22.84 -34.37 14.83
N GLU C 78 -22.44 -34.80 16.02
CA GLU C 78 -23.39 -35.25 17.04
C GLU C 78 -24.32 -34.10 17.45
N PHE C 79 -23.76 -32.90 17.55
CA PHE C 79 -24.52 -31.73 17.98
C PHE C 79 -25.33 -30.99 16.91
N GLN C 80 -24.87 -31.01 15.66
CA GLN C 80 -25.58 -30.32 14.57
C GLN C 80 -25.80 -28.83 14.88
N PRO C 81 -24.71 -28.09 15.14
CA PRO C 81 -24.85 -26.66 15.46
C PRO C 81 -25.24 -25.82 14.25
N GLU C 82 -25.89 -24.69 14.51
CA GLU C 82 -26.29 -23.76 13.44
C GLU C 82 -25.30 -22.60 13.51
N ILE C 83 -24.71 -22.42 14.68
CA ILE C 83 -23.75 -21.35 14.90
C ILE C 83 -22.52 -21.88 15.64
N VAL C 84 -21.35 -21.47 15.18
CA VAL C 84 -20.10 -21.91 15.79
C VAL C 84 -19.17 -20.75 16.13
N PHE C 85 -18.64 -20.77 17.34
CA PHE C 85 -17.68 -19.77 17.79
C PHE C 85 -16.40 -20.55 18.10
N HIS C 86 -15.34 -20.29 17.33
CA HIS C 86 -14.08 -20.98 17.55
C HIS C 86 -13.14 -20.11 18.38
N MET C 87 -13.02 -20.42 19.66
CA MET C 87 -12.15 -19.67 20.54
C MET C 87 -10.99 -20.46 21.12
N ALA C 88 -10.98 -21.77 20.89
CA ALA C 88 -9.90 -22.60 21.41
C ALA C 88 -8.59 -22.30 20.68
N ALA C 89 -7.53 -22.12 21.46
CA ALA C 89 -6.22 -21.83 20.89
C ALA C 89 -5.17 -21.76 22.00
N GLN C 90 -3.90 -21.83 21.60
CA GLN C 90 -2.78 -21.69 22.53
C GLN C 90 -2.67 -20.16 22.42
N PRO C 91 -3.16 -19.44 23.43
CA PRO C 91 -3.16 -17.97 23.45
C PRO C 91 -1.98 -17.20 24.00
N LEU C 92 -0.94 -17.89 24.49
CA LEU C 92 0.19 -17.19 25.08
C LEU C 92 1.42 -17.01 24.20
N VAL C 93 1.89 -15.77 24.10
CA VAL C 93 3.06 -15.46 23.28
C VAL C 93 4.29 -16.11 23.92
N ARG C 94 4.46 -15.89 25.22
CA ARG C 94 5.60 -16.44 25.95
C ARG C 94 5.74 -17.93 25.67
N LEU C 95 4.69 -18.68 25.92
CA LEU C 95 4.72 -20.12 25.70
C LEU C 95 5.04 -20.51 24.26
N SER C 96 4.55 -19.73 23.30
CA SER C 96 4.79 -20.04 21.89
C SER C 96 6.28 -20.07 21.55
N TYR C 97 7.09 -19.38 22.35
CA TYR C 97 8.53 -19.37 22.12
C TYR C 97 9.16 -20.69 22.56
N SER C 98 8.59 -21.33 23.56
CA SER C 98 9.14 -22.59 24.04
C SER C 98 8.44 -23.80 23.42
N GLU C 99 7.23 -23.58 22.91
CA GLU C 99 6.45 -24.64 22.29
C GLU C 99 5.86 -24.14 20.97
N PRO C 100 6.72 -23.77 20.01
CA PRO C 100 6.22 -23.28 18.72
C PRO C 100 5.37 -24.30 17.95
N VAL C 101 5.81 -25.55 17.90
CA VAL C 101 5.10 -26.58 17.16
C VAL C 101 3.67 -26.76 17.68
N GLU C 102 3.52 -26.88 19.00
CA GLU C 102 2.19 -27.04 19.59
C GLU C 102 1.32 -25.82 19.29
N THR C 103 1.93 -24.64 19.24
CA THR C 103 1.18 -23.41 18.96
C THR C 103 0.61 -23.46 17.56
N TYR C 104 1.45 -23.83 16.60
CA TYR C 104 1.01 -23.93 15.22
C TYR C 104 0.00 -25.05 15.01
N SER C 105 0.25 -26.21 15.61
CA SER C 105 -0.69 -27.32 15.46
C SER C 105 -2.05 -26.94 16.03
N THR C 106 -2.05 -26.33 17.21
CA THR C 106 -3.31 -25.94 17.85
C THR C 106 -4.02 -24.80 17.13
N ASN C 107 -3.31 -23.72 16.85
CA ASN C 107 -3.92 -22.56 16.22
C ASN C 107 -4.19 -22.65 14.72
N VAL C 108 -3.29 -23.31 14.00
CA VAL C 108 -3.48 -23.46 12.56
C VAL C 108 -4.25 -24.74 12.22
N MET C 109 -3.69 -25.91 12.54
CA MET C 109 -4.40 -27.14 12.21
C MET C 109 -5.73 -27.26 12.96
N GLY C 110 -5.78 -26.75 14.19
CA GLY C 110 -7.01 -26.80 14.95
C GLY C 110 -8.12 -26.08 14.19
N THR C 111 -7.77 -24.93 13.63
CA THR C 111 -8.72 -24.15 12.84
C THR C 111 -9.08 -24.92 11.56
N VAL C 112 -8.07 -25.53 10.94
CA VAL C 112 -8.33 -26.32 9.73
C VAL C 112 -9.30 -27.46 10.04
N TYR C 113 -9.06 -28.19 11.13
CA TYR C 113 -9.93 -29.31 11.51
C TYR C 113 -11.37 -28.84 11.81
N LEU C 114 -11.50 -27.69 12.44
CA LEU C 114 -12.82 -27.15 12.76
C LEU C 114 -13.60 -26.83 11.48
N LEU C 115 -12.95 -26.10 10.57
CA LEU C 115 -13.57 -25.73 9.30
C LEU C 115 -13.88 -26.96 8.44
N GLU C 116 -13.00 -27.95 8.49
CA GLU C 116 -13.23 -29.18 7.71
C GLU C 116 -14.47 -29.91 8.25
N ALA C 117 -14.60 -29.96 9.58
CA ALA C 117 -15.74 -30.61 10.20
C ALA C 117 -17.02 -29.91 9.79
N ILE C 118 -17.00 -28.58 9.83
CA ILE C 118 -18.17 -27.79 9.47
C ILE C 118 -18.54 -28.03 8.01
N ARG C 119 -17.52 -28.12 7.16
CA ARG C 119 -17.71 -28.36 5.74
C ARG C 119 -18.46 -29.67 5.48
N HIS C 120 -18.07 -30.73 6.17
CA HIS C 120 -18.70 -32.03 5.98
C HIS C 120 -20.02 -32.27 6.72
N VAL C 121 -20.14 -31.74 7.93
CA VAL C 121 -21.37 -31.93 8.70
C VAL C 121 -22.53 -31.18 8.06
N GLY C 122 -22.26 -29.96 7.59
CA GLY C 122 -23.31 -29.17 6.96
C GLY C 122 -24.29 -28.58 7.95
N GLY C 123 -25.15 -27.69 7.46
CA GLY C 123 -26.15 -27.07 8.32
C GLY C 123 -25.70 -25.89 9.15
N VAL C 124 -24.40 -25.65 9.22
CA VAL C 124 -23.91 -24.50 10.00
C VAL C 124 -24.17 -23.23 9.20
N LYS C 125 -24.89 -22.30 9.83
CA LYS C 125 -25.24 -21.04 9.18
C LYS C 125 -24.24 -19.91 9.42
N ALA C 126 -23.66 -19.88 10.62
CA ALA C 126 -22.70 -18.83 10.96
C ALA C 126 -21.50 -19.36 11.71
N VAL C 127 -20.31 -18.95 11.26
CA VAL C 127 -19.06 -19.36 11.89
C VAL C 127 -18.28 -18.11 12.23
N VAL C 128 -17.92 -17.97 13.51
CA VAL C 128 -17.15 -16.83 13.96
C VAL C 128 -15.86 -17.38 14.53
N ASN C 129 -14.78 -17.17 13.79
CA ASN C 129 -13.47 -17.66 14.20
C ASN C 129 -12.67 -16.56 14.88
N ILE C 130 -12.40 -16.75 16.16
CA ILE C 130 -11.63 -15.79 16.94
C ILE C 130 -10.14 -16.01 16.67
N THR C 131 -9.50 -14.99 16.10
CA THR C 131 -8.07 -15.09 15.83
C THR C 131 -7.36 -14.23 16.87
N SER C 132 -6.95 -13.01 16.50
CA SER C 132 -6.27 -12.15 17.46
C SER C 132 -5.98 -10.79 16.87
N ASP C 133 -5.79 -9.79 17.73
CA ASP C 133 -5.44 -8.46 17.25
C ASP C 133 -4.00 -8.55 16.74
N LYS C 134 -3.29 -9.60 17.15
CA LYS C 134 -1.90 -9.81 16.74
C LYS C 134 -1.71 -10.52 15.40
N CYS C 135 -2.80 -10.74 14.65
CA CYS C 135 -2.67 -11.43 13.37
C CYS C 135 -2.04 -10.53 12.30
N TYR C 136 -2.02 -9.22 12.53
CA TYR C 136 -1.48 -8.28 11.56
C TYR C 136 0.03 -8.20 11.51
N ASP C 137 0.57 -8.12 10.30
CA ASP C 137 2.00 -7.96 10.12
C ASP C 137 2.27 -6.64 10.85
N ASN C 138 3.20 -6.66 11.80
CA ASN C 138 3.48 -5.46 12.58
C ASN C 138 4.34 -4.41 11.90
N LYS C 139 3.73 -3.27 11.59
CA LYS C 139 4.43 -2.17 10.95
C LYS C 139 5.10 -1.25 11.97
N GLU C 140 4.93 -1.55 13.25
CA GLU C 140 5.52 -0.76 14.32
C GLU C 140 5.24 0.74 14.17
N TRP C 141 3.97 1.09 13.98
CA TRP C 141 3.61 2.49 13.84
C TRP C 141 2.47 2.88 14.78
N ILE C 142 2.15 4.16 14.79
CA ILE C 142 1.12 4.70 15.68
C ILE C 142 -0.32 4.50 15.23
N TRP C 143 -0.53 3.94 14.05
CA TRP C 143 -1.89 3.77 13.55
C TRP C 143 -2.58 2.44 13.79
N GLY C 144 -3.89 2.50 13.98
CA GLY C 144 -4.67 1.29 14.19
C GLY C 144 -4.81 0.55 12.86
N TYR C 145 -4.69 -0.77 12.90
CA TYR C 145 -4.77 -1.56 11.68
C TYR C 145 -6.17 -1.68 11.11
N ARG C 146 -6.24 -1.68 9.78
CA ARG C 146 -7.51 -1.79 9.08
C ARG C 146 -7.61 -3.24 8.61
N GLU C 147 -8.82 -3.76 8.48
CA GLU C 147 -9.02 -5.16 8.10
C GLU C 147 -8.41 -5.62 6.78
N ASN C 148 -8.14 -4.69 5.87
CA ASN C 148 -7.57 -5.04 4.58
C ASN C 148 -6.04 -5.08 4.55
N GLU C 149 -5.40 -4.91 5.70
CA GLU C 149 -3.94 -4.92 5.74
C GLU C 149 -3.34 -6.31 5.94
N ALA C 150 -2.07 -6.44 5.61
CA ALA C 150 -1.34 -7.71 5.66
C ALA C 150 -1.29 -8.50 6.95
N MET C 151 -1.41 -9.82 6.81
CA MET C 151 -1.36 -10.74 7.94
C MET C 151 0.11 -11.10 8.17
N GLY C 152 0.44 -11.48 9.40
CA GLY C 152 1.80 -11.84 9.73
C GLY C 152 1.93 -12.19 11.19
N GLY C 153 2.97 -11.66 11.82
CA GLY C 153 3.20 -11.95 13.22
C GLY C 153 4.66 -12.32 13.46
N TYR C 154 5.26 -11.70 14.48
CA TYR C 154 6.67 -11.91 14.82
C TYR C 154 6.89 -13.25 15.53
N ASP C 155 6.25 -13.40 16.69
CA ASP C 155 6.37 -14.61 17.49
C ASP C 155 5.43 -15.69 16.93
N PRO C 156 5.68 -16.96 17.30
CA PRO C 156 4.86 -18.09 16.84
C PRO C 156 3.36 -17.94 17.10
N TYR C 157 3.00 -17.39 18.25
CA TYR C 157 1.59 -17.20 18.58
C TYR C 157 0.94 -16.21 17.59
N SER C 158 1.51 -15.00 17.52
CA SER C 158 0.99 -13.97 16.63
C SER C 158 0.95 -14.50 15.20
N ASN C 159 2.04 -15.13 14.78
CA ASN C 159 2.13 -15.65 13.43
C ASN C 159 1.12 -16.76 13.16
N SER C 160 0.88 -17.62 14.15
CA SER C 160 -0.08 -18.71 13.97
C SER C 160 -1.47 -18.13 13.77
N LYS C 161 -1.73 -16.96 14.36
CA LYS C 161 -3.04 -16.31 14.22
C LYS C 161 -3.14 -15.70 12.83
N GLY C 162 -2.02 -15.21 12.32
CA GLY C 162 -1.99 -14.67 10.97
C GLY C 162 -2.29 -15.83 10.02
N CYS C 163 -1.71 -17.00 10.31
CA CYS C 163 -1.97 -18.19 9.49
C CYS C 163 -3.44 -18.60 9.58
N ALA C 164 -4.01 -18.53 10.79
CA ALA C 164 -5.41 -18.92 10.98
C ALA C 164 -6.32 -18.03 10.12
N GLU C 165 -5.92 -16.77 9.97
CA GLU C 165 -6.68 -15.84 9.13
C GLU C 165 -6.61 -16.32 7.68
N LEU C 166 -5.40 -16.64 7.21
CA LEU C 166 -5.24 -17.13 5.85
C LEU C 166 -6.08 -18.40 5.64
N VAL C 167 -5.98 -19.35 6.56
CA VAL C 167 -6.73 -20.60 6.46
C VAL C 167 -8.23 -20.34 6.32
N THR C 168 -8.76 -19.46 7.15
CA THR C 168 -10.19 -19.15 7.11
C THR C 168 -10.55 -18.53 5.78
N SER C 169 -9.70 -17.64 5.28
CA SER C 169 -9.94 -16.99 3.99
C SER C 169 -10.01 -18.01 2.85
N SER C 170 -9.08 -18.96 2.83
CA SER C 170 -9.06 -19.98 1.78
C SER C 170 -10.25 -20.93 1.89
N TYR C 171 -10.57 -21.36 3.10
CA TYR C 171 -11.70 -22.27 3.28
C TYR C 171 -12.99 -21.61 2.81
N ARG C 172 -13.14 -20.33 3.13
CA ARG C 172 -14.33 -19.58 2.73
C ARG C 172 -14.39 -19.48 1.21
N ASN C 173 -13.29 -19.07 0.59
CA ASN C 173 -13.23 -18.92 -0.86
C ASN C 173 -13.44 -20.24 -1.61
N SER C 174 -12.86 -21.30 -1.06
CA SER C 174 -12.93 -22.61 -1.69
C SER C 174 -14.18 -23.43 -1.39
N PHE C 175 -14.65 -23.40 -0.15
CA PHE C 175 -15.79 -24.22 0.24
C PHE C 175 -17.05 -23.51 0.75
N PHE C 176 -16.92 -22.24 1.14
CA PHE C 176 -18.08 -21.49 1.64
C PHE C 176 -18.14 -20.17 0.88
N ASN C 177 -17.86 -20.23 -0.41
CA ASN C 177 -17.84 -19.05 -1.26
C ASN C 177 -19.20 -18.35 -1.30
N PRO C 178 -19.21 -17.01 -1.16
CA PRO C 178 -20.44 -16.23 -1.19
C PRO C 178 -21.27 -16.51 -2.44
N ALA C 179 -20.58 -16.74 -3.54
CA ALA C 179 -21.23 -17.02 -4.81
C ALA C 179 -22.06 -18.31 -4.76
N ASN C 180 -21.76 -19.17 -3.80
CA ASN C 180 -22.48 -20.43 -3.67
C ASN C 180 -23.28 -20.53 -2.37
N TYR C 181 -23.47 -19.39 -1.71
CA TYR C 181 -24.20 -19.37 -0.44
C TYR C 181 -25.55 -20.08 -0.56
N GLY C 182 -26.22 -19.89 -1.69
CA GLY C 182 -27.52 -20.51 -1.88
C GLY C 182 -27.48 -22.02 -1.79
N GLN C 183 -26.28 -22.59 -1.81
CA GLN C 183 -26.13 -24.04 -1.74
C GLN C 183 -25.68 -24.51 -0.36
N HIS C 184 -24.54 -23.99 0.11
CA HIS C 184 -24.01 -24.40 1.42
C HIS C 184 -24.64 -23.65 2.58
N GLY C 185 -24.98 -22.38 2.37
CA GLY C 185 -25.60 -21.59 3.42
C GLY C 185 -24.74 -21.24 4.62
N THR C 186 -23.43 -21.34 4.49
CA THR C 186 -22.55 -21.04 5.61
C THR C 186 -21.83 -19.70 5.45
N ALA C 187 -22.00 -18.81 6.43
CA ALA C 187 -21.36 -17.49 6.41
C ALA C 187 -20.21 -17.54 7.42
N VAL C 188 -18.99 -17.48 6.92
CA VAL C 188 -17.79 -17.57 7.76
C VAL C 188 -17.03 -16.25 7.92
N ALA C 189 -16.73 -15.89 9.17
CA ALA C 189 -16.01 -14.65 9.46
C ALA C 189 -14.94 -14.85 10.52
N THR C 190 -14.01 -13.90 10.59
CA THR C 190 -12.98 -13.92 11.61
C THR C 190 -13.14 -12.64 12.41
N VAL C 191 -12.79 -12.69 13.69
CA VAL C 191 -12.89 -11.53 14.56
C VAL C 191 -11.53 -11.30 15.23
N ARG C 192 -11.11 -10.04 15.22
CA ARG C 192 -9.82 -9.67 15.77
C ARG C 192 -9.95 -8.70 16.92
N ALA C 193 -9.45 -9.09 18.08
CA ALA C 193 -9.52 -8.26 19.28
C ALA C 193 -8.44 -8.67 20.26
N GLY C 194 -8.07 -7.76 21.17
CA GLY C 194 -7.05 -8.10 22.14
C GLY C 194 -7.18 -7.29 23.41
N ASN C 195 -6.22 -7.46 24.32
CA ASN C 195 -6.20 -6.73 25.59
C ASN C 195 -7.52 -6.84 26.34
N VAL C 196 -8.04 -8.05 26.43
CA VAL C 196 -9.31 -8.29 27.10
C VAL C 196 -9.11 -8.47 28.60
N ILE C 197 -9.90 -7.76 29.40
CA ILE C 197 -9.81 -7.87 30.85
C ILE C 197 -11.21 -8.05 31.44
N GLY C 198 -11.25 -8.60 32.65
CA GLY C 198 -12.52 -8.82 33.31
C GLY C 198 -12.38 -9.72 34.52
N GLY C 199 -13.46 -9.85 35.27
CA GLY C 199 -13.41 -10.72 36.43
C GLY C 199 -13.30 -12.15 35.91
N GLY C 200 -12.56 -13.00 36.62
CA GLY C 200 -12.46 -14.38 36.20
C GLY C 200 -11.30 -14.80 35.31
N ASP C 201 -10.35 -13.89 35.05
CA ASP C 201 -9.20 -14.29 34.24
C ASP C 201 -8.04 -14.51 35.18
N TRP C 202 -7.63 -15.77 35.31
CA TRP C 202 -6.53 -16.10 36.20
C TRP C 202 -5.25 -16.45 35.47
N ALA C 203 -5.13 -15.96 34.24
CA ALA C 203 -3.92 -16.20 33.46
C ALA C 203 -2.76 -15.58 34.26
N LEU C 204 -1.58 -16.16 34.11
CA LEU C 204 -0.41 -15.67 34.82
C LEU C 204 0.26 -14.52 34.08
N ASP C 205 0.96 -13.69 34.84
CA ASP C 205 1.67 -12.54 34.29
C ASP C 205 0.85 -11.64 33.38
N ARG C 206 -0.30 -11.21 33.90
CA ARG C 206 -1.19 -10.29 33.20
C ARG C 206 -1.44 -9.23 34.25
N ILE C 207 -1.22 -7.97 33.88
CA ILE C 207 -1.36 -6.87 34.83
C ILE C 207 -2.62 -6.80 35.68
N VAL C 208 -3.80 -6.87 35.07
CA VAL C 208 -5.02 -6.78 35.87
C VAL C 208 -5.09 -7.95 36.86
N PRO C 209 -4.90 -9.19 36.39
CA PRO C 209 -4.95 -10.32 37.32
C PRO C 209 -3.90 -10.21 38.41
N ASP C 210 -2.69 -9.79 38.04
CA ASP C 210 -1.62 -9.64 39.02
C ASP C 210 -1.91 -8.54 40.02
N ILE C 211 -2.62 -7.51 39.57
CA ILE C 211 -2.96 -6.42 40.48
C ILE C 211 -3.91 -6.96 41.54
N LEU C 212 -4.87 -7.77 41.10
CA LEU C 212 -5.86 -8.36 41.99
C LEU C 212 -5.19 -9.34 42.97
N ARG C 213 -4.18 -10.05 42.50
CA ARG C 213 -3.46 -11.00 43.35
C ARG C 213 -2.74 -10.26 44.46
N ALA C 214 -2.23 -9.06 44.12
CA ALA C 214 -1.52 -8.25 45.10
C ALA C 214 -2.51 -7.73 46.14
N PHE C 215 -3.61 -7.14 45.66
CA PHE C 215 -4.65 -6.61 46.54
C PHE C 215 -5.14 -7.74 47.43
N GLU C 216 -5.32 -8.90 46.80
CA GLU C 216 -5.79 -10.12 47.45
C GLU C 216 -4.98 -10.43 48.71
N GLN C 217 -3.66 -10.37 48.58
CA GLN C 217 -2.77 -10.67 49.69
C GLN C 217 -2.31 -9.42 50.43
N SER C 218 -3.02 -8.32 50.23
CA SER C 218 -2.68 -7.06 50.87
C SER C 218 -1.20 -6.73 50.63
N GLN C 219 -0.69 -7.17 49.49
CA GLN C 219 0.70 -6.91 49.12
C GLN C 219 0.72 -5.76 48.11
N PRO C 220 1.71 -4.87 48.22
CA PRO C 220 1.78 -3.76 47.27
C PRO C 220 2.03 -4.30 45.86
N VAL C 221 1.31 -3.78 44.88
CA VAL C 221 1.50 -4.24 43.51
C VAL C 221 2.70 -3.50 42.92
N ILE C 222 3.67 -4.26 42.44
CA ILE C 222 4.88 -3.70 41.85
C ILE C 222 4.63 -3.37 40.38
N ILE C 223 5.01 -2.16 39.98
CA ILE C 223 4.85 -1.73 38.60
C ILE C 223 6.18 -1.58 37.91
N ARG C 224 6.27 -2.07 36.68
CA ARG C 224 7.52 -1.95 35.92
C ARG C 224 7.45 -0.71 35.03
N ASN C 225 6.74 -0.80 33.92
CA ASN C 225 6.62 0.34 33.03
C ASN C 225 5.28 1.03 33.26
N PRO C 226 5.27 2.09 34.08
CA PRO C 226 4.09 2.87 34.43
C PRO C 226 3.46 3.62 33.25
N HIS C 227 4.22 3.74 32.17
CA HIS C 227 3.74 4.45 30.99
C HIS C 227 3.16 3.54 29.91
N ALA C 228 3.30 2.23 30.11
CA ALA C 228 2.81 1.25 29.15
C ALA C 228 1.32 1.48 28.88
N ILE C 229 0.98 1.54 27.60
CA ILE C 229 -0.40 1.74 27.18
C ILE C 229 -0.88 0.60 26.30
N ARG C 230 -2.10 0.15 26.54
CA ARG C 230 -2.70 -0.93 25.77
C ARG C 230 -4.19 -0.61 25.67
N PRO C 231 -4.81 -0.90 24.51
CA PRO C 231 -6.24 -0.61 24.38
C PRO C 231 -7.08 -1.63 25.17
N TRP C 232 -7.05 -1.51 26.49
CA TRP C 232 -7.81 -2.41 27.35
C TRP C 232 -9.31 -2.30 27.13
N GLN C 233 -9.99 -3.43 27.24
CA GLN C 233 -11.45 -3.47 27.08
C GLN C 233 -12.02 -4.61 27.90
N HIS C 234 -13.19 -4.39 28.48
CA HIS C 234 -13.84 -5.42 29.26
C HIS C 234 -14.18 -6.56 28.31
N VAL C 235 -14.04 -7.79 28.79
CA VAL C 235 -14.30 -8.97 27.97
C VAL C 235 -15.65 -8.96 27.28
N LEU C 236 -16.66 -8.36 27.90
CA LEU C 236 -17.99 -8.32 27.27
C LEU C 236 -18.06 -7.41 26.03
N GLU C 237 -17.13 -6.47 25.90
CA GLU C 237 -17.14 -5.55 24.75
C GLU C 237 -16.93 -6.31 23.43
N PRO C 238 -15.79 -7.01 23.27
CA PRO C 238 -15.64 -7.71 21.99
C PRO C 238 -16.68 -8.82 21.84
N LEU C 239 -17.03 -9.48 22.95
CA LEU C 239 -18.02 -10.55 22.88
C LEU C 239 -19.35 -10.04 22.34
N SER C 240 -19.73 -8.82 22.72
CA SER C 240 -20.99 -8.27 22.22
C SER C 240 -20.87 -8.14 20.71
N GLY C 241 -19.67 -7.80 20.24
CA GLY C 241 -19.45 -7.67 18.81
C GLY C 241 -19.54 -9.03 18.12
N TYR C 242 -18.98 -10.06 18.75
CA TYR C 242 -19.03 -11.42 18.19
C TYR C 242 -20.49 -11.88 18.05
N LEU C 243 -21.29 -11.60 19.07
CA LEU C 243 -22.70 -12.00 19.07
C LEU C 243 -23.47 -11.26 17.98
N LEU C 244 -23.24 -9.95 17.89
CA LEU C 244 -23.89 -9.13 16.88
C LEU C 244 -23.55 -9.64 15.49
N LEU C 245 -22.27 -9.93 15.27
CA LEU C 245 -21.82 -10.44 13.98
C LEU C 245 -22.46 -11.79 13.67
N ALA C 246 -22.51 -12.68 14.67
CA ALA C 246 -23.10 -14.00 14.48
C ALA C 246 -24.54 -13.88 14.00
N GLN C 247 -25.29 -12.98 14.63
CA GLN C 247 -26.69 -12.80 14.27
C GLN C 247 -26.79 -12.36 12.81
N LYS C 248 -25.96 -11.41 12.41
CA LYS C 248 -25.98 -10.92 11.04
C LYS C 248 -25.56 -11.98 10.03
N LEU C 249 -24.54 -12.77 10.37
CA LEU C 249 -24.09 -13.83 9.48
C LEU C 249 -25.24 -14.83 9.28
N TYR C 250 -25.96 -15.10 10.37
CA TYR C 250 -27.07 -16.04 10.34
C TYR C 250 -28.23 -15.54 9.50
N THR C 251 -28.72 -14.34 9.82
CA THR C 251 -29.85 -13.74 9.13
C THR C 251 -29.58 -13.13 7.76
N ASP C 252 -28.50 -12.37 7.64
CA ASP C 252 -28.18 -11.73 6.37
C ASP C 252 -27.29 -12.55 5.43
N GLY C 253 -26.35 -13.28 5.99
CA GLY C 253 -25.49 -14.11 5.16
C GLY C 253 -24.06 -13.69 4.85
N ALA C 254 -23.62 -14.10 3.66
CA ALA C 254 -22.26 -13.86 3.18
C ALA C 254 -21.80 -12.41 3.17
N GLU C 255 -22.74 -11.48 3.17
CA GLU C 255 -22.40 -10.06 3.18
C GLU C 255 -21.46 -9.73 4.34
N TYR C 256 -21.56 -10.51 5.40
CA TYR C 256 -20.72 -10.27 6.57
C TYR C 256 -19.60 -11.28 6.77
N ALA C 257 -19.42 -12.16 5.79
CA ALA C 257 -18.38 -13.20 5.86
C ALA C 257 -16.99 -12.64 5.52
N GLU C 258 -16.43 -11.86 6.43
CA GLU C 258 -15.11 -11.25 6.24
C GLU C 258 -14.43 -11.14 7.60
N GLY C 259 -13.37 -10.33 7.66
CA GLY C 259 -12.67 -10.13 8.92
C GLY C 259 -13.15 -8.87 9.62
N TRP C 260 -13.19 -8.89 10.94
CA TRP C 260 -13.68 -7.75 11.71
C TRP C 260 -12.87 -7.40 12.96
N ASN C 261 -12.54 -6.12 13.10
CA ASN C 261 -11.80 -5.61 14.26
C ASN C 261 -12.75 -5.16 15.37
N PHE C 262 -12.40 -5.46 16.61
CA PHE C 262 -13.19 -5.00 17.76
C PHE C 262 -12.21 -4.49 18.81
N GLY C 263 -12.43 -3.25 19.24
CA GLY C 263 -11.55 -2.66 20.23
C GLY C 263 -12.17 -1.42 20.83
N PRO C 264 -11.54 -0.83 21.84
CA PRO C 264 -12.03 0.38 22.52
C PRO C 264 -11.67 1.66 21.77
N ASN C 265 -12.24 2.78 22.20
CA ASN C 265 -11.95 4.05 21.56
C ASN C 265 -10.57 4.48 22.06
N ASP C 266 -9.72 4.93 21.15
CA ASP C 266 -8.37 5.33 21.52
C ASP C 266 -8.38 6.45 22.57
N ALA C 267 -9.46 7.21 22.61
CA ALA C 267 -9.56 8.30 23.59
C ALA C 267 -9.59 7.71 25.00
N ASP C 268 -9.89 6.42 25.06
CA ASP C 268 -9.98 5.67 26.32
C ASP C 268 -8.58 5.18 26.74
N ALA C 269 -7.62 5.24 25.83
CA ALA C 269 -6.26 4.78 26.07
C ALA C 269 -5.70 5.33 27.38
N THR C 270 -5.38 4.43 28.30
CA THR C 270 -4.86 4.81 29.61
C THR C 270 -3.61 4.02 29.98
N PRO C 271 -2.56 4.71 30.47
CA PRO C 271 -1.33 4.03 30.86
C PRO C 271 -1.58 3.13 32.07
N VAL C 272 -0.60 2.29 32.42
CA VAL C 272 -0.77 1.38 33.54
C VAL C 272 -0.77 2.04 34.92
N LYS C 273 0.10 3.03 35.14
CA LYS C 273 0.14 3.69 36.43
C LYS C 273 -1.25 4.18 36.80
N ASN C 274 -1.93 4.81 35.85
CA ASN C 274 -3.28 5.33 36.07
C ASN C 274 -4.22 4.18 36.40
N ILE C 275 -4.10 3.08 35.66
CA ILE C 275 -4.94 1.91 35.88
C ILE C 275 -4.81 1.43 37.33
N VAL C 276 -3.57 1.22 37.77
CA VAL C 276 -3.30 0.76 39.12
C VAL C 276 -3.91 1.72 40.14
N GLU C 277 -3.72 3.01 39.90
CA GLU C 277 -4.24 4.03 40.80
C GLU C 277 -5.76 3.95 40.91
N GLN C 278 -6.43 3.78 39.78
CA GLN C 278 -7.89 3.69 39.76
C GLN C 278 -8.35 2.44 40.50
N MET C 279 -7.65 1.33 40.30
CA MET C 279 -8.01 0.09 40.96
C MET C 279 -7.75 0.16 42.46
N VAL C 280 -6.72 0.89 42.85
CA VAL C 280 -6.40 1.06 44.26
C VAL C 280 -7.56 1.81 44.93
N LYS C 281 -8.10 2.79 44.22
CA LYS C 281 -9.21 3.59 44.72
C LYS C 281 -10.49 2.77 44.80
N TYR C 282 -10.70 1.91 43.81
CA TYR C 282 -11.90 1.08 43.79
C TYR C 282 -11.80 -0.02 44.83
N TRP C 283 -10.59 -0.47 45.11
CA TRP C 283 -10.38 -1.53 46.08
C TRP C 283 -10.46 -1.01 47.51
N GLY C 284 -9.69 0.03 47.80
CA GLY C 284 -9.70 0.60 49.13
C GLY C 284 -8.67 -0.04 50.04
N GLU C 285 -8.80 0.19 51.34
CA GLU C 285 -7.88 -0.35 52.33
C GLU C 285 -7.34 -1.73 51.92
N GLY C 286 -6.02 -1.85 51.94
CA GLY C 286 -5.39 -3.10 51.57
C GLY C 286 -4.79 -3.03 50.16
N ALA C 287 -4.83 -1.85 49.56
CA ALA C 287 -4.29 -1.66 48.22
C ALA C 287 -3.28 -0.51 48.15
N SER C 288 -2.18 -0.76 47.48
CA SER C 288 -1.12 0.23 47.30
C SER C 288 -0.22 -0.26 46.18
N TRP C 289 0.73 0.56 45.76
CA TRP C 289 1.64 0.15 44.68
C TRP C 289 3.00 0.83 44.76
N GLN C 290 3.98 0.20 44.14
CA GLN C 290 5.34 0.72 44.12
C GLN C 290 5.95 0.47 42.74
N LEU C 291 6.87 1.35 42.34
CA LEU C 291 7.53 1.24 41.05
C LEU C 291 8.51 0.06 40.99
N PRO C 297 12.12 0.72 29.70
CA PRO C 297 12.14 1.49 28.45
C PRO C 297 10.76 1.92 27.99
N HIS C 298 10.67 3.12 27.44
CA HIS C 298 9.40 3.66 26.95
C HIS C 298 9.17 3.18 25.52
N GLU C 299 7.89 3.03 25.16
CA GLU C 299 7.51 2.59 23.83
C GLU C 299 6.95 3.76 23.04
N ALA C 300 7.40 3.92 21.80
CA ALA C 300 6.94 5.01 20.95
C ALA C 300 5.50 4.77 20.47
N HIS C 301 5.12 3.50 20.42
CA HIS C 301 3.78 3.14 19.97
C HIS C 301 3.32 1.81 20.55
N TYR C 302 2.02 1.55 20.40
CA TYR C 302 1.43 0.31 20.87
C TYR C 302 0.43 -0.16 19.82
N LEU C 303 0.30 -1.47 19.70
CA LEU C 303 -0.59 -2.12 18.74
C LEU C 303 -2.06 -1.79 19.03
N LYS C 304 -2.76 -1.28 18.02
CA LYS C 304 -4.18 -0.96 18.16
C LYS C 304 -4.91 -1.23 16.85
N LEU C 305 -6.23 -1.27 16.92
CA LEU C 305 -7.04 -1.57 15.75
C LEU C 305 -7.99 -0.44 15.38
N ASP C 306 -8.27 -0.30 14.10
CA ASP C 306 -9.22 0.69 13.63
C ASP C 306 -10.52 -0.12 13.53
N CYS C 307 -11.54 0.26 14.29
CA CYS C 307 -12.80 -0.47 14.29
C CYS C 307 -13.93 0.27 13.59
N SER C 308 -13.59 1.02 12.55
CA SER C 308 -14.58 1.77 11.78
C SER C 308 -15.55 0.82 11.06
N LYS C 309 -15.04 -0.32 10.61
CA LYS C 309 -15.86 -1.29 9.89
C LYS C 309 -16.99 -1.86 10.77
N ALA C 310 -16.64 -2.33 11.96
CA ALA C 310 -17.63 -2.88 12.89
C ALA C 310 -18.67 -1.81 13.23
N LYS C 311 -18.21 -0.60 13.45
CA LYS C 311 -19.10 0.51 13.78
C LYS C 311 -20.08 0.83 12.65
N MET C 312 -19.54 1.01 11.46
CA MET C 312 -20.33 1.36 10.27
C MET C 312 -21.21 0.26 9.72
N GLN C 313 -20.65 -0.94 9.54
CA GLN C 313 -21.41 -2.04 8.96
C GLN C 313 -22.21 -2.91 9.93
N LEU C 314 -21.82 -2.94 11.20
CA LEU C 314 -22.54 -3.74 12.19
C LEU C 314 -23.32 -2.88 13.16
N GLY C 315 -23.00 -1.59 13.21
CA GLY C 315 -23.68 -0.72 14.15
C GLY C 315 -23.16 -1.02 15.53
N TRP C 316 -21.98 -1.62 15.60
CA TRP C 316 -21.35 -1.96 16.88
C TRP C 316 -20.72 -0.76 17.54
N HIS C 317 -20.63 -0.79 18.87
CA HIS C 317 -20.03 0.28 19.64
C HIS C 317 -19.75 -0.15 21.07
N PRO C 318 -18.56 0.17 21.61
CA PRO C 318 -18.25 -0.21 22.99
C PRO C 318 -19.22 0.50 23.93
N ARG C 319 -19.39 -0.03 25.14
CA ARG C 319 -20.34 0.55 26.08
C ARG C 319 -19.73 1.08 27.37
N TRP C 320 -18.58 0.55 27.77
CA TRP C 320 -17.94 0.99 29.01
C TRP C 320 -16.56 1.60 28.84
N ASN C 321 -16.33 2.75 29.48
CA ASN C 321 -15.02 3.38 29.41
C ASN C 321 -14.16 2.51 30.32
N LEU C 322 -12.87 2.77 30.39
CA LEU C 322 -12.00 1.94 31.22
C LEU C 322 -12.36 2.01 32.70
N ASN C 323 -12.58 3.23 33.22
CA ASN C 323 -12.91 3.39 34.63
C ASN C 323 -14.09 2.51 35.04
N THR C 324 -15.16 2.55 34.24
CA THR C 324 -16.33 1.74 34.52
C THR C 324 -15.92 0.27 34.56
N THR C 325 -15.16 -0.14 33.56
CA THR C 325 -14.68 -1.52 33.45
C THR C 325 -13.85 -1.93 34.67
N LEU C 326 -12.90 -1.08 35.07
CA LEU C 326 -12.06 -1.40 36.23
C LEU C 326 -12.90 -1.52 37.51
N GLU C 327 -13.96 -0.72 37.60
CA GLU C 327 -14.83 -0.78 38.76
C GLU C 327 -15.50 -2.15 38.81
N TYR C 328 -15.96 -2.63 37.67
CA TYR C 328 -16.60 -3.94 37.61
C TYR C 328 -15.59 -5.06 37.93
N ILE C 329 -14.33 -4.90 37.50
CA ILE C 329 -13.27 -5.89 37.72
C ILE C 329 -13.03 -6.08 39.20
N VAL C 330 -12.79 -4.99 39.90
CA VAL C 330 -12.55 -5.04 41.34
C VAL C 330 -13.76 -5.62 42.04
N GLY C 331 -14.95 -5.21 41.61
CA GLY C 331 -16.16 -5.72 42.23
C GLY C 331 -16.27 -7.23 42.09
N TRP C 332 -16.06 -7.72 40.88
CA TRP C 332 -16.14 -9.15 40.62
C TRP C 332 -15.16 -9.91 41.50
N HIS C 333 -13.94 -9.42 41.59
CA HIS C 333 -12.95 -10.11 42.40
C HIS C 333 -13.31 -10.20 43.88
N LYS C 334 -13.58 -9.08 44.52
CA LYS C 334 -13.92 -9.13 45.95
C LYS C 334 -15.17 -9.94 46.25
N ASN C 335 -16.11 -10.00 45.32
CA ASN C 335 -17.29 -10.81 45.57
C ASN C 335 -16.86 -12.27 45.56
N TRP C 336 -15.94 -12.60 44.65
CA TRP C 336 -15.42 -13.96 44.56
C TRP C 336 -14.69 -14.30 45.85
N LEU C 337 -13.85 -13.37 46.32
CA LEU C 337 -13.09 -13.57 47.55
C LEU C 337 -13.98 -13.73 48.77
N SER C 338 -15.11 -13.01 48.78
CA SER C 338 -16.05 -13.05 49.89
C SER C 338 -16.86 -14.33 49.91
N GLY C 339 -16.87 -15.03 48.79
CA GLY C 339 -17.63 -16.27 48.71
C GLY C 339 -18.95 -16.12 47.98
N THR C 340 -19.13 -14.99 47.30
CA THR C 340 -20.36 -14.75 46.55
C THR C 340 -20.53 -15.81 45.48
N ASP C 341 -21.79 -16.13 45.16
CA ASP C 341 -22.10 -17.09 44.12
C ASP C 341 -21.70 -16.39 42.81
N MET C 342 -20.58 -16.80 42.24
CA MET C 342 -20.10 -16.16 41.02
C MET C 342 -20.83 -16.54 39.74
N HIS C 343 -21.66 -17.57 39.80
CA HIS C 343 -22.43 -17.95 38.63
C HIS C 343 -23.50 -16.87 38.45
N GLU C 344 -24.24 -16.61 39.53
CA GLU C 344 -25.28 -15.59 39.50
C GLU C 344 -24.69 -14.20 39.33
N TYR C 345 -23.57 -13.95 40.02
CA TYR C 345 -22.93 -12.64 39.92
C TYR C 345 -22.54 -12.35 38.48
N SER C 346 -21.97 -13.34 37.80
CA SER C 346 -21.55 -13.16 36.41
C SER C 346 -22.73 -12.95 35.49
N ILE C 347 -23.85 -13.61 35.79
CA ILE C 347 -25.05 -13.47 34.97
C ILE C 347 -25.54 -12.03 35.10
N THR C 348 -25.52 -11.51 36.32
CA THR C 348 -25.95 -10.14 36.57
C THR C 348 -25.02 -9.16 35.86
N GLU C 349 -23.73 -9.48 35.80
CA GLU C 349 -22.78 -8.60 35.14
C GLU C 349 -23.15 -8.52 33.66
N ILE C 350 -23.50 -9.65 33.07
CA ILE C 350 -23.89 -9.68 31.67
C ILE C 350 -25.15 -8.84 31.49
N ASN C 351 -26.08 -8.95 32.43
CA ASN C 351 -27.33 -8.18 32.36
C ASN C 351 -27.03 -6.68 32.46
N ASN C 352 -26.13 -6.32 33.37
CA ASN C 352 -25.75 -4.92 33.55
C ASN C 352 -25.20 -4.38 32.24
N TYR C 353 -24.39 -5.19 31.56
CA TYR C 353 -23.80 -4.78 30.30
C TYR C 353 -24.89 -4.57 29.24
N MET C 354 -25.74 -5.56 29.07
CA MET C 354 -26.80 -5.45 28.07
C MET C 354 -27.74 -4.30 28.33
N ASN C 355 -28.00 -3.99 29.60
CA ASN C 355 -28.90 -2.90 29.96
C ASN C 355 -28.23 -1.53 29.93
N THR C 356 -26.91 -1.49 29.82
CA THR C 356 -26.20 -0.21 29.78
C THR C 356 -26.66 0.54 28.54
N LYS C 357 -27.37 1.64 28.75
CA LYS C 357 -27.92 2.45 27.67
C LYS C 357 -29.00 1.69 26.91
N ILE D 2 1.50 1.52 -35.33
CA ILE D 2 1.39 2.91 -35.88
C ILE D 2 0.77 2.84 -37.28
N ASN D 3 -0.44 3.36 -37.39
CA ASN D 3 -1.16 3.35 -38.66
C ASN D 3 -1.00 4.67 -39.42
N ASN D 4 -0.16 4.66 -40.45
CA ASN D 4 0.06 5.85 -41.26
C ASN D 4 -1.24 6.40 -41.84
N SER D 5 -2.13 5.52 -42.27
CA SER D 5 -3.39 5.96 -42.85
C SER D 5 -4.24 6.71 -41.82
N PHE D 6 -4.05 6.39 -40.54
CA PHE D 6 -4.81 7.08 -39.50
C PHE D 6 -4.35 8.53 -39.38
N TRP D 7 -3.04 8.72 -39.37
CA TRP D 7 -2.47 10.05 -39.20
C TRP D 7 -2.63 11.01 -40.37
N GLN D 8 -2.83 10.45 -41.56
CA GLN D 8 -3.00 11.28 -42.75
C GLN D 8 -4.11 12.31 -42.56
N GLY D 9 -3.78 13.58 -42.69
CA GLY D 9 -4.78 14.63 -42.55
C GLY D 9 -5.26 15.02 -41.16
N LYS D 10 -4.83 14.30 -40.13
CA LYS D 10 -5.25 14.62 -38.76
C LYS D 10 -4.65 15.96 -38.34
N ARG D 11 -5.44 16.78 -37.66
CA ARG D 11 -4.96 18.07 -37.19
C ARG D 11 -4.37 17.84 -35.79
N VAL D 12 -3.04 17.90 -35.71
CA VAL D 12 -2.34 17.66 -34.46
C VAL D 12 -1.62 18.90 -33.94
N PHE D 13 -1.89 19.25 -32.68
CA PHE D 13 -1.28 20.41 -32.03
C PHE D 13 -0.21 19.87 -31.07
N VAL D 14 1.02 20.38 -31.19
CA VAL D 14 2.12 19.92 -30.35
C VAL D 14 2.83 21.05 -29.61
N THR D 15 2.73 21.08 -28.29
CA THR D 15 3.46 22.11 -27.54
C THR D 15 4.86 21.52 -27.36
N GLY D 16 5.87 22.40 -27.37
CA GLY D 16 7.24 21.94 -27.20
C GLY D 16 7.83 21.31 -28.46
N HIS D 17 7.30 21.70 -29.63
CA HIS D 17 7.79 21.18 -30.90
C HIS D 17 9.21 21.64 -31.22
N THR D 18 9.70 22.68 -30.54
CA THR D 18 11.06 23.17 -30.82
C THR D 18 12.12 22.46 -29.99
N GLY D 19 11.70 21.49 -29.19
CA GLY D 19 12.63 20.74 -28.36
C GLY D 19 13.04 19.41 -28.96
N PHE D 20 13.80 18.65 -28.19
CA PHE D 20 14.30 17.34 -28.60
C PHE D 20 13.19 16.34 -28.92
N LYS D 21 12.41 15.96 -27.92
CA LYS D 21 11.34 14.99 -28.14
C LYS D 21 10.27 15.55 -29.07
N GLY D 22 9.94 16.83 -28.87
CA GLY D 22 8.93 17.47 -29.69
C GLY D 22 9.29 17.52 -31.16
N GLY D 23 10.57 17.74 -31.44
CA GLY D 23 11.04 17.80 -32.81
C GLY D 23 10.91 16.45 -33.49
N TRP D 24 11.36 15.39 -32.82
CA TRP D 24 11.26 14.06 -33.42
C TRP D 24 9.79 13.70 -33.63
N LEU D 25 8.94 14.04 -32.65
CA LEU D 25 7.51 13.72 -32.78
C LEU D 25 6.90 14.48 -33.95
N SER D 26 7.21 15.78 -34.05
CA SER D 26 6.67 16.61 -35.12
C SER D 26 7.11 16.08 -36.48
N LEU D 27 8.39 15.72 -36.61
CA LEU D 27 8.89 15.17 -37.86
C LEU D 27 8.16 13.87 -38.19
N TRP D 28 7.95 13.03 -37.18
CA TRP D 28 7.27 11.75 -37.37
C TRP D 28 5.85 11.97 -37.88
N LEU D 29 5.14 12.88 -37.22
CA LEU D 29 3.76 13.21 -37.61
C LEU D 29 3.72 13.74 -39.03
N GLN D 30 4.67 14.61 -39.37
CA GLN D 30 4.74 15.17 -40.72
C GLN D 30 4.91 14.08 -41.76
N THR D 31 5.84 13.15 -41.52
CA THR D 31 6.07 12.07 -42.48
C THR D 31 4.84 11.19 -42.67
N MET D 32 3.96 11.14 -41.68
CA MET D 32 2.76 10.32 -41.81
C MET D 32 1.58 11.08 -42.41
N GLY D 33 1.84 12.30 -42.87
CA GLY D 33 0.82 13.11 -43.50
C GLY D 33 -0.11 13.92 -42.59
N ALA D 34 0.23 14.07 -41.34
CA ALA D 34 -0.62 14.85 -40.44
C ALA D 34 -0.45 16.33 -40.67
N THR D 35 -1.46 17.11 -40.29
CA THR D 35 -1.42 18.56 -40.40
C THR D 35 -1.02 18.99 -39.00
N VAL D 36 0.22 19.38 -38.84
CA VAL D 36 0.74 19.75 -37.52
C VAL D 36 1.00 21.22 -37.23
N LYS D 37 0.67 21.63 -36.02
CA LYS D 37 0.92 22.99 -35.56
C LYS D 37 1.66 22.87 -34.23
N GLY D 38 2.72 23.66 -34.08
CA GLY D 38 3.50 23.63 -32.85
C GLY D 38 3.44 24.95 -32.11
N TYR D 39 3.59 24.89 -30.79
CA TYR D 39 3.57 26.08 -29.94
C TYR D 39 4.66 25.87 -28.89
N SER D 40 5.73 26.67 -28.97
CA SER D 40 6.86 26.57 -28.05
C SER D 40 7.60 27.90 -27.96
N LEU D 41 8.57 27.96 -27.07
CA LEU D 41 9.42 29.13 -26.97
C LEU D 41 10.47 28.79 -28.03
N THR D 42 11.36 29.73 -28.35
CA THR D 42 12.43 29.49 -29.30
C THR D 42 13.22 28.25 -28.87
N ALA D 43 13.72 27.47 -29.83
CA ALA D 43 14.50 26.27 -29.54
C ALA D 43 15.43 26.56 -28.35
N PRO D 44 15.45 25.64 -27.37
CA PRO D 44 16.26 25.76 -26.15
C PRO D 44 17.78 25.77 -26.28
N THR D 45 18.30 25.34 -27.40
CA THR D 45 19.74 25.28 -27.55
C THR D 45 20.18 25.57 -28.98
N VAL D 46 21.46 25.84 -29.13
CA VAL D 46 22.06 26.04 -30.44
C VAL D 46 23.36 25.22 -30.39
N PRO D 47 23.50 24.23 -31.26
CA PRO D 47 22.50 23.85 -32.27
C PRO D 47 21.27 23.20 -31.66
N SER D 48 20.30 22.89 -32.52
CA SER D 48 19.07 22.26 -32.07
C SER D 48 18.52 21.36 -33.17
N LEU D 49 17.76 20.34 -32.77
CA LEU D 49 17.16 19.45 -33.74
C LEU D 49 16.21 20.29 -34.60
N PHE D 50 15.52 21.22 -33.94
CA PHE D 50 14.57 22.09 -34.61
C PHE D 50 15.15 22.71 -35.89
N GLU D 51 16.33 23.31 -35.76
CA GLU D 51 16.96 23.94 -36.92
C GLU D 51 17.71 22.98 -37.82
N THR D 52 18.48 22.06 -37.23
CA THR D 52 19.25 21.11 -38.03
C THR D 52 18.40 20.18 -38.88
N ALA D 53 17.26 19.77 -38.36
CA ALA D 53 16.37 18.88 -39.10
C ALA D 53 15.21 19.61 -39.78
N ARG D 54 15.29 20.95 -39.79
CA ARG D 54 14.26 21.80 -40.40
C ARG D 54 12.85 21.40 -39.97
N VAL D 55 12.65 21.27 -38.68
CA VAL D 55 11.34 20.87 -38.17
C VAL D 55 10.19 21.81 -38.55
N ALA D 56 10.44 23.11 -38.57
CA ALA D 56 9.40 24.10 -38.87
C ALA D 56 8.90 24.13 -40.31
N ASP D 57 9.80 23.87 -41.25
CA ASP D 57 9.46 23.92 -42.67
C ASP D 57 8.24 23.12 -43.13
N GLY D 58 7.98 21.98 -42.50
CA GLY D 58 6.84 21.18 -42.90
C GLY D 58 5.62 21.29 -41.99
N MET D 59 5.53 22.36 -41.21
CA MET D 59 4.39 22.53 -40.31
C MET D 59 4.11 23.99 -39.99
N GLN D 60 3.05 24.22 -39.24
CA GLN D 60 2.69 25.57 -38.81
C GLN D 60 3.40 25.71 -37.47
N SER D 61 4.38 26.60 -37.41
CA SER D 61 5.16 26.79 -36.18
C SER D 61 4.91 28.15 -35.51
N GLU D 62 4.45 28.12 -34.27
CA GLU D 62 4.18 29.35 -33.52
C GLU D 62 5.05 29.44 -32.28
N ILE D 63 5.65 30.60 -32.06
CA ILE D 63 6.48 30.82 -30.90
C ILE D 63 5.64 31.52 -29.84
N GLY D 64 5.51 30.89 -28.69
CA GLY D 64 4.72 31.47 -27.61
C GLY D 64 5.00 30.77 -26.29
N ASP D 65 4.64 31.42 -25.20
CA ASP D 65 4.85 30.88 -23.86
C ASP D 65 3.57 30.20 -23.41
N ILE D 66 3.67 28.98 -22.90
CA ILE D 66 2.47 28.27 -22.45
C ILE D 66 1.90 28.91 -21.19
N ARG D 67 2.64 29.85 -20.60
CA ARG D 67 2.17 30.54 -19.40
C ARG D 67 1.30 31.73 -19.78
N ASP D 68 1.18 31.97 -21.08
CA ASP D 68 0.34 33.05 -21.61
C ASP D 68 -0.98 32.36 -21.90
N GLN D 69 -1.84 32.29 -20.89
CA GLN D 69 -3.13 31.60 -21.03
C GLN D 69 -3.94 31.96 -22.27
N ASN D 70 -4.09 33.25 -22.53
CA ASN D 70 -4.88 33.70 -23.67
C ASN D 70 -4.24 33.44 -25.03
N LYS D 71 -2.93 33.63 -25.14
CA LYS D 71 -2.26 33.38 -26.41
C LYS D 71 -2.37 31.90 -26.76
N LEU D 72 -2.27 31.04 -25.75
CA LEU D 72 -2.37 29.60 -25.97
C LEU D 72 -3.79 29.24 -26.39
N LEU D 73 -4.77 29.83 -25.71
CA LEU D 73 -6.18 29.60 -26.02
C LEU D 73 -6.45 29.91 -27.49
N GLU D 74 -6.01 31.10 -27.91
CA GLU D 74 -6.18 31.55 -29.28
C GLU D 74 -5.48 30.63 -30.28
N SER D 75 -4.29 30.15 -29.92
CA SER D 75 -3.53 29.27 -30.79
C SER D 75 -4.28 27.96 -31.06
N ILE D 76 -4.93 27.44 -30.03
CA ILE D 76 -5.68 26.20 -30.17
C ILE D 76 -7.01 26.45 -30.87
N ARG D 77 -7.65 27.55 -30.53
CA ARG D 77 -8.93 27.92 -31.13
C ARG D 77 -8.77 28.12 -32.64
N GLU D 78 -7.70 28.81 -33.00
CA GLU D 78 -7.40 29.09 -34.41
C GLU D 78 -7.16 27.81 -35.21
N PHE D 79 -6.48 26.85 -34.59
CA PHE D 79 -6.14 25.60 -35.24
C PHE D 79 -7.20 24.50 -35.23
N GLN D 80 -8.01 24.43 -34.19
CA GLN D 80 -9.05 23.40 -34.09
C GLN D 80 -8.45 21.99 -34.19
N PRO D 81 -7.50 21.66 -33.30
CA PRO D 81 -6.90 20.33 -33.35
C PRO D 81 -7.83 19.23 -32.89
N GLU D 82 -7.61 18.03 -33.40
CA GLU D 82 -8.40 16.87 -32.98
C GLU D 82 -7.55 16.06 -32.02
N ILE D 83 -6.23 16.24 -32.11
CA ILE D 83 -5.28 15.53 -31.26
C ILE D 83 -4.24 16.52 -30.72
N VAL D 84 -3.94 16.41 -29.43
CA VAL D 84 -2.98 17.31 -28.81
C VAL D 84 -1.91 16.53 -28.02
N PHE D 85 -0.65 16.92 -28.23
CA PHE D 85 0.47 16.33 -27.50
C PHE D 85 1.10 17.49 -26.73
N HIS D 86 1.03 17.43 -25.41
CA HIS D 86 1.62 18.49 -24.59
C HIS D 86 2.99 18.08 -24.10
N MET D 87 4.03 18.63 -24.74
CA MET D 87 5.39 18.31 -24.36
C MET D 87 6.20 19.49 -23.85
N ALA D 88 5.63 20.69 -23.92
CA ALA D 88 6.33 21.87 -23.44
C ALA D 88 6.43 21.87 -21.92
N ALA D 89 7.63 22.12 -21.42
CA ALA D 89 7.88 22.15 -19.98
C ALA D 89 9.31 22.56 -19.70
N GLN D 90 9.57 22.95 -18.45
CA GLN D 90 10.91 23.29 -17.98
C GLN D 90 11.32 21.85 -17.58
N PRO D 91 12.15 21.20 -18.40
CA PRO D 91 12.58 19.82 -18.16
C PRO D 91 13.83 19.53 -17.36
N LEU D 92 14.51 20.56 -16.86
CA LEU D 92 15.76 20.34 -16.14
C LEU D 92 15.67 20.37 -14.62
N VAL D 93 16.16 19.29 -14.00
CA VAL D 93 16.16 19.16 -12.54
C VAL D 93 17.11 20.20 -11.93
N ARG D 94 18.36 20.20 -12.37
CA ARG D 94 19.35 21.13 -11.86
C ARG D 94 18.80 22.56 -11.88
N LEU D 95 18.27 22.96 -13.03
CA LEU D 95 17.72 24.30 -13.19
C LEU D 95 16.52 24.53 -12.28
N SER D 96 15.75 23.49 -12.00
CA SER D 96 14.58 23.66 -11.15
C SER D 96 14.97 24.13 -9.75
N TYR D 97 16.20 23.83 -9.33
CA TYR D 97 16.65 24.25 -8.02
C TYR D 97 16.91 25.75 -7.98
N SER D 98 17.41 26.32 -9.08
CA SER D 98 17.70 27.74 -9.12
C SER D 98 16.49 28.57 -9.58
N GLU D 99 15.55 27.94 -10.28
CA GLU D 99 14.36 28.64 -10.75
C GLU D 99 13.11 27.81 -10.47
N PRO D 100 12.81 27.57 -9.18
CA PRO D 100 11.64 26.77 -8.83
C PRO D 100 10.31 27.37 -9.26
N VAL D 101 10.16 28.68 -9.10
CA VAL D 101 8.90 29.32 -9.47
C VAL D 101 8.60 29.12 -10.95
N GLU D 102 9.58 29.42 -11.79
CA GLU D 102 9.40 29.26 -13.23
C GLU D 102 9.11 27.80 -13.59
N THR D 103 9.69 26.87 -12.84
CA THR D 103 9.44 25.46 -13.10
C THR D 103 7.95 25.14 -12.81
N TYR D 104 7.42 25.59 -11.67
CA TYR D 104 6.01 25.31 -11.33
C TYR D 104 5.03 26.04 -12.25
N SER D 105 5.30 27.31 -12.54
CA SER D 105 4.39 28.06 -13.41
C SER D 105 4.32 27.39 -14.79
N THR D 106 5.47 27.00 -15.32
CA THR D 106 5.53 26.37 -16.63
C THR D 106 4.93 24.96 -16.66
N ASN D 107 5.36 24.11 -15.74
CA ASN D 107 4.88 22.73 -15.73
C ASN D 107 3.49 22.51 -15.16
N VAL D 108 3.12 23.25 -14.13
CA VAL D 108 1.79 23.11 -13.55
C VAL D 108 0.77 24.03 -14.22
N MET D 109 0.95 25.36 -14.12
CA MET D 109 -0.02 26.26 -14.74
C MET D 109 -0.06 26.11 -16.26
N GLY D 110 1.09 25.81 -16.87
CA GLY D 110 1.13 25.61 -18.31
C GLY D 110 0.18 24.48 -18.70
N THR D 111 0.22 23.40 -17.93
CA THR D 111 -0.66 22.26 -18.16
C THR D 111 -2.11 22.67 -17.90
N VAL D 112 -2.35 23.45 -16.84
CA VAL D 112 -3.70 23.92 -16.54
C VAL D 112 -4.25 24.75 -17.71
N TYR D 113 -3.45 25.69 -18.20
CA TYR D 113 -3.87 26.55 -19.32
C TYR D 113 -4.16 25.75 -20.58
N LEU D 114 -3.38 24.71 -20.82
CA LEU D 114 -3.58 23.88 -22.02
C LEU D 114 -4.91 23.14 -21.92
N LEU D 115 -5.14 22.48 -20.79
CA LEU D 115 -6.38 21.74 -20.56
C LEU D 115 -7.59 22.68 -20.58
N GLU D 116 -7.44 23.87 -20.02
CA GLU D 116 -8.54 24.83 -20.00
C GLU D 116 -8.90 25.25 -21.43
N ALA D 117 -7.88 25.47 -22.26
CA ALA D 117 -8.08 25.86 -23.64
C ALA D 117 -8.84 24.75 -24.38
N ILE D 118 -8.40 23.52 -24.17
CA ILE D 118 -9.03 22.36 -24.81
C ILE D 118 -10.48 22.25 -24.38
N ARG D 119 -10.73 22.49 -23.10
CA ARG D 119 -12.06 22.42 -22.52
C ARG D 119 -13.02 23.39 -23.23
N HIS D 120 -12.57 24.61 -23.45
CA HIS D 120 -13.42 25.62 -24.09
C HIS D 120 -13.50 25.56 -25.61
N VAL D 121 -12.40 25.24 -26.27
CA VAL D 121 -12.40 25.19 -27.73
C VAL D 121 -13.27 24.04 -28.23
N GLY D 122 -13.17 22.90 -27.56
CA GLY D 122 -13.95 21.73 -27.95
C GLY D 122 -13.43 21.06 -29.20
N GLY D 123 -13.97 19.87 -29.51
CA GLY D 123 -13.56 19.16 -30.70
C GLY D 123 -12.31 18.31 -30.57
N VAL D 124 -11.56 18.48 -29.49
CA VAL D 124 -10.35 17.67 -29.32
C VAL D 124 -10.75 16.27 -28.90
N LYS D 125 -10.32 15.27 -29.67
CA LYS D 125 -10.65 13.88 -29.41
C LYS D 125 -9.64 13.16 -28.52
N ALA D 126 -8.36 13.48 -28.67
CA ALA D 126 -7.33 12.84 -27.88
C ALA D 126 -6.28 13.82 -27.36
N VAL D 127 -5.97 13.70 -26.08
CA VAL D 127 -4.97 14.56 -25.44
C VAL D 127 -3.95 13.67 -24.76
N VAL D 128 -2.68 13.84 -25.12
CA VAL D 128 -1.61 13.07 -24.54
C VAL D 128 -0.68 14.06 -23.85
N ASN D 129 -0.72 14.07 -22.53
CA ASN D 129 0.09 14.98 -21.75
C ASN D 129 1.35 14.30 -21.25
N ILE D 130 2.50 14.76 -21.75
CA ILE D 130 3.79 14.22 -21.36
C ILE D 130 4.20 14.81 -20.02
N THR D 131 4.32 13.95 -19.01
CA THR D 131 4.74 14.41 -17.70
C THR D 131 6.20 13.99 -17.52
N SER D 132 6.45 12.92 -16.79
CA SER D 132 7.83 12.45 -16.59
C SER D 132 7.87 11.16 -15.81
N ASP D 133 8.97 10.42 -15.95
CA ASP D 133 9.12 9.18 -15.18
C ASP D 133 9.34 9.62 -13.73
N LYS D 134 9.71 10.90 -13.55
CA LYS D 134 9.98 11.44 -12.20
C LYS D 134 8.75 11.94 -11.44
N CYS D 135 7.56 11.72 -11.98
CA CYS D 135 6.36 12.16 -11.30
C CYS D 135 6.02 11.32 -10.07
N TYR D 136 6.62 10.14 -9.96
CA TYR D 136 6.34 9.26 -8.84
C TYR D 136 7.04 9.61 -7.55
N ASP D 137 6.32 9.50 -6.43
CA ASP D 137 6.91 9.73 -5.11
C ASP D 137 8.05 8.70 -5.08
N ASN D 138 9.27 9.18 -4.91
CA ASN D 138 10.46 8.32 -4.92
C ASN D 138 10.66 7.49 -3.66
N LYS D 139 10.50 6.18 -3.78
CA LYS D 139 10.69 5.28 -2.65
C LYS D 139 12.14 4.82 -2.54
N GLU D 140 12.97 5.23 -3.50
CA GLU D 140 14.37 4.84 -3.48
C GLU D 140 14.52 3.32 -3.33
N TRP D 141 13.78 2.56 -4.13
CA TRP D 141 13.89 1.11 -4.07
C TRP D 141 14.28 0.51 -5.41
N ILE D 142 14.44 -0.81 -5.46
CA ILE D 142 14.84 -1.50 -6.67
C ILE D 142 13.74 -1.81 -7.69
N TRP D 143 12.48 -1.56 -7.33
CA TRP D 143 11.37 -1.89 -8.21
C TRP D 143 10.85 -0.78 -9.15
N GLY D 144 10.37 -1.21 -10.32
CA GLY D 144 9.82 -0.26 -11.28
C GLY D 144 8.45 0.18 -10.81
N TYR D 145 8.15 1.46 -10.94
CA TYR D 145 6.86 1.98 -10.50
C TYR D 145 5.69 1.58 -11.38
N ARG D 146 4.55 1.34 -10.73
CA ARG D 146 3.33 0.95 -11.42
C ARG D 146 2.46 2.22 -11.50
N GLU D 147 1.63 2.33 -12.52
CA GLU D 147 0.81 3.53 -12.70
C GLU D 147 -0.13 3.93 -11.56
N ASN D 148 -0.48 2.98 -10.70
CA ASN D 148 -1.39 3.27 -9.60
C ASN D 148 -0.69 3.75 -8.33
N GLU D 149 0.63 3.95 -8.40
CA GLU D 149 1.35 4.40 -7.20
C GLU D 149 1.38 5.92 -7.05
N ALA D 150 1.68 6.36 -5.83
CA ALA D 150 1.67 7.78 -5.47
C ALA D 150 2.55 8.75 -6.25
N MET D 151 1.99 9.93 -6.49
CA MET D 151 2.68 11.00 -7.20
C MET D 151 3.47 11.81 -6.18
N GLY D 152 4.52 12.47 -6.63
CA GLY D 152 5.34 13.26 -5.72
C GLY D 152 6.50 13.88 -6.44
N GLY D 153 7.68 13.80 -5.84
CA GLY D 153 8.87 14.37 -6.44
C GLY D 153 9.66 15.18 -5.43
N TYR D 154 10.96 14.90 -5.35
CA TYR D 154 11.86 15.57 -4.42
C TYR D 154 12.18 17.00 -4.84
N ASP D 155 12.77 17.16 -6.02
CA ASP D 155 13.14 18.47 -6.55
C ASP D 155 11.92 19.14 -7.19
N PRO D 156 11.98 20.47 -7.39
CA PRO D 156 10.86 21.22 -8.00
C PRO D 156 10.42 20.67 -9.36
N TYR D 157 11.36 20.23 -10.19
CA TYR D 157 11.02 19.69 -11.50
C TYR D 157 10.19 18.41 -11.34
N SER D 158 10.76 17.43 -10.63
CA SER D 158 10.07 16.16 -10.41
C SER D 158 8.71 16.42 -9.78
N ASN D 159 8.69 17.26 -8.75
CA ASN D 159 7.45 17.56 -8.04
C ASN D 159 6.42 18.27 -8.92
N SER D 160 6.88 19.17 -9.80
CA SER D 160 5.95 19.87 -10.69
C SER D 160 5.30 18.89 -11.64
N LYS D 161 6.00 17.81 -11.97
CA LYS D 161 5.46 16.79 -12.87
C LYS D 161 4.44 15.95 -12.11
N GLY D 162 4.69 15.74 -10.83
CA GLY D 162 3.75 15.01 -10.00
C GLY D 162 2.48 15.86 -9.93
N CYS D 163 2.65 17.19 -9.81
CA CYS D 163 1.50 18.10 -9.78
C CYS D 163 0.76 18.09 -11.12
N ALA D 164 1.50 18.05 -12.22
CA ALA D 164 0.89 18.01 -13.56
C ALA D 164 0.00 16.78 -13.70
N GLU D 165 0.42 15.68 -13.09
CA GLU D 165 -0.36 14.44 -13.13
C GLU D 165 -1.65 14.68 -12.36
N LEU D 166 -1.56 15.27 -11.16
CA LEU D 166 -2.77 15.54 -10.38
C LEU D 166 -3.72 16.45 -11.16
N VAL D 167 -3.17 17.52 -11.75
CA VAL D 167 -3.98 18.46 -12.52
C VAL D 167 -4.75 17.75 -13.64
N THR D 168 -4.05 16.92 -14.39
CA THR D 168 -4.66 16.19 -15.50
C THR D 168 -5.76 15.27 -14.98
N SER D 169 -5.51 14.62 -13.85
CA SER D 169 -6.50 13.72 -13.25
C SER D 169 -7.79 14.47 -12.89
N SER D 170 -7.63 15.63 -12.24
CA SER D 170 -8.80 16.42 -11.85
C SER D 170 -9.55 16.98 -13.05
N TYR D 171 -8.82 17.52 -14.02
CA TYR D 171 -9.48 18.05 -15.21
C TYR D 171 -10.28 16.97 -15.92
N ARG D 172 -9.70 15.77 -16.00
CA ARG D 172 -10.39 14.65 -16.64
C ARG D 172 -11.66 14.30 -15.88
N ASN D 173 -11.52 14.13 -14.57
CA ASN D 173 -12.66 13.77 -13.73
C ASN D 173 -13.75 14.83 -13.72
N SER D 174 -13.35 16.09 -13.70
CA SER D 174 -14.29 17.20 -13.64
C SER D 174 -14.87 17.65 -14.98
N PHE D 175 -14.05 17.68 -16.02
CA PHE D 175 -14.51 18.18 -17.31
C PHE D 175 -14.48 17.23 -18.51
N PHE D 176 -13.73 16.14 -18.41
CA PHE D 176 -13.64 15.18 -19.50
C PHE D 176 -13.92 13.78 -18.95
N ASN D 177 -14.93 13.70 -18.09
CA ASN D 177 -15.32 12.44 -17.44
C ASN D 177 -15.84 11.39 -18.40
N PRO D 178 -15.42 10.13 -18.23
CA PRO D 178 -15.85 9.02 -19.09
C PRO D 178 -17.36 8.91 -19.22
N ALA D 179 -18.07 9.10 -18.11
CA ALA D 179 -19.53 9.03 -18.11
C ALA D 179 -20.15 10.10 -19.03
N ASN D 180 -19.40 11.15 -19.30
CA ASN D 180 -19.90 12.23 -20.16
C ASN D 180 -19.17 12.29 -21.50
N TYR D 181 -18.39 11.26 -21.79
CA TYR D 181 -17.63 11.20 -23.04
C TYR D 181 -18.52 11.34 -24.27
N GLY D 182 -19.78 10.92 -24.14
CA GLY D 182 -20.69 11.01 -25.26
C GLY D 182 -21.04 12.46 -25.52
N GLN D 183 -20.73 13.32 -24.57
CA GLN D 183 -21.00 14.75 -24.70
C GLN D 183 -19.78 15.54 -25.12
N HIS D 184 -18.66 15.39 -24.40
CA HIS D 184 -17.45 16.15 -24.73
C HIS D 184 -16.53 15.47 -25.75
N GLY D 185 -16.56 14.14 -25.77
CA GLY D 185 -15.75 13.37 -26.71
C GLY D 185 -14.25 13.48 -26.59
N THR D 186 -13.76 13.93 -25.45
CA THR D 186 -12.32 14.08 -25.27
C THR D 186 -11.73 13.01 -24.36
N ALA D 187 -10.75 12.28 -24.87
CA ALA D 187 -10.07 11.22 -24.12
C ALA D 187 -8.70 11.76 -23.71
N VAL D 188 -8.52 11.98 -22.41
CA VAL D 188 -7.28 12.56 -21.88
C VAL D 188 -6.39 11.57 -21.12
N ALA D 189 -5.11 11.53 -21.47
CA ALA D 189 -4.17 10.63 -20.82
C ALA D 189 -2.84 11.31 -20.52
N THR D 190 -2.06 10.69 -19.63
CA THR D 190 -0.73 11.20 -19.34
C THR D 190 0.23 10.06 -19.68
N VAL D 191 1.45 10.43 -20.08
CA VAL D 191 2.46 9.44 -20.43
C VAL D 191 3.72 9.74 -19.63
N ARG D 192 4.29 8.69 -19.06
CA ARG D 192 5.47 8.81 -18.20
C ARG D 192 6.65 8.03 -18.78
N ALA D 193 7.74 8.73 -19.04
CA ALA D 193 8.94 8.12 -19.60
C ALA D 193 10.15 8.99 -19.28
N GLY D 194 11.33 8.39 -19.29
CA GLY D 194 12.54 9.15 -19.01
C GLY D 194 13.77 8.58 -19.67
N ASN D 195 14.92 9.18 -19.39
CA ASN D 195 16.19 8.70 -19.94
C ASN D 195 16.15 8.53 -21.45
N VAL D 196 15.63 9.53 -22.14
CA VAL D 196 15.52 9.50 -23.59
C VAL D 196 16.80 9.99 -24.25
N ILE D 197 17.31 9.21 -25.21
CA ILE D 197 18.53 9.58 -25.92
C ILE D 197 18.33 9.41 -27.43
N GLY D 198 19.12 10.13 -28.20
CA GLY D 198 19.01 10.06 -29.65
C GLY D 198 19.81 11.14 -30.32
N GLY D 199 19.89 11.09 -31.65
CA GLY D 199 20.62 12.13 -32.34
C GLY D 199 19.83 13.41 -32.21
N GLY D 200 20.51 14.54 -32.13
CA GLY D 200 19.80 15.80 -32.06
C GLY D 200 19.49 16.40 -30.70
N ASP D 201 19.98 15.80 -29.62
CA ASP D 201 19.73 16.39 -28.31
C ASP D 201 20.98 17.12 -27.86
N TRP D 202 20.85 18.44 -27.72
CA TRP D 202 21.96 19.28 -27.32
C TRP D 202 21.81 19.88 -25.92
N ALA D 203 20.92 19.31 -25.13
CA ALA D 203 20.72 19.79 -23.76
C ALA D 203 21.94 19.31 -22.98
N LEU D 204 23.04 20.05 -23.08
CA LEU D 204 24.24 19.65 -22.39
C LEU D 204 24.16 19.83 -20.89
N ASP D 205 24.15 18.68 -20.25
CA ASP D 205 24.09 18.52 -18.80
C ASP D 205 23.51 17.12 -18.72
N ARG D 206 22.97 16.69 -19.86
CA ARG D 206 22.46 15.35 -20.00
C ARG D 206 23.71 14.59 -20.48
N ILE D 207 23.87 13.36 -20.01
CA ILE D 207 25.07 12.58 -20.33
C ILE D 207 25.40 12.32 -21.79
N VAL D 208 24.46 11.76 -22.55
CA VAL D 208 24.76 11.46 -23.94
C VAL D 208 25.15 12.70 -24.73
N PRO D 209 24.36 13.78 -24.65
CA PRO D 209 24.73 14.99 -25.40
C PRO D 209 26.15 15.42 -25.03
N ASP D 210 26.46 15.34 -23.74
CA ASP D 210 27.76 15.73 -23.24
C ASP D 210 28.84 14.82 -23.80
N ILE D 211 28.54 13.54 -23.91
CA ILE D 211 29.51 12.58 -24.46
C ILE D 211 29.82 12.93 -25.91
N LEU D 212 28.76 13.08 -26.71
CA LEU D 212 28.93 13.41 -28.12
C LEU D 212 29.70 14.70 -28.34
N ARG D 213 29.52 15.68 -27.47
CA ARG D 213 30.24 16.93 -27.62
C ARG D 213 31.72 16.74 -27.32
N ALA D 214 32.00 15.85 -26.38
CA ALA D 214 33.38 15.56 -26.00
C ALA D 214 34.08 14.85 -27.16
N PHE D 215 33.39 13.86 -27.71
CA PHE D 215 33.90 13.08 -28.84
C PHE D 215 34.23 13.95 -30.04
N GLU D 216 33.31 14.83 -30.42
CA GLU D 216 33.51 15.68 -31.59
C GLU D 216 34.75 16.55 -31.46
N GLN D 217 35.11 16.90 -30.22
CA GLN D 217 36.28 17.73 -29.98
C GLN D 217 37.51 16.87 -29.70
N SER D 218 37.33 15.56 -29.78
CA SER D 218 38.42 14.62 -29.53
C SER D 218 38.98 14.87 -28.14
N GLN D 219 38.08 15.13 -27.19
CA GLN D 219 38.47 15.38 -25.81
C GLN D 219 37.75 14.37 -24.93
N PRO D 220 38.42 13.90 -23.87
CA PRO D 220 37.81 12.92 -22.97
C PRO D 220 36.56 13.46 -22.30
N VAL D 221 35.51 12.64 -22.23
CA VAL D 221 34.30 13.08 -21.57
C VAL D 221 34.51 12.81 -20.10
N ILE D 222 34.07 13.72 -19.25
CA ILE D 222 34.23 13.55 -17.81
C ILE D 222 32.97 12.97 -17.21
N ILE D 223 33.02 11.67 -16.91
CA ILE D 223 31.90 10.95 -16.33
C ILE D 223 31.75 11.23 -14.85
N ARG D 224 30.58 11.70 -14.45
CA ARG D 224 30.30 12.02 -13.06
C ARG D 224 30.17 10.74 -12.24
N ASN D 225 29.04 10.05 -12.39
CA ASN D 225 28.81 8.82 -11.65
C ASN D 225 28.78 7.63 -12.62
N PRO D 226 29.96 7.04 -12.88
CA PRO D 226 30.12 5.90 -13.79
C PRO D 226 29.26 4.69 -13.46
N HIS D 227 29.05 4.44 -12.17
CA HIS D 227 28.28 3.29 -11.74
C HIS D 227 26.77 3.53 -11.72
N ALA D 228 26.37 4.75 -12.00
CA ALA D 228 24.95 5.11 -12.02
C ALA D 228 24.23 4.32 -13.13
N ILE D 229 23.22 3.55 -12.74
CA ILE D 229 22.45 2.75 -13.69
C ILE D 229 21.14 3.45 -14.05
N ARG D 230 20.82 3.46 -15.34
CA ARG D 230 19.60 4.10 -15.83
C ARG D 230 19.02 3.32 -17.02
N PRO D 231 17.69 3.42 -17.22
CA PRO D 231 16.99 2.73 -18.31
C PRO D 231 16.94 3.57 -19.60
N TRP D 232 18.08 3.66 -20.28
CA TRP D 232 18.18 4.44 -21.51
C TRP D 232 17.30 3.86 -22.62
N GLN D 233 16.73 4.75 -23.43
CA GLN D 233 15.89 4.32 -24.55
C GLN D 233 15.96 5.37 -25.65
N HIS D 234 15.97 4.91 -26.90
CA HIS D 234 16.02 5.83 -28.03
C HIS D 234 14.73 6.64 -27.99
N VAL D 235 14.84 7.92 -28.33
CA VAL D 235 13.70 8.83 -28.31
C VAL D 235 12.48 8.30 -29.06
N LEU D 236 12.69 7.54 -30.13
CA LEU D 236 11.55 7.01 -30.89
C LEU D 236 10.75 5.93 -30.15
N GLU D 237 11.37 5.29 -29.15
CA GLU D 237 10.68 4.25 -28.39
C GLU D 237 9.45 4.80 -27.63
N PRO D 238 9.66 5.76 -26.72
CA PRO D 238 8.46 6.26 -26.03
C PRO D 238 7.52 6.98 -26.99
N LEU D 239 8.08 7.68 -27.99
CA LEU D 239 7.24 8.39 -28.95
C LEU D 239 6.31 7.42 -29.68
N SER D 240 6.80 6.22 -30.00
CA SER D 240 5.95 5.25 -30.68
C SER D 240 4.78 4.92 -29.75
N GLY D 241 5.06 4.87 -28.46
CA GLY D 241 4.01 4.59 -27.49
C GLY D 241 3.00 5.71 -27.43
N TYR D 242 3.49 6.95 -27.48
CA TYR D 242 2.61 8.14 -27.45
C TYR D 242 1.67 8.11 -28.65
N LEU D 243 2.20 7.78 -29.82
CA LEU D 243 1.41 7.75 -31.05
C LEU D 243 0.37 6.63 -30.98
N LEU D 244 0.79 5.46 -30.53
CA LEU D 244 -0.11 4.32 -30.40
C LEU D 244 -1.26 4.67 -29.46
N LEU D 245 -0.92 5.29 -28.33
CA LEU D 245 -1.92 5.70 -27.35
C LEU D 245 -2.89 6.73 -27.95
N ALA D 246 -2.34 7.71 -28.66
CA ALA D 246 -3.18 8.75 -29.27
C ALA D 246 -4.22 8.11 -30.18
N GLN D 247 -3.80 7.10 -30.93
CA GLN D 247 -4.68 6.39 -31.85
C GLN D 247 -5.83 5.75 -31.09
N LYS D 248 -5.49 5.04 -30.01
CA LYS D 248 -6.49 4.36 -29.19
C LYS D 248 -7.45 5.35 -28.54
N LEU D 249 -6.92 6.47 -28.05
CA LEU D 249 -7.74 7.48 -27.41
C LEU D 249 -8.73 8.06 -28.43
N TYR D 250 -8.25 8.27 -29.64
CA TYR D 250 -9.08 8.83 -30.70
C TYR D 250 -10.19 7.86 -31.14
N THR D 251 -9.79 6.65 -31.50
CA THR D 251 -10.74 5.65 -31.98
C THR D 251 -11.56 4.93 -30.92
N ASP D 252 -10.93 4.50 -29.84
CA ASP D 252 -11.65 3.78 -28.79
C ASP D 252 -12.23 4.65 -27.70
N GLY D 253 -11.53 5.72 -27.32
CA GLY D 253 -12.07 6.61 -26.31
C GLY D 253 -11.53 6.59 -24.89
N ALA D 254 -12.43 6.91 -23.96
CA ALA D 254 -12.12 7.01 -22.54
C ALA D 254 -11.48 5.78 -21.91
N GLU D 255 -11.65 4.62 -22.53
CA GLU D 255 -11.07 3.39 -22.01
C GLU D 255 -9.57 3.55 -21.80
N TYR D 256 -8.94 4.44 -22.58
CA TYR D 256 -7.51 4.64 -22.46
C TYR D 256 -7.11 5.95 -21.79
N ALA D 257 -8.10 6.69 -21.28
CA ALA D 257 -7.84 7.97 -20.63
C ALA D 257 -7.32 7.81 -19.21
N GLU D 258 -6.07 7.38 -19.09
CA GLU D 258 -5.42 7.16 -17.80
C GLU D 258 -3.94 7.48 -17.94
N GLY D 259 -3.14 7.04 -16.95
CA GLY D 259 -1.71 7.27 -17.00
C GLY D 259 -0.99 6.05 -17.57
N TRP D 260 0.08 6.27 -18.32
CA TRP D 260 0.83 5.18 -18.95
C TRP D 260 2.35 5.31 -18.87
N ASN D 261 3.00 4.22 -18.47
CA ASN D 261 4.46 4.15 -18.37
C ASN D 261 5.06 3.62 -19.68
N PHE D 262 6.17 4.21 -20.12
CA PHE D 262 6.88 3.74 -21.30
C PHE D 262 8.37 3.71 -20.95
N GLY D 263 9.00 2.57 -21.17
CA GLY D 263 10.41 2.43 -20.87
C GLY D 263 10.97 1.18 -21.51
N PRO D 264 12.29 0.96 -21.41
CA PRO D 264 12.96 -0.20 -21.99
C PRO D 264 12.86 -1.43 -21.11
N ASN D 265 13.19 -2.58 -21.68
CA ASN D 265 13.16 -3.82 -20.94
C ASN D 265 14.33 -3.69 -19.96
N ASP D 266 14.10 -4.11 -18.71
CA ASP D 266 15.13 -3.99 -17.66
C ASP D 266 16.45 -4.66 -18.02
N ALA D 267 16.37 -5.85 -18.62
CA ALA D 267 17.57 -6.59 -18.99
C ALA D 267 18.47 -5.73 -19.88
N ASP D 268 17.93 -4.61 -20.34
CA ASP D 268 18.67 -3.70 -21.21
C ASP D 268 19.41 -2.62 -20.43
N ALA D 269 18.83 -2.17 -19.32
CA ALA D 269 19.44 -1.13 -18.50
C ALA D 269 20.89 -1.46 -18.15
N THR D 270 21.75 -0.45 -18.18
CA THR D 270 23.16 -0.61 -17.88
C THR D 270 23.71 0.65 -17.23
N PRO D 271 24.91 0.57 -16.64
CA PRO D 271 25.53 1.74 -15.99
C PRO D 271 26.10 2.68 -17.04
N VAL D 272 26.19 3.97 -16.71
CA VAL D 272 26.71 4.95 -17.65
C VAL D 272 28.08 4.51 -18.17
N LYS D 273 28.86 3.87 -17.31
CA LYS D 273 30.19 3.38 -17.68
C LYS D 273 30.08 2.55 -18.95
N ASN D 274 29.10 1.65 -18.96
CA ASN D 274 28.85 0.78 -20.10
C ASN D 274 28.50 1.59 -21.34
N ILE D 275 27.51 2.48 -21.21
CA ILE D 275 27.09 3.32 -22.34
C ILE D 275 28.28 3.99 -23.02
N VAL D 276 29.08 4.73 -22.23
CA VAL D 276 30.23 5.42 -22.77
C VAL D 276 31.19 4.47 -23.48
N GLU D 277 31.54 3.37 -22.82
CA GLU D 277 32.44 2.39 -23.41
C GLU D 277 31.93 1.88 -24.75
N GLN D 278 30.62 1.60 -24.82
CA GLN D 278 30.05 1.11 -26.06
C GLN D 278 30.13 2.19 -27.12
N MET D 279 29.81 3.42 -26.73
CA MET D 279 29.85 4.54 -27.65
C MET D 279 31.25 4.79 -28.18
N VAL D 280 32.24 4.72 -27.31
CA VAL D 280 33.63 4.92 -27.73
C VAL D 280 33.98 3.97 -28.87
N LYS D 281 33.55 2.72 -28.76
CA LYS D 281 33.82 1.73 -29.79
C LYS D 281 33.17 2.12 -31.11
N TYR D 282 31.88 2.42 -31.08
CA TYR D 282 31.14 2.81 -32.27
C TYR D 282 31.71 4.06 -32.93
N TRP D 283 32.19 4.99 -32.11
CA TRP D 283 32.75 6.23 -32.62
C TRP D 283 34.15 6.01 -33.19
N GLY D 284 35.00 5.35 -32.42
CA GLY D 284 36.36 5.09 -32.90
C GLY D 284 37.36 6.13 -32.43
N GLU D 285 38.15 6.64 -33.38
CA GLU D 285 39.19 7.63 -33.08
C GLU D 285 38.68 8.82 -32.27
N GLY D 286 39.59 9.43 -31.52
CA GLY D 286 39.26 10.59 -30.70
C GLY D 286 38.18 10.42 -29.65
N ALA D 287 37.86 9.18 -29.30
CA ALA D 287 36.84 8.92 -28.30
C ALA D 287 37.44 8.28 -27.04
N SER D 288 37.33 9.00 -25.91
CA SER D 288 37.84 8.50 -24.64
C SER D 288 37.03 9.09 -23.50
N TRP D 289 37.42 8.79 -22.27
CA TRP D 289 36.70 9.29 -21.10
C TRP D 289 37.53 9.27 -19.83
N GLN D 290 36.97 9.84 -18.77
CA GLN D 290 37.61 9.90 -17.48
C GLN D 290 36.55 9.96 -16.38
N LEU D 291 36.95 9.60 -15.17
CA LEU D 291 36.04 9.63 -14.03
C LEU D 291 36.39 10.84 -13.19
N HIS D 301 20.21 1.12 -6.07
CA HIS D 301 18.94 1.23 -6.76
C HIS D 301 18.96 2.36 -7.79
N TYR D 302 17.95 2.39 -8.66
CA TYR D 302 17.82 3.41 -9.69
C TYR D 302 16.36 3.50 -10.13
N LEU D 303 15.92 4.69 -10.50
CA LEU D 303 14.53 4.90 -10.90
C LEU D 303 14.17 4.21 -12.21
N LYS D 304 13.14 3.36 -12.17
CA LYS D 304 12.69 2.66 -13.36
C LYS D 304 11.18 2.48 -13.32
N LEU D 305 10.60 2.15 -14.46
CA LEU D 305 9.16 1.99 -14.54
C LEU D 305 8.74 0.59 -14.96
N ASP D 306 7.57 0.16 -14.49
CA ASP D 306 7.03 -1.12 -14.86
C ASP D 306 6.09 -0.76 -16.01
N CYS D 307 6.35 -1.30 -17.20
CA CYS D 307 5.54 -0.99 -18.37
C CYS D 307 4.63 -2.13 -18.81
N SER D 308 4.16 -2.91 -17.85
CA SER D 308 3.27 -4.04 -18.14
C SER D 308 1.95 -3.55 -18.71
N LYS D 309 1.48 -2.40 -18.24
CA LYS D 309 0.21 -1.85 -18.70
C LYS D 309 0.22 -1.50 -20.19
N ALA D 310 1.25 -0.79 -20.64
CA ALA D 310 1.36 -0.43 -22.05
C ALA D 310 1.43 -1.69 -22.92
N LYS D 311 2.18 -2.68 -22.44
CA LYS D 311 2.36 -3.92 -23.18
C LYS D 311 1.05 -4.71 -23.25
N MET D 312 0.42 -4.90 -22.09
CA MET D 312 -0.81 -5.68 -22.00
C MET D 312 -2.07 -5.00 -22.54
N GLN D 313 -2.15 -3.68 -22.44
CA GLN D 313 -3.35 -2.97 -22.87
C GLN D 313 -3.25 -2.18 -24.18
N LEU D 314 -2.03 -1.86 -24.61
CA LEU D 314 -1.82 -1.12 -25.86
C LEU D 314 -1.12 -2.00 -26.89
N GLY D 315 -0.54 -3.12 -26.43
CA GLY D 315 0.17 -3.99 -27.34
C GLY D 315 1.48 -3.33 -27.71
N TRP D 316 1.95 -2.45 -26.83
CA TRP D 316 3.19 -1.75 -27.05
C TRP D 316 4.40 -2.57 -26.64
N HIS D 317 5.52 -2.31 -27.31
CA HIS D 317 6.76 -3.01 -27.02
C HIS D 317 7.88 -2.21 -27.65
N PRO D 318 9.05 -2.13 -26.99
CA PRO D 318 10.17 -1.37 -27.55
C PRO D 318 10.61 -2.13 -28.80
N ARG D 319 11.55 -1.58 -29.54
CA ARG D 319 12.03 -2.23 -30.75
C ARG D 319 13.54 -2.32 -30.86
N TRP D 320 14.24 -1.36 -30.29
CA TRP D 320 15.70 -1.36 -30.36
C TRP D 320 16.35 -1.64 -29.01
N ASN D 321 17.39 -2.45 -29.03
CA ASN D 321 18.12 -2.78 -27.81
C ASN D 321 19.10 -1.61 -27.64
N LEU D 322 19.76 -1.54 -26.50
CA LEU D 322 20.70 -0.46 -26.21
C LEU D 322 21.82 -0.31 -27.24
N ASN D 323 22.36 -1.44 -27.70
CA ASN D 323 23.44 -1.41 -28.68
C ASN D 323 23.00 -0.78 -29.99
N THR D 324 21.86 -1.24 -30.50
CA THR D 324 21.32 -0.70 -31.73
C THR D 324 21.12 0.80 -31.54
N THR D 325 20.55 1.17 -30.40
CA THR D 325 20.29 2.57 -30.08
C THR D 325 21.55 3.44 -30.11
N LEU D 326 22.57 3.03 -29.36
CA LEU D 326 23.82 3.78 -29.30
C LEU D 326 24.44 3.90 -30.69
N GLU D 327 24.30 2.85 -31.50
CA GLU D 327 24.86 2.87 -32.85
C GLU D 327 24.18 3.95 -33.70
N TYR D 328 22.85 4.00 -33.66
CA TYR D 328 22.13 5.02 -34.41
C TYR D 328 22.53 6.42 -33.96
N ILE D 329 22.79 6.55 -32.66
CA ILE D 329 23.17 7.84 -32.09
C ILE D 329 24.46 8.34 -32.72
N VAL D 330 25.48 7.49 -32.73
CA VAL D 330 26.76 7.85 -33.30
C VAL D 330 26.60 8.15 -34.78
N GLY D 331 25.81 7.34 -35.47
CA GLY D 331 25.59 7.57 -36.90
C GLY D 331 24.99 8.93 -37.16
N TRP D 332 23.95 9.27 -36.41
CA TRP D 332 23.27 10.55 -36.58
C TRP D 332 24.23 11.70 -36.33
N HIS D 333 24.91 11.67 -35.19
CA HIS D 333 25.83 12.75 -34.84
C HIS D 333 26.97 12.91 -35.82
N LYS D 334 27.50 11.80 -36.32
CA LYS D 334 28.59 11.86 -37.28
C LYS D 334 28.08 12.45 -38.59
N ASN D 335 26.84 12.12 -38.94
CA ASN D 335 26.27 12.67 -40.16
C ASN D 335 26.11 14.17 -40.04
N TRP D 336 25.58 14.62 -38.90
CA TRP D 336 25.40 16.04 -38.67
C TRP D 336 26.74 16.76 -38.82
N LEU D 337 27.77 16.22 -38.17
CA LEU D 337 29.10 16.82 -38.25
C LEU D 337 29.61 16.86 -39.68
N SER D 338 29.35 15.79 -40.44
CA SER D 338 29.80 15.70 -41.82
C SER D 338 29.04 16.59 -42.79
N GLY D 339 27.97 17.22 -42.33
CA GLY D 339 27.21 18.10 -43.21
C GLY D 339 26.02 17.49 -43.92
N THR D 340 25.70 16.24 -43.60
CA THR D 340 24.56 15.53 -44.19
C THR D 340 23.27 16.31 -43.95
N ASP D 341 22.30 16.17 -44.87
CA ASP D 341 21.02 16.84 -44.73
C ASP D 341 20.32 16.08 -43.59
N MET D 342 20.25 16.71 -42.42
CA MET D 342 19.65 16.03 -41.26
C MET D 342 18.13 15.97 -41.26
N HIS D 343 17.49 16.72 -42.15
CA HIS D 343 16.04 16.63 -42.23
C HIS D 343 15.72 15.27 -42.85
N GLU D 344 16.32 14.99 -44.00
CA GLU D 344 16.11 13.72 -44.67
C GLU D 344 16.67 12.56 -43.86
N TYR D 345 17.83 12.76 -43.25
CA TYR D 345 18.44 11.70 -42.45
C TYR D 345 17.51 11.30 -41.30
N SER D 346 16.93 12.30 -40.64
CA SER D 346 16.03 12.03 -39.52
C SER D 346 14.76 11.32 -39.98
N ILE D 347 14.28 11.68 -41.17
CA ILE D 347 13.08 11.05 -41.71
C ILE D 347 13.37 9.56 -41.94
N THR D 348 14.54 9.29 -42.49
CA THR D 348 14.94 7.91 -42.75
C THR D 348 15.09 7.14 -41.45
N GLU D 349 15.55 7.81 -40.41
CA GLU D 349 15.71 7.15 -39.12
C GLU D 349 14.34 6.72 -38.61
N ILE D 350 13.36 7.60 -38.78
CA ILE D 350 11.99 7.28 -38.36
C ILE D 350 11.49 6.09 -39.18
N ASN D 351 11.80 6.07 -40.47
CA ASN D 351 11.38 4.97 -41.32
C ASN D 351 12.04 3.66 -40.90
N ASN D 352 13.33 3.73 -40.57
CA ASN D 352 14.06 2.56 -40.12
C ASN D 352 13.41 2.00 -38.87
N TYR D 353 12.99 2.89 -37.97
CA TYR D 353 12.34 2.47 -36.74
C TYR D 353 11.02 1.79 -37.08
N MET D 354 10.25 2.48 -37.91
CA MET D 354 8.94 2.04 -38.34
C MET D 354 9.02 0.68 -39.04
N ASN D 355 10.05 0.48 -39.85
CA ASN D 355 10.20 -0.77 -40.58
C ASN D 355 10.91 -1.87 -39.78
N THR D 356 11.12 -1.64 -38.50
CA THR D 356 11.77 -2.65 -37.66
C THR D 356 10.70 -3.49 -36.99
N LYS D 357 10.79 -4.81 -37.16
CA LYS D 357 9.82 -5.72 -36.53
C LYS D 357 10.51 -6.81 -35.74
PA NAD E . 6.82 -33.06 -7.36
O1A NAD E . 5.49 -33.59 -7.06
O2A NAD E . 7.52 -33.60 -8.54
O5B NAD E . 7.80 -33.24 -6.08
C5B NAD E . 7.24 -33.15 -4.76
C4B NAD E . 8.12 -33.90 -3.76
O4B NAD E . 7.40 -33.73 -2.53
C3B NAD E . 8.17 -35.41 -4.03
O3B NAD E . 9.54 -35.80 -4.02
C2B NAD E . 7.32 -35.97 -2.90
O2B NAD E . 7.66 -37.31 -2.49
C1B NAD E . 7.49 -34.93 -1.82
N9A NAD E . 6.44 -34.97 -0.84
C8A NAD E . 5.12 -34.62 -0.99
N7A NAD E . 4.40 -34.80 0.12
C5A NAD E . 5.30 -35.30 1.03
C6A NAD E . 5.15 -35.68 2.38
N6A NAD E . 4.03 -35.64 3.07
N1A NAD E . 6.25 -36.14 3.04
C2A NAD E . 7.44 -36.19 2.33
N3A NAD E . 7.70 -35.87 1.08
C4A NAD E . 6.57 -35.42 0.47
O3 NAD E . 6.70 -31.52 -7.48
PN NAD E . 7.81 -30.39 -7.88
O1N NAD E . 7.32 -29.84 -9.15
O2N NAD E . 9.14 -31.06 -8.00
O5D NAD E . 7.64 -29.33 -6.73
C5D NAD E . 8.79 -29.09 -5.90
C4D NAD E . 8.47 -27.98 -4.92
O4D NAD E . 8.31 -26.78 -5.73
C3D NAD E . 7.17 -28.08 -4.12
O3D NAD E . 7.36 -27.43 -2.85
C2D NAD E . 6.20 -27.29 -4.99
O2D NAD E . 5.09 -26.83 -4.21
C1D NAD E . 7.08 -26.18 -5.47
N1N NAD E . 6.53 -25.54 -6.66
C2N NAD E . 6.67 -26.10 -7.94
C3N NAD E . 6.18 -25.39 -9.16
C7N NAD E . 6.43 -26.02 -10.45
O7N NAD E . 6.04 -25.42 -11.47
N7N NAD E . 7.06 -27.21 -10.58
C4N NAD E . 5.40 -24.10 -8.98
C5N NAD E . 5.31 -23.66 -7.55
C6N NAD E . 5.83 -24.31 -6.52
PA NAD F . -12.71 31.88 3.66
O1A NAD F . -13.20 32.00 2.26
O2A NAD F . -13.59 32.40 4.72
O5B NAD F . -11.27 32.59 3.81
C5B NAD F . -10.38 32.57 2.67
C4B NAD F . -9.32 33.65 2.78
O4B NAD F . -8.55 33.46 1.57
C3B NAD F . -9.91 35.07 2.71
O3B NAD F . -9.36 35.82 3.80
C2B NAD F . -9.47 35.54 1.33
O2B NAD F . -9.31 36.97 1.23
C1B NAD F . -8.22 34.75 1.10
N9A NAD F . -7.88 34.64 -0.32
C8A NAD F . -8.50 33.89 -1.27
N7A NAD F . -7.96 34.01 -2.48
C5A NAD F . -6.93 34.91 -2.28
C6A NAD F . -5.99 35.46 -3.19
N6A NAD F . -5.91 35.20 -4.47
N1A NAD F . -5.08 36.35 -2.68
C2A NAD F . -5.15 36.64 -1.33
N3A NAD F . -5.98 36.20 -0.41
C4A NAD F . -6.86 35.31 -0.96
O3 NAD F . -12.40 30.39 3.92
PN NAD F . -11.90 29.60 5.25
O1N NAD F . -13.04 28.74 5.58
O2N NAD F . -11.59 30.59 6.31
O5D NAD F . -10.69 28.72 4.72
C5D NAD F . -9.39 28.97 5.31
C4D NAD F . -8.37 28.01 4.74
O4D NAD F . -8.76 26.69 5.26
C3D NAD F . -8.31 27.82 3.22
O3D NAD F . -6.95 27.49 2.86
C2D NAD F . -9.24 26.63 3.00
O2D NAD F . -8.95 25.97 1.77
C1D NAD F . -8.92 25.78 4.20
N1N NAD F . -9.98 24.82 4.49
C2N NAD F . -11.17 25.18 5.15
C3N NAD F . -12.21 24.17 5.48
C7N NAD F . -13.41 24.64 6.20
O7N NAD F . -14.26 23.79 6.49
N7N NAD F . -13.59 25.93 6.55
C4N NAD F . -12.02 22.74 5.02
C5N NAD F . -10.72 22.53 4.31
C6N NAD F . -9.81 23.46 4.09
PA NAD G . -7.82 -18.97 27.76
O1A NAD G . -6.51 -19.62 27.92
O2A NAD G . -8.54 -18.59 29.02
O5B NAD G . -8.82 -19.89 26.90
C5B NAD G . -8.27 -20.74 25.88
C4B NAD G . -9.20 -21.92 25.58
O4B NAD G . -8.47 -22.65 24.57
C3B NAD G . -9.35 -22.88 26.76
O3B NAD G . -10.76 -23.13 26.92
C2B NAD G . -8.54 -24.08 26.32
O2B NAD G . -8.98 -25.33 26.94
C1B NAD G . -8.69 -24.02 24.83
N9A NAD G . -7.67 -24.79 24.13
C8A NAD G . -6.34 -24.51 24.01
N7A NAD G . -5.66 -25.43 23.32
C5A NAD G . -6.62 -26.36 22.97
C6A NAD G . -6.55 -27.57 22.25
N6A NAD G . -5.45 -28.09 21.72
N1A NAD G . -7.70 -28.28 22.08
C2A NAD G . -8.85 -27.77 22.62
N3A NAD G . -9.04 -26.67 23.32
C4A NAD G . -7.88 -25.99 23.47
O3 NAD G . -7.66 -17.73 26.83
PN NAD G . -8.73 -16.60 26.34
O1N NAD G . -8.22 -15.35 26.89
O2N NAD G . -10.07 -16.98 26.85
O5D NAD G . -8.54 -16.62 24.76
C5D NAD G . -9.68 -16.99 23.98
C4D NAD G . -9.35 -16.87 22.50
O4D NAD G . -9.14 -15.44 22.28
C3D NAD G . -8.08 -17.53 21.97
O3D NAD G . -8.29 -17.88 20.59
C2D NAD G . -7.06 -16.41 22.11
O2D NAD G . -5.94 -16.65 21.24
C1D NAD G . -7.89 -15.22 21.69
N1N NAD G . -7.31 -13.96 22.14
C2N NAD G . -7.39 -13.52 23.47
C3N NAD G . -6.87 -12.18 23.88
C7N NAD G . -7.04 -11.77 25.28
O7N NAD G . -6.62 -10.65 25.60
N7N NAD G . -7.63 -12.55 26.22
C4N NAD G . -6.10 -11.37 22.86
C5N NAD G . -6.08 -11.99 21.50
C6N NAD G . -6.63 -13.14 21.18
PA NAD H . 13.63 20.16 -24.43
O1A NAD H . 14.15 21.20 -23.53
O2A NAD H . 14.45 19.80 -25.59
O5B NAD H . 12.16 20.57 -24.97
C5B NAD H . 11.29 21.36 -24.13
C4B NAD H . 10.30 22.17 -24.95
O4B NAD H . 9.55 22.89 -23.96
C3B NAD H . 11.00 23.21 -25.83
O3B NAD H . 10.46 23.07 -27.17
C2B NAD H . 10.65 24.50 -25.13
O2B NAD H . 10.62 25.65 -26.01
C1B NAD H . 9.33 24.18 -24.47
N9A NAD H . 9.02 25.07 -23.37
C8A NAD H . 9.63 25.15 -22.15
N7A NAD H . 9.11 26.10 -21.37
C5A NAD H . 8.11 26.66 -22.13
C6A NAD H . 7.22 27.71 -21.86
N6A NAD H . 7.15 28.41 -20.76
N1A NAD H . 6.33 28.05 -22.86
C2A NAD H . 6.38 27.33 -24.05
N3A NAD H . 7.17 26.34 -24.40
C4A NAD H . 8.04 26.04 -23.38
O3 NAD H . 13.29 18.91 -23.57
PN NAD H . 12.72 17.44 -24.00
O1N NAD H . 13.78 16.49 -23.60
O2N NAD H . 12.45 17.42 -25.45
O5D NAD H . 11.47 17.26 -23.05
C5D NAD H . 10.18 17.11 -23.69
C4D NAD H . 9.13 16.85 -22.63
O4D NAD H . 9.46 15.51 -22.13
C3D NAD H . 9.12 17.73 -21.37
O3D NAD H . 7.77 17.78 -20.86
C2D NAD H . 10.02 16.95 -20.42
O2D NAD H . 9.77 17.32 -19.05
C1D NAD H . 9.62 15.54 -20.73
N1N NAD H . 10.64 14.59 -20.29
C2N NAD H . 11.84 14.37 -20.99
C3N NAD H . 12.82 13.34 -20.52
C7N NAD H . 14.04 13.15 -21.31
O7N NAD H . 14.84 12.28 -20.91
N7N NAD H . 14.32 13.87 -22.41
C4N NAD H . 12.55 12.62 -19.21
C5N NAD H . 11.24 12.98 -18.61
C6N NAD H . 10.39 13.86 -19.08
#